data_5Y37
#
_entry.id   5Y37
#
_cell.length_a   144.300
_cell.length_b   156.740
_cell.length_c   67.820
_cell.angle_alpha   90.00
_cell.angle_beta   90.00
_cell.angle_gamma   90.00
#
_symmetry.space_group_name_H-M   'P 21 21 2'
#
loop_
_entity.id
_entity.type
_entity.pdbx_description
1 polymer 'Glyceraldehyde-3-phosphate dehydrogenase'
2 non-polymer NICOTINAMIDE-ADENINE-DINUCLEOTIDE
3 non-polymer 'SULFATE ION'
4 water water
#
_entity_poly.entity_id   1
_entity_poly.type   'polypeptide(L)'
_entity_poly.pdbx_seq_one_letter_code
;GSVDMVVKVGINGFGRIGRLAFRRIQNVEGVEVTRINDLTDPNMLAHLLKYDTTQGRFDGTVEVKEGGFEVNGQFVKVSA
EREPANIDWATDGVEIVLEATGFFASKEKAEQHIHENGAKKVVITAPGGNDVKTVVFNTNHDILDGTETVISGASCTTNC
LAPMAKALQDNFGVKQGLMTTIHAYTGDQMILDGPHRGGDLRRARAGAANIVPNSTGAAKAIGLVIPELNGKLDGAAQRV
PVPTGSVTELVATLEKDVTVEEVNAAMKAAANDSYGYTEDPIVSSDIVGISYGSLFDATQTKVQTVDGNQLVKVVSWYDN
EMSYTSQLVRTLEYFAKIAKAAAS
;
_entity_poly.pdbx_strand_id   A,B,C,D
#
loop_
_chem_comp.id
_chem_comp.type
_chem_comp.name
_chem_comp.formula
NAD non-polymer NICOTINAMIDE-ADENINE-DINUCLEOTIDE 'C21 H27 N7 O14 P2'
SO4 non-polymer 'SULFATE ION' 'O4 S -2'
#
# COMPACT_ATOMS: atom_id res chain seq x y z
N MET A 5 21.20 39.56 14.90
CA MET A 5 19.84 39.86 14.46
C MET A 5 19.21 38.70 13.68
N VAL A 6 17.89 38.66 13.66
CA VAL A 6 17.15 37.56 13.04
C VAL A 6 16.95 37.88 11.56
N VAL A 7 17.30 36.93 10.70
CA VAL A 7 17.19 37.11 9.26
C VAL A 7 15.83 36.61 8.81
N LYS A 8 15.12 37.42 8.02
CA LYS A 8 13.78 37.09 7.57
C LYS A 8 13.85 36.26 6.30
N VAL A 9 13.10 35.15 6.29
CA VAL A 9 13.12 34.16 5.23
C VAL A 9 11.74 34.05 4.61
N GLY A 10 11.70 33.77 3.31
CA GLY A 10 10.47 33.48 2.62
C GLY A 10 10.54 32.07 2.07
N ILE A 11 9.38 31.42 1.95
CA ILE A 11 9.31 30.09 1.36
C ILE A 11 8.45 30.17 0.11
N ASN A 12 9.02 29.75 -1.03
CA ASN A 12 8.26 29.62 -2.26
C ASN A 12 7.99 28.14 -2.46
N GLY A 13 6.73 27.75 -2.37
CA GLY A 13 6.38 26.34 -2.44
C GLY A 13 6.28 25.74 -1.05
N PHE A 14 5.08 25.80 -0.48
CA PHE A 14 4.82 25.30 0.87
C PHE A 14 4.42 23.82 0.79
N GLY A 15 5.31 23.04 0.18
CA GLY A 15 5.11 21.63 -0.08
C GLY A 15 5.68 20.77 1.02
N ARG A 16 6.06 19.53 0.67
CA ARG A 16 6.69 18.69 1.68
C ARG A 16 7.93 19.35 2.27
N ILE A 17 8.87 19.76 1.40
CA ILE A 17 10.09 20.37 1.91
C ILE A 17 9.80 21.75 2.50
N GLY A 18 8.96 22.55 1.85
CA GLY A 18 8.66 23.87 2.38
C GLY A 18 8.03 23.83 3.76
N ARG A 19 7.04 22.93 3.96
CA ARG A 19 6.38 22.87 5.27
C ARG A 19 7.29 22.31 6.35
N LEU A 20 8.06 21.28 6.02
CA LEU A 20 8.95 20.74 7.03
C LEU A 20 10.07 21.72 7.37
N ALA A 21 10.56 22.47 6.38
CA ALA A 21 11.53 23.53 6.67
C ALA A 21 10.92 24.57 7.59
N PHE A 22 9.67 24.97 7.32
CA PHE A 22 8.98 25.87 8.23
C PHE A 22 8.91 25.30 9.64
N ARG A 23 8.58 24.00 9.76
CA ARG A 23 8.50 23.40 11.08
C ARG A 23 9.85 23.47 11.79
N ARG A 24 10.95 23.16 11.09
CA ARG A 24 12.26 23.18 11.74
C ARG A 24 12.69 24.59 12.09
N ILE A 25 12.33 25.56 11.25
CA ILE A 25 12.70 26.95 11.51
C ILE A 25 12.09 27.48 12.80
N GLN A 26 10.96 26.90 13.23
CA GLN A 26 10.36 27.27 14.51
C GLN A 26 11.36 27.13 15.66
N ASN A 27 12.38 26.29 15.49
CA ASN A 27 13.34 25.98 16.54
C ASN A 27 14.72 26.57 16.27
N VAL A 28 14.84 27.48 15.30
CA VAL A 28 16.11 28.11 14.95
C VAL A 28 16.01 29.58 15.29
N GLU A 29 16.89 30.06 16.17
CA GLU A 29 16.78 31.45 16.62
C GLU A 29 17.18 32.45 15.54
N GLY A 30 18.12 32.09 14.66
CA GLY A 30 18.72 33.05 13.74
C GLY A 30 17.88 33.42 12.52
N VAL A 31 16.80 32.69 12.23
CA VAL A 31 15.95 32.95 11.07
C VAL A 31 14.49 32.83 11.48
N GLU A 32 13.63 33.55 10.75
CA GLU A 32 12.18 33.42 10.89
C GLU A 32 11.53 33.59 9.53
N VAL A 33 10.42 32.90 9.32
CA VAL A 33 9.70 32.97 8.04
C VAL A 33 8.65 34.06 8.15
N THR A 34 8.72 35.04 7.24
CA THR A 34 7.74 36.12 7.24
C THR A 34 6.86 36.13 6.00
N ARG A 35 7.07 35.21 5.06
CA ARG A 35 6.21 35.18 3.88
C ARG A 35 6.28 33.78 3.29
N ILE A 36 5.11 33.25 2.92
CA ILE A 36 4.98 32.00 2.19
C ILE A 36 4.24 32.29 0.90
N ASN A 37 4.71 31.75 -0.21
CA ASN A 37 4.00 31.85 -1.47
C ASN A 37 3.73 30.45 -2.01
N ASP A 38 2.52 30.25 -2.52
CA ASP A 38 2.13 28.97 -3.11
C ASP A 38 1.05 29.24 -4.15
N LEU A 39 0.18 28.27 -4.44
CA LEU A 39 -0.86 28.43 -5.46
C LEU A 39 -2.25 28.18 -4.89
N THR A 40 -2.43 28.31 -3.58
CA THR A 40 -3.68 27.90 -2.95
C THR A 40 -4.04 28.99 -1.95
N ASP A 41 -4.86 28.66 -0.96
CA ASP A 41 -5.29 29.65 0.01
C ASP A 41 -4.74 29.36 1.41
N PRO A 42 -4.80 30.33 2.33
CA PRO A 42 -4.28 30.10 3.68
C PRO A 42 -4.95 28.95 4.40
N ASN A 43 -6.24 28.71 4.17
CA ASN A 43 -6.91 27.62 4.85
C ASN A 43 -6.28 26.28 4.49
N MET A 44 -6.00 26.08 3.20
CA MET A 44 -5.38 24.83 2.76
C MET A 44 -3.99 24.68 3.35
N LEU A 45 -3.19 25.76 3.31
CA LEU A 45 -1.81 25.68 3.79
C LEU A 45 -1.77 25.51 5.29
N ALA A 46 -2.65 26.19 6.03
CA ALA A 46 -2.69 26.01 7.48
C ALA A 46 -3.08 24.57 7.83
N HIS A 47 -4.04 24.01 7.10
CA HIS A 47 -4.45 22.63 7.38
C HIS A 47 -3.31 21.65 7.13
N LEU A 48 -2.56 21.87 6.06
CA LEU A 48 -1.47 20.96 5.73
C LEU A 48 -0.29 21.13 6.67
N LEU A 49 -0.11 22.32 7.25
CA LEU A 49 0.91 22.49 8.29
C LEU A 49 0.49 21.77 9.58
N LYS A 50 -0.80 21.84 9.91
CA LYS A 50 -1.29 21.24 11.14
C LYS A 50 -1.19 19.72 11.12
N TYR A 51 -1.60 19.11 10.01
CA TYR A 51 -1.79 17.67 9.93
C TYR A 51 -0.89 17.10 8.85
N ASP A 52 -0.09 16.12 9.20
CA ASP A 52 0.94 15.63 8.30
C ASP A 52 0.95 14.11 8.37
N THR A 53 0.67 13.46 7.23
CA THR A 53 0.49 12.00 7.22
C THR A 53 1.70 11.28 7.77
N THR A 54 2.90 11.68 7.34
CA THR A 54 4.12 10.96 7.72
C THR A 54 4.90 11.62 8.83
N GLN A 55 4.76 12.93 9.05
CA GLN A 55 5.59 13.63 10.03
C GLN A 55 4.84 14.05 11.28
N GLY A 56 3.54 13.74 11.37
CA GLY A 56 2.78 13.93 12.59
C GLY A 56 2.19 15.32 12.73
N ARG A 57 1.38 15.46 13.77
CA ARG A 57 0.71 16.72 14.04
C ARG A 57 1.71 17.80 14.42
N PHE A 58 1.37 19.03 14.06
CA PHE A 58 2.25 20.18 14.30
C PHE A 58 2.44 20.42 15.80
N ASP A 59 3.66 20.82 16.13
CA ASP A 59 4.06 21.10 17.51
C ASP A 59 3.79 22.57 17.81
N GLY A 60 2.55 22.86 18.16
CA GLY A 60 2.18 24.23 18.48
C GLY A 60 0.81 24.57 17.93
N THR A 61 0.53 25.87 17.83
CA THR A 61 -0.78 26.37 17.48
C THR A 61 -0.78 26.95 16.06
N VAL A 62 -1.86 26.75 15.33
CA VAL A 62 -2.03 27.31 13.99
C VAL A 62 -3.45 27.81 13.86
N GLU A 63 -3.63 29.06 13.42
CA GLU A 63 -4.95 29.64 13.23
C GLU A 63 -4.98 30.45 11.94
N VAL A 64 -5.95 30.18 11.07
CA VAL A 64 -6.10 30.94 9.84
C VAL A 64 -6.51 32.37 10.15
N LYS A 65 -5.96 33.32 9.40
CA LYS A 65 -6.26 34.74 9.50
C LYS A 65 -6.51 35.27 8.09
N GLU A 66 -6.89 36.54 8.00
CA GLU A 66 -7.00 37.15 6.69
C GLU A 66 -5.62 37.28 6.08
N GLY A 67 -5.45 36.76 4.85
CA GLY A 67 -4.21 36.92 4.14
C GLY A 67 -3.03 36.13 4.65
N GLY A 68 -3.27 35.14 5.51
CA GLY A 68 -2.18 34.35 6.05
C GLY A 68 -2.65 33.50 7.20
N PHE A 69 -1.71 33.14 8.07
CA PHE A 69 -2.10 32.38 9.25
C PHE A 69 -1.16 32.73 10.40
N GLU A 70 -1.59 32.40 11.61
CA GLU A 70 -0.86 32.69 12.83
C GLU A 70 -0.32 31.37 13.37
N VAL A 71 1.00 31.28 13.51
CA VAL A 71 1.66 30.07 14.02
C VAL A 71 2.36 30.45 15.31
N ASN A 72 2.03 29.77 16.41
CA ASN A 72 2.65 30.03 17.70
C ASN A 72 2.70 31.52 17.99
N GLY A 73 1.55 32.17 17.76
CA GLY A 73 1.34 33.56 18.07
C GLY A 73 1.80 34.57 17.03
N GLN A 74 2.40 34.13 15.92
CA GLN A 74 3.02 35.04 14.97
C GLN A 74 2.36 34.89 13.60
N PHE A 75 1.88 36.01 13.05
CA PHE A 75 1.29 36.02 11.72
C PHE A 75 2.36 35.85 10.64
N VAL A 76 2.05 35.03 9.65
CA VAL A 76 2.87 34.92 8.45
C VAL A 76 1.97 35.13 7.23
N LYS A 77 2.38 36.04 6.35
CA LYS A 77 1.63 36.32 5.15
C LYS A 77 1.72 35.15 4.18
N VAL A 78 0.59 34.82 3.54
CA VAL A 78 0.50 33.78 2.52
C VAL A 78 0.02 34.45 1.24
N SER A 79 0.76 34.27 0.15
CA SER A 79 0.38 34.80 -1.16
C SER A 79 0.22 33.65 -2.15
N ALA A 80 -0.39 33.97 -3.29
CA ALA A 80 -0.65 33.00 -4.36
C ALA A 80 -0.25 33.60 -5.70
N GLU A 81 1.04 33.61 -5.99
CA GLU A 81 1.57 34.17 -7.23
C GLU A 81 2.41 33.12 -7.94
N ARG A 82 2.04 32.78 -9.17
CA ARG A 82 2.74 31.69 -9.83
C ARG A 82 4.07 32.08 -10.45
N GLU A 83 4.34 33.37 -10.65
CA GLU A 83 5.61 33.79 -11.25
C GLU A 83 6.52 34.41 -10.19
N PRO A 84 7.73 33.86 -9.96
CA PRO A 84 8.63 34.43 -8.93
C PRO A 84 8.88 35.92 -9.06
N ALA A 85 9.02 36.42 -10.29
CA ALA A 85 9.31 37.84 -10.50
C ALA A 85 8.20 38.73 -9.91
N ASN A 86 7.00 38.19 -9.74
CA ASN A 86 5.87 38.96 -9.23
C ASN A 86 5.67 38.78 -7.72
N ILE A 87 6.56 38.10 -7.02
CA ILE A 87 6.44 37.98 -5.56
C ILE A 87 7.16 39.14 -4.91
N ASP A 88 6.43 40.00 -4.20
CA ASP A 88 7.01 41.18 -3.56
C ASP A 88 7.59 40.82 -2.18
N TRP A 89 8.64 40.00 -2.20
CA TRP A 89 9.27 39.57 -0.95
C TRP A 89 9.68 40.73 -0.05
N ALA A 90 10.15 41.84 -0.65
CA ALA A 90 10.68 42.95 0.15
C ALA A 90 9.61 43.58 1.03
N THR A 91 8.34 43.46 0.65
CA THR A 91 7.26 44.03 1.46
C THR A 91 7.26 43.45 2.86
N ASP A 92 7.68 42.19 3.01
CA ASP A 92 7.73 41.53 4.30
C ASP A 92 9.14 41.41 4.84
N GLY A 93 10.08 42.18 4.28
CA GLY A 93 11.45 42.21 4.76
C GLY A 93 12.26 40.98 4.45
N VAL A 94 11.79 40.14 3.52
CA VAL A 94 12.45 38.85 3.28
C VAL A 94 13.80 39.07 2.63
N GLU A 95 14.84 38.48 3.21
CA GLU A 95 16.17 38.57 2.64
C GLU A 95 16.58 37.31 1.88
N ILE A 96 16.19 36.13 2.37
CA ILE A 96 16.57 34.87 1.75
C ILE A 96 15.31 34.07 1.47
N VAL A 97 15.19 33.54 0.26
CA VAL A 97 14.07 32.72 -0.15
C VAL A 97 14.51 31.27 -0.24
N LEU A 98 13.71 30.37 0.35
CA LEU A 98 13.82 28.94 0.06
C LEU A 98 12.97 28.64 -1.17
N GLU A 99 13.60 28.24 -2.26
CA GLU A 99 12.89 27.97 -3.51
C GLU A 99 12.59 26.49 -3.53
N ALA A 100 11.36 26.15 -3.16
CA ALA A 100 10.96 24.77 -2.86
C ALA A 100 9.77 24.32 -3.72
N THR A 101 9.57 24.94 -4.89
CA THR A 101 8.42 24.55 -5.71
C THR A 101 8.71 23.37 -6.60
N GLY A 102 9.98 23.09 -6.92
CA GLY A 102 10.31 22.15 -7.97
C GLY A 102 10.32 22.72 -9.38
N PHE A 103 9.87 23.96 -9.58
CA PHE A 103 9.75 24.53 -10.91
C PHE A 103 10.81 25.55 -11.27
N PHE A 104 11.63 25.99 -10.33
CA PHE A 104 12.57 27.09 -10.56
C PHE A 104 13.98 26.73 -10.10
N ALA A 105 14.38 25.48 -10.30
CA ALA A 105 15.64 24.98 -9.74
C ALA A 105 16.81 25.16 -10.72
N SER A 106 17.05 26.41 -11.09
CA SER A 106 18.23 26.78 -11.85
C SER A 106 18.62 28.18 -11.41
N LYS A 107 19.87 28.56 -11.72
CA LYS A 107 20.30 29.90 -11.35
C LYS A 107 19.44 30.96 -12.02
N GLU A 108 19.19 30.80 -13.31
CA GLU A 108 18.42 31.82 -14.04
C GLU A 108 16.99 31.91 -13.51
N LYS A 109 16.35 30.77 -13.22
CA LYS A 109 14.98 30.84 -12.74
C LYS A 109 14.91 31.31 -11.29
N ALA A 110 15.85 30.87 -10.45
CA ALA A 110 15.82 31.26 -9.04
C ALA A 110 16.16 32.73 -8.86
N GLU A 111 17.03 33.28 -9.69
CA GLU A 111 17.38 34.68 -9.50
C GLU A 111 16.24 35.63 -9.83
N GLN A 112 15.14 35.13 -10.41
CA GLN A 112 13.97 35.99 -10.60
C GLN A 112 13.39 36.47 -9.27
N HIS A 113 13.72 35.81 -8.15
CA HIS A 113 13.29 36.28 -6.84
C HIS A 113 14.06 37.50 -6.39
N ILE A 114 15.20 37.79 -7.00
CA ILE A 114 16.12 38.81 -6.53
C ILE A 114 15.91 40.06 -7.38
N HIS A 115 15.34 41.09 -6.76
CA HIS A 115 15.07 42.36 -7.44
C HIS A 115 14.76 43.39 -6.37
N GLU A 116 14.47 44.62 -6.83
CA GLU A 116 14.33 45.75 -5.92
C GLU A 116 13.20 45.53 -4.91
N ASN A 117 12.12 44.89 -5.34
CA ASN A 117 11.02 44.57 -4.44
C ASN A 117 11.00 43.11 -4.04
N GLY A 118 12.10 42.40 -4.26
CA GLY A 118 12.19 41.00 -3.95
C GLY A 118 13.20 40.69 -2.87
N ALA A 119 13.82 39.52 -2.96
CA ALA A 119 14.76 39.07 -1.94
C ALA A 119 16.18 39.44 -2.36
N LYS A 120 17.14 39.11 -1.50
CA LYS A 120 18.55 39.29 -1.81
C LYS A 120 19.26 38.00 -2.19
N LYS A 121 18.83 36.86 -1.65
CA LYS A 121 19.49 35.58 -1.88
C LYS A 121 18.44 34.49 -1.95
N VAL A 122 18.80 33.37 -2.59
CA VAL A 122 17.90 32.22 -2.76
C VAL A 122 18.68 30.94 -2.46
N VAL A 123 18.05 30.04 -1.73
CA VAL A 123 18.52 28.66 -1.53
C VAL A 123 17.54 27.76 -2.26
N ILE A 124 17.99 27.10 -3.33
CA ILE A 124 17.18 26.12 -4.05
C ILE A 124 17.17 24.82 -3.26
N THR A 125 15.96 24.28 -3.00
CA THR A 125 15.85 23.04 -2.22
C THR A 125 16.01 21.78 -3.06
N ALA A 126 17.00 21.77 -3.95
CA ALA A 126 17.14 20.74 -4.96
C ALA A 126 18.44 21.01 -5.69
N PRO A 127 18.95 20.07 -6.48
CA PRO A 127 20.03 20.38 -7.41
C PRO A 127 19.66 21.60 -8.24
N GLY A 128 20.62 22.48 -8.46
CA GLY A 128 20.32 23.73 -9.13
C GLY A 128 21.22 24.00 -10.33
N GLY A 129 21.93 22.98 -10.80
CA GLY A 129 22.82 23.14 -11.94
C GLY A 129 24.28 23.27 -11.53
N ASN A 130 25.15 23.31 -12.54
CA ASN A 130 26.58 23.30 -12.28
C ASN A 130 27.15 24.68 -11.95
N ASP A 131 26.37 25.75 -12.11
CA ASP A 131 26.86 27.11 -11.89
C ASP A 131 26.37 27.70 -10.56
N VAL A 132 25.94 26.86 -9.62
CA VAL A 132 25.57 27.31 -8.29
C VAL A 132 26.31 26.46 -7.27
N LYS A 133 26.83 27.11 -6.23
CA LYS A 133 27.46 26.38 -5.14
C LYS A 133 26.44 25.45 -4.51
N THR A 134 26.84 24.20 -4.29
CA THR A 134 25.93 23.14 -3.89
C THR A 134 26.46 22.56 -2.60
N VAL A 135 25.66 22.61 -1.54
CA VAL A 135 26.15 22.41 -0.18
C VAL A 135 25.42 21.27 0.50
N VAL A 136 26.19 20.32 1.01
CA VAL A 136 25.76 19.32 1.98
C VAL A 136 26.32 19.77 3.33
N PHE A 137 25.46 20.17 4.25
CA PHE A 137 25.97 20.67 5.53
C PHE A 137 26.82 19.62 6.21
N ASN A 138 27.93 20.06 6.80
CA ASN A 138 28.92 19.25 7.48
C ASN A 138 29.77 18.40 6.55
N THR A 139 29.57 18.50 5.23
CA THR A 139 30.51 17.96 4.27
C THR A 139 31.25 19.06 3.52
N ASN A 140 30.57 20.14 3.11
CA ASN A 140 31.25 21.20 2.37
C ASN A 140 30.64 22.58 2.56
N HIS A 141 29.97 22.83 3.69
CA HIS A 141 29.40 24.17 3.88
C HIS A 141 30.47 25.25 4.00
N ASP A 142 31.73 24.88 4.24
CA ASP A 142 32.82 25.85 4.29
C ASP A 142 33.09 26.52 2.95
N ILE A 143 32.49 26.06 1.85
CA ILE A 143 32.68 26.74 0.58
C ILE A 143 31.90 28.05 0.52
N LEU A 144 30.94 28.25 1.40
CA LEU A 144 30.13 29.47 1.39
C LEU A 144 30.90 30.62 2.02
N ASP A 145 30.80 31.81 1.43
CA ASP A 145 31.37 33.01 2.04
C ASP A 145 30.34 34.08 2.36
N GLY A 146 29.07 33.86 2.02
CA GLY A 146 28.02 34.81 2.31
C GLY A 146 27.72 35.80 1.21
N THR A 147 28.57 35.89 0.18
CA THR A 147 28.35 36.82 -0.91
C THR A 147 27.53 36.21 -2.05
N GLU A 148 27.26 34.91 -1.99
CA GLU A 148 26.54 34.25 -3.06
C GLU A 148 25.11 34.75 -3.15
N THR A 149 24.56 34.78 -4.36
CA THR A 149 23.16 35.14 -4.56
C THR A 149 22.24 33.92 -4.64
N VAL A 150 22.64 32.85 -5.32
CA VAL A 150 21.85 31.63 -5.41
C VAL A 150 22.74 30.45 -5.04
N ILE A 151 22.28 29.62 -4.10
CA ILE A 151 22.96 28.38 -3.75
C ILE A 151 21.94 27.26 -3.79
N SER A 152 22.45 26.03 -3.73
CA SER A 152 21.64 24.82 -3.75
C SER A 152 21.95 24.00 -2.52
N GLY A 153 20.92 23.44 -1.91
CA GLY A 153 21.09 22.46 -0.85
C GLY A 153 21.22 21.03 -1.33
N ALA A 154 21.41 20.84 -2.64
CA ALA A 154 21.53 19.52 -3.27
C ALA A 154 20.21 18.75 -3.15
N SER A 155 20.26 17.44 -3.38
CA SER A 155 19.09 16.58 -3.22
C SER A 155 19.18 15.80 -1.90
N CYS A 156 18.08 15.14 -1.56
CA CYS A 156 18.06 14.19 -0.45
C CYS A 156 19.13 13.12 -0.63
N THR A 157 19.19 12.50 -1.80
CA THR A 157 20.14 11.43 -2.02
C THR A 157 21.57 11.94 -1.92
N THR A 158 21.86 13.13 -2.45
CA THR A 158 23.21 13.68 -2.32
C THR A 158 23.58 13.87 -0.85
N ASN A 159 22.64 14.34 -0.04
CA ASN A 159 22.94 14.55 1.37
C ASN A 159 23.16 13.23 2.11
N CYS A 160 22.53 12.15 1.64
CA CYS A 160 22.79 10.83 2.21
C CYS A 160 24.15 10.31 1.76
N LEU A 161 24.41 10.37 0.46
CA LEU A 161 25.59 9.75 -0.13
C LEU A 161 26.87 10.46 0.26
N ALA A 162 26.83 11.79 0.37
CA ALA A 162 28.07 12.57 0.47
C ALA A 162 28.92 12.23 1.68
N PRO A 163 28.42 12.22 2.93
CA PRO A 163 29.31 11.91 4.04
C PRO A 163 29.83 10.48 4.00
N MET A 164 29.05 9.56 3.43
CA MET A 164 29.50 8.18 3.31
C MET A 164 30.61 8.07 2.29
N ALA A 165 30.41 8.67 1.11
CA ALA A 165 31.45 8.67 0.09
C ALA A 165 32.70 9.41 0.56
N LYS A 166 32.52 10.55 1.25
CA LYS A 166 33.67 11.29 1.73
C LYS A 166 34.50 10.48 2.72
N ALA A 167 33.84 9.73 3.61
CA ALA A 167 34.58 8.89 4.57
C ALA A 167 35.37 7.80 3.85
N LEU A 168 34.80 7.19 2.81
CA LEU A 168 35.57 6.22 2.04
C LEU A 168 36.77 6.87 1.38
N GLN A 169 36.57 8.05 0.81
CA GLN A 169 37.67 8.72 0.12
C GLN A 169 38.77 9.14 1.10
N ASP A 170 38.38 9.68 2.25
CA ASP A 170 39.36 10.17 3.21
C ASP A 170 40.17 9.04 3.82
N ASN A 171 39.54 7.90 4.07
CA ASN A 171 40.20 6.79 4.75
C ASN A 171 40.90 5.83 3.80
N PHE A 172 40.33 5.59 2.62
CA PHE A 172 40.81 4.50 1.77
C PHE A 172 41.10 4.92 0.34
N GLY A 173 40.50 6.01 -0.15
CA GLY A 173 40.62 6.38 -1.54
C GLY A 173 39.62 5.62 -2.39
N VAL A 174 38.78 6.33 -3.14
CA VAL A 174 37.77 5.72 -4.00
C VAL A 174 38.32 5.72 -5.42
N LYS A 175 38.23 4.57 -6.09
CA LYS A 175 38.49 4.50 -7.53
C LYS A 175 37.23 4.82 -8.33
N GLN A 176 36.17 4.03 -8.15
CA GLN A 176 34.89 4.31 -8.79
C GLN A 176 33.80 3.61 -7.99
N GLY A 177 32.56 3.95 -8.31
CA GLY A 177 31.46 3.29 -7.64
C GLY A 177 30.14 3.52 -8.33
N LEU A 178 29.20 2.61 -8.05
CA LEU A 178 27.83 2.70 -8.54
C LEU A 178 26.87 2.66 -7.36
N MET A 179 25.85 3.51 -7.40
CA MET A 179 24.90 3.69 -6.31
CA MET A 179 24.91 3.57 -6.29
C MET A 179 23.49 3.30 -6.78
N THR A 180 22.71 2.67 -5.90
CA THR A 180 21.28 2.55 -6.11
C THR A 180 20.62 3.08 -4.86
N THR A 181 19.66 3.99 -5.03
CA THR A 181 18.82 4.39 -3.91
C THR A 181 17.46 3.73 -4.06
N ILE A 182 17.04 3.05 -2.99
CA ILE A 182 15.71 2.49 -2.88
C ILE A 182 14.92 3.55 -2.11
N HIS A 183 14.03 4.25 -2.80
CA HIS A 183 13.58 5.56 -2.37
C HIS A 183 12.06 5.60 -2.31
N ALA A 184 11.53 6.30 -1.31
CA ALA A 184 10.09 6.51 -1.21
C ALA A 184 9.55 7.19 -2.45
N TYR A 185 8.27 6.93 -2.73
CA TYR A 185 7.64 7.71 -3.80
C TYR A 185 7.53 9.17 -3.36
N THR A 186 7.46 10.07 -4.36
CA THR A 186 7.33 11.49 -4.07
C THR A 186 6.15 12.07 -4.84
N GLY A 187 5.87 13.35 -4.56
CA GLY A 187 4.74 14.06 -5.17
C GLY A 187 4.85 14.21 -6.66
N ASP A 188 6.02 13.97 -7.25
CA ASP A 188 6.18 14.06 -8.69
C ASP A 188 5.76 12.80 -9.42
N GLN A 189 5.51 11.71 -8.71
CA GLN A 189 4.96 10.53 -9.33
C GLN A 189 3.44 10.61 -9.32
N MET A 190 2.82 9.94 -10.29
CA MET A 190 1.36 9.93 -10.39
C MET A 190 0.76 8.98 -9.36
N ILE A 191 -0.38 9.38 -8.78
CA ILE A 191 -1.05 8.51 -7.82
C ILE A 191 -1.62 7.27 -8.52
N LEU A 192 -2.09 7.43 -9.75
CA LEU A 192 -2.56 6.33 -10.59
C LEU A 192 -2.05 6.62 -11.99
N ASP A 193 -1.96 5.57 -12.81
CA ASP A 193 -1.36 5.70 -14.14
C ASP A 193 -1.99 6.84 -14.93
N GLY A 194 -1.16 7.78 -15.38
CA GLY A 194 -1.65 8.89 -16.14
C GLY A 194 -0.51 9.72 -16.69
N PRO A 195 -0.83 10.73 -17.49
CA PRO A 195 0.23 11.48 -18.17
C PRO A 195 1.06 12.26 -17.16
N HIS A 196 2.35 11.96 -17.13
CA HIS A 196 3.28 12.68 -16.29
C HIS A 196 3.69 13.96 -17.00
N ARG A 197 3.57 15.10 -16.32
CA ARG A 197 3.77 16.37 -17.02
C ARG A 197 5.19 16.54 -17.53
N GLY A 198 6.17 15.91 -16.89
CA GLY A 198 7.53 15.93 -17.39
C GLY A 198 7.86 14.93 -18.48
N GLY A 199 6.91 14.09 -18.88
CA GLY A 199 7.15 13.12 -19.92
C GLY A 199 7.84 11.85 -19.48
N ASP A 200 7.97 11.63 -18.17
CA ASP A 200 8.66 10.44 -17.66
C ASP A 200 7.69 9.27 -17.67
N LEU A 201 7.95 8.27 -18.54
CA LEU A 201 7.03 7.16 -18.70
C LEU A 201 6.97 6.27 -17.46
N ARG A 202 7.95 6.39 -16.56
CA ARG A 202 7.94 5.63 -15.31
C ARG A 202 7.29 6.41 -14.16
N ARG A 203 7.53 7.71 -14.06
CA ARG A 203 6.80 8.52 -13.09
C ARG A 203 5.32 8.66 -13.44
N ALA A 204 4.93 8.31 -14.67
CA ALA A 204 3.53 8.25 -15.07
C ALA A 204 2.77 7.15 -14.37
N ARG A 205 3.46 6.18 -13.77
CA ARG A 205 2.79 5.00 -13.23
C ARG A 205 2.42 5.19 -11.77
N ALA A 206 1.40 4.45 -11.32
CA ALA A 206 0.92 4.53 -9.94
C ALA A 206 2.06 4.35 -8.93
N GLY A 207 2.41 5.41 -8.19
CA GLY A 207 3.65 5.38 -7.43
C GLY A 207 3.58 4.56 -6.16
N ALA A 208 2.39 4.36 -5.59
CA ALA A 208 2.23 3.58 -4.37
C ALA A 208 1.87 2.13 -4.67
N ALA A 209 1.96 1.71 -5.94
CA ALA A 209 1.61 0.35 -6.31
C ALA A 209 2.67 -0.35 -7.16
N ASN A 210 3.86 0.22 -7.27
CA ASN A 210 4.89 -0.31 -8.16
C ASN A 210 6.28 -0.06 -7.60
N ILE A 211 7.22 -0.94 -7.99
CA ILE A 211 8.64 -0.62 -8.00
C ILE A 211 8.91 0.09 -9.31
N VAL A 212 9.43 1.32 -9.23
CA VAL A 212 9.57 2.21 -10.39
C VAL A 212 11.02 2.64 -10.55
N PRO A 213 11.73 2.13 -11.56
CA PRO A 213 13.11 2.60 -11.79
C PRO A 213 13.08 4.08 -12.17
N ASN A 214 14.17 4.77 -11.84
CA ASN A 214 14.22 6.15 -12.28
C ASN A 214 15.65 6.65 -12.23
N SER A 215 15.96 7.62 -13.08
CA SER A 215 17.30 8.19 -13.06
C SER A 215 17.45 9.15 -11.88
N THR A 216 18.70 9.34 -11.45
CA THR A 216 19.00 10.36 -10.45
C THR A 216 20.41 10.85 -10.70
N GLY A 217 20.61 12.16 -10.55
CA GLY A 217 21.92 12.73 -10.74
C GLY A 217 22.78 12.81 -9.50
N ALA A 218 22.36 12.20 -8.39
CA ALA A 218 23.00 12.41 -7.10
C ALA A 218 24.45 11.94 -7.10
N ALA A 219 24.73 10.80 -7.73
CA ALA A 219 26.09 10.29 -7.76
C ALA A 219 26.93 11.02 -8.81
N LYS A 220 26.35 11.27 -9.98
CA LYS A 220 27.10 11.85 -11.08
C LYS A 220 27.53 13.27 -10.79
N ALA A 221 26.77 13.98 -9.94
CA ALA A 221 27.06 15.37 -9.60
C ALA A 221 27.71 15.51 -8.22
N ILE A 222 28.17 14.40 -7.62
CA ILE A 222 28.81 14.45 -6.32
C ILE A 222 30.04 15.35 -6.35
N GLY A 223 30.64 15.55 -7.54
CA GLY A 223 31.81 16.40 -7.63
C GLY A 223 31.56 17.85 -7.25
N LEU A 224 30.30 18.30 -7.33
CA LEU A 224 30.00 19.64 -6.84
C LEU A 224 30.19 19.74 -5.33
N VAL A 225 30.10 18.62 -4.62
CA VAL A 225 30.19 18.60 -3.17
C VAL A 225 31.55 18.08 -2.70
N ILE A 226 32.05 17.03 -3.35
CA ILE A 226 33.34 16.42 -3.03
C ILE A 226 34.16 16.43 -4.31
N PRO A 227 34.93 17.49 -4.55
CA PRO A 227 35.59 17.66 -5.85
C PRO A 227 36.49 16.50 -6.26
N GLU A 228 37.14 15.84 -5.31
CA GLU A 228 38.03 14.74 -5.65
C GLU A 228 37.28 13.53 -6.18
N LEU A 229 35.96 13.46 -6.00
CA LEU A 229 35.14 12.36 -6.51
C LEU A 229 34.43 12.72 -7.80
N ASN A 230 34.74 13.88 -8.38
CA ASN A 230 34.14 14.27 -9.65
C ASN A 230 34.37 13.18 -10.70
N GLY A 231 33.28 12.70 -11.30
CA GLY A 231 33.34 11.71 -12.35
C GLY A 231 33.52 10.27 -11.90
N LYS A 232 33.62 10.00 -10.61
CA LYS A 232 33.91 8.65 -10.13
C LYS A 232 32.68 7.84 -9.76
N LEU A 233 31.52 8.47 -9.57
CA LEU A 233 30.32 7.80 -9.11
C LEU A 233 29.19 7.98 -10.11
N ASP A 234 28.40 6.92 -10.28
CA ASP A 234 27.18 6.99 -11.07
C ASP A 234 26.11 6.20 -10.32
N GLY A 235 24.86 6.33 -10.75
CA GLY A 235 23.83 5.67 -9.97
C GLY A 235 22.46 5.80 -10.59
N ALA A 236 21.49 5.22 -9.88
CA ALA A 236 20.09 5.23 -10.30
C ALA A 236 19.23 4.98 -9.07
N ALA A 237 17.91 4.98 -9.27
CA ALA A 237 16.95 4.84 -8.18
C ALA A 237 15.93 3.76 -8.49
N GLN A 238 15.40 3.17 -7.44
CA GLN A 238 14.17 2.38 -7.51
C GLN A 238 13.20 3.03 -6.52
N ARG A 239 12.15 3.65 -7.06
CA ARG A 239 11.11 4.23 -6.20
C ARG A 239 10.13 3.13 -5.80
N VAL A 240 9.80 3.08 -4.52
CA VAL A 240 9.00 1.96 -4.00
C VAL A 240 7.90 2.48 -3.10
N PRO A 241 6.86 1.59 -2.78
CA PRO A 241 5.68 2.13 -2.06
C PRO A 241 5.81 2.32 -0.55
N VAL A 242 6.68 3.24 -0.13
CA VAL A 242 6.56 3.86 1.19
C VAL A 242 6.42 5.37 0.98
N PRO A 243 5.64 6.07 1.82
CA PRO A 243 5.37 7.50 1.55
C PRO A 243 6.49 8.43 1.96
N THR A 244 7.44 7.96 2.79
CA THR A 244 8.71 8.64 3.00
C THR A 244 9.66 7.62 3.60
N GLY A 245 10.96 7.91 3.45
CA GLY A 245 12.01 7.05 3.96
C GLY A 245 12.69 6.32 2.82
N SER A 246 14.02 6.34 2.80
CA SER A 246 14.83 5.87 1.68
C SER A 246 16.14 5.31 2.18
N VAL A 247 16.87 4.65 1.29
CA VAL A 247 18.15 4.03 1.65
C VAL A 247 19.06 4.04 0.42
N THR A 248 20.33 4.35 0.63
CA THR A 248 21.31 4.45 -0.45
C THR A 248 22.35 3.35 -0.29
N GLU A 249 22.53 2.53 -1.32
CA GLU A 249 23.59 1.52 -1.40
C GLU A 249 24.65 2.01 -2.36
N LEU A 250 25.91 1.90 -1.97
CA LEU A 250 27.04 2.23 -2.84
C LEU A 250 27.96 1.02 -2.93
N VAL A 251 28.28 0.61 -4.15
CA VAL A 251 29.25 -0.45 -4.41
C VAL A 251 30.46 0.21 -5.07
N ALA A 252 31.62 0.08 -4.43
CA ALA A 252 32.78 0.84 -4.87
C ALA A 252 34.03 -0.03 -4.87
N THR A 253 34.98 0.38 -5.71
CA THR A 253 36.36 -0.10 -5.61
C THR A 253 37.20 0.98 -4.95
N LEU A 254 38.16 0.56 -4.13
CA LEU A 254 38.95 1.46 -3.30
C LEU A 254 40.43 1.31 -3.65
N GLU A 255 41.23 2.26 -3.16
CA GLU A 255 42.66 2.26 -3.45
C GLU A 255 43.46 1.35 -2.53
N LYS A 256 42.86 0.86 -1.44
CA LYS A 256 43.56 -0.09 -0.58
C LYS A 256 42.58 -1.15 -0.09
N ASP A 257 43.14 -2.29 0.32
CA ASP A 257 42.33 -3.38 0.86
C ASP A 257 41.76 -2.98 2.21
N VAL A 258 40.53 -3.43 2.49
CA VAL A 258 39.85 -3.15 3.73
C VAL A 258 39.13 -4.40 4.22
N THR A 259 38.77 -4.38 5.50
CA THR A 259 37.84 -5.34 6.07
C THR A 259 36.53 -4.64 6.42
N VAL A 260 35.49 -5.44 6.62
CA VAL A 260 34.20 -4.90 7.06
C VAL A 260 34.39 -4.10 8.33
N GLU A 261 35.18 -4.61 9.27
CA GLU A 261 35.36 -3.93 10.55
C GLU A 261 36.02 -2.57 10.35
N GLU A 262 37.01 -2.48 9.44
CA GLU A 262 37.69 -1.22 9.20
C GLU A 262 36.76 -0.21 8.54
N VAL A 263 35.91 -0.68 7.62
CA VAL A 263 34.96 0.22 6.96
C VAL A 263 33.96 0.77 7.96
N ASN A 264 33.40 -0.10 8.81
CA ASN A 264 32.43 0.36 9.79
C ASN A 264 33.07 1.31 10.78
N ALA A 265 34.31 1.03 11.20
CA ALA A 265 34.97 1.91 12.16
C ALA A 265 35.24 3.29 11.56
N ALA A 266 35.59 3.35 10.27
CA ALA A 266 35.81 4.63 9.63
C ALA A 266 34.52 5.45 9.58
N MET A 267 33.38 4.79 9.34
CA MET A 267 32.12 5.52 9.35
C MET A 267 31.79 6.03 10.75
N LYS A 268 31.97 5.19 11.76
CA LYS A 268 31.70 5.62 13.13
C LYS A 268 32.56 6.82 13.51
N ALA A 269 33.82 6.84 13.07
CA ALA A 269 34.70 7.95 13.41
C ALA A 269 34.30 9.23 12.69
N ALA A 270 33.57 9.12 11.59
CA ALA A 270 33.08 10.27 10.85
C ALA A 270 31.72 10.77 11.32
N ALA A 271 31.13 10.13 12.32
CA ALA A 271 29.78 10.49 12.76
C ALA A 271 29.75 11.89 13.37
N ASN A 272 28.66 12.62 13.11
CA ASN A 272 28.45 13.96 13.66
C ASN A 272 26.94 14.23 13.62
N ASP A 273 26.54 15.51 13.73
CA ASP A 273 25.12 15.81 13.75
C ASP A 273 24.45 15.51 12.41
N SER A 274 25.22 15.51 11.33
CA SER A 274 24.66 15.25 10.00
C SER A 274 24.77 13.78 9.60
N TYR A 275 25.81 13.07 10.06
CA TYR A 275 26.07 11.70 9.65
C TYR A 275 25.98 10.82 10.90
N GLY A 276 24.93 10.03 11.00
CA GLY A 276 24.76 9.13 12.12
C GLY A 276 25.32 7.74 11.82
N TYR A 277 25.44 6.94 12.89
CA TYR A 277 25.95 5.58 12.83
C TYR A 277 25.05 4.67 13.63
N THR A 278 24.66 3.52 13.06
CA THR A 278 23.90 2.53 13.82
C THR A 278 24.38 1.12 13.51
N GLU A 279 24.26 0.25 14.52
CA GLU A 279 24.45 -1.18 14.38
C GLU A 279 23.17 -1.96 14.63
N ASP A 280 22.03 -1.26 14.75
CA ASP A 280 20.77 -1.96 14.97
C ASP A 280 20.13 -2.31 13.63
N PRO A 281 19.49 -3.46 13.53
CA PRO A 281 18.88 -3.87 12.24
C PRO A 281 17.52 -3.21 12.02
N ILE A 282 17.56 -1.92 11.69
CA ILE A 282 16.36 -1.10 11.55
C ILE A 282 15.75 -1.25 10.17
N VAL A 283 14.55 -0.69 9.98
CA VAL A 283 13.88 -0.66 8.69
C VAL A 283 13.44 0.78 8.43
N SER A 284 12.84 1.02 7.27
CA SER A 284 12.66 2.41 6.85
C SER A 284 11.79 3.23 7.79
N SER A 285 10.75 2.64 8.38
CA SER A 285 9.90 3.44 9.27
C SER A 285 10.68 3.99 10.46
N ASP A 286 11.77 3.33 10.82
CA ASP A 286 12.55 3.76 11.97
C ASP A 286 13.30 5.05 11.72
N ILE A 287 13.46 5.45 10.46
CA ILE A 287 14.20 6.68 10.15
C ILE A 287 13.28 7.83 9.77
N VAL A 288 11.97 7.62 9.74
CA VAL A 288 11.07 8.72 9.44
C VAL A 288 11.20 9.79 10.53
N GLY A 289 11.44 11.02 10.12
CA GLY A 289 11.53 12.11 11.05
C GLY A 289 12.90 12.36 11.65
N ILE A 290 13.92 11.59 11.27
CA ILE A 290 15.24 11.79 11.89
C ILE A 290 15.88 13.10 11.39
N SER A 291 16.85 13.58 12.14
CA SER A 291 17.53 14.83 11.83
C SER A 291 18.93 14.64 11.28
N TYR A 292 19.44 13.42 11.22
CA TYR A 292 20.66 13.18 10.46
C TYR A 292 20.38 13.35 8.98
N GLY A 293 21.35 13.89 8.22
CA GLY A 293 21.22 13.84 6.78
C GLY A 293 21.43 12.46 6.21
N SER A 294 22.10 11.59 6.96
CA SER A 294 22.52 10.28 6.47
C SER A 294 22.76 9.44 7.72
N LEU A 295 22.26 8.21 7.74
CA LEU A 295 22.44 7.30 8.88
C LEU A 295 23.08 6.01 8.38
N PHE A 296 24.40 5.90 8.57
CA PHE A 296 25.12 4.72 8.11
C PHE A 296 24.68 3.49 8.89
N ASP A 297 24.45 2.38 8.17
CA ASP A 297 23.97 1.14 8.77
C ASP A 297 25.07 0.09 8.66
N ALA A 298 25.76 -0.15 9.77
CA ALA A 298 26.86 -1.10 9.78
C ALA A 298 26.41 -2.53 9.51
N THR A 299 25.13 -2.85 9.73
CA THR A 299 24.67 -4.22 9.50
C THR A 299 24.62 -4.61 8.04
N GLN A 300 24.70 -3.64 7.12
CA GLN A 300 24.58 -3.93 5.70
C GLN A 300 25.90 -3.90 4.94
N THR A 301 27.02 -3.66 5.63
CA THR A 301 28.31 -3.54 4.97
C THR A 301 28.77 -4.89 4.42
N LYS A 302 29.34 -4.88 3.23
CA LYS A 302 30.02 -6.04 2.67
C LYS A 302 31.38 -5.64 2.14
N VAL A 303 32.35 -6.54 2.28
CA VAL A 303 33.62 -6.43 1.57
C VAL A 303 33.86 -7.80 0.95
N GLN A 304 33.72 -7.87 -0.37
CA GLN A 304 33.83 -9.12 -1.09
C GLN A 304 35.21 -9.21 -1.72
N THR A 305 35.97 -10.24 -1.36
CA THR A 305 37.29 -10.45 -1.95
C THR A 305 37.23 -11.71 -2.81
N VAL A 306 37.54 -11.55 -4.09
CA VAL A 306 37.58 -12.65 -5.05
C VAL A 306 38.90 -12.53 -5.81
N ASP A 307 39.74 -13.56 -5.69
CA ASP A 307 41.05 -13.56 -6.36
C ASP A 307 41.85 -12.31 -6.04
N GLY A 308 41.74 -11.83 -4.80
CA GLY A 308 42.52 -10.69 -4.35
C GLY A 308 41.92 -9.33 -4.66
N ASN A 309 40.81 -9.26 -5.40
CA ASN A 309 40.17 -8.00 -5.74
C ASN A 309 38.94 -7.81 -4.86
N GLN A 310 38.68 -6.56 -4.47
CA GLN A 310 37.62 -6.26 -3.51
C GLN A 310 36.56 -5.35 -4.12
N LEU A 311 35.30 -5.70 -3.87
CA LEU A 311 34.17 -4.79 -4.03
C LEU A 311 33.64 -4.50 -2.63
N VAL A 312 33.37 -3.22 -2.36
CA VAL A 312 32.95 -2.76 -1.04
C VAL A 312 31.54 -2.18 -1.17
N LYS A 313 30.63 -2.64 -0.33
CA LYS A 313 29.26 -2.14 -0.31
C LYS A 313 29.00 -1.46 1.02
N VAL A 314 28.55 -0.20 0.96
CA VAL A 314 28.18 0.58 2.14
C VAL A 314 26.79 1.14 1.94
N VAL A 315 26.02 1.21 3.03
CA VAL A 315 24.60 1.53 2.93
C VAL A 315 24.24 2.53 4.02
N SER A 316 23.49 3.57 3.66
CA SER A 316 23.05 4.57 4.61
C SER A 316 21.57 4.90 4.38
N TRP A 317 20.86 5.05 5.49
CA TRP A 317 19.45 5.44 5.49
C TRP A 317 19.30 6.96 5.44
N TYR A 318 18.14 7.39 4.94
CA TYR A 318 17.79 8.80 5.03
C TYR A 318 16.29 8.96 4.92
N ASP A 319 15.73 9.83 5.74
CA ASP A 319 14.37 10.28 5.47
C ASP A 319 14.47 11.36 4.41
N ASN A 320 14.11 11.03 3.17
CA ASN A 320 14.23 11.99 2.09
C ASN A 320 13.51 13.30 2.41
N GLU A 321 12.49 13.25 3.28
CA GLU A 321 11.85 14.45 3.79
C GLU A 321 12.65 15.07 4.94
N MET A 322 12.63 14.48 6.14
CA MET A 322 13.18 15.19 7.29
C MET A 322 14.72 15.23 7.32
N SER A 323 15.40 14.21 6.78
CA SER A 323 16.87 14.25 6.76
C SER A 323 17.35 15.40 5.88
N TYR A 324 16.77 15.49 4.68
CA TYR A 324 17.11 16.57 3.77
C TYR A 324 16.77 17.91 4.38
N THR A 325 15.57 18.03 4.95
CA THR A 325 15.12 19.31 5.50
C THR A 325 16.01 19.74 6.65
N SER A 326 16.45 18.80 7.50
CA SER A 326 17.34 19.16 8.59
C SER A 326 18.65 19.72 8.04
N GLN A 327 19.20 19.09 7.00
CA GLN A 327 20.38 19.58 6.34
C GLN A 327 20.14 20.95 5.73
N LEU A 328 19.02 21.10 5.02
CA LEU A 328 18.69 22.36 4.35
C LEU A 328 18.63 23.50 5.35
N VAL A 329 18.01 23.27 6.50
CA VAL A 329 17.86 24.32 7.50
C VAL A 329 19.18 24.62 8.20
N ARG A 330 20.04 23.61 8.41
CA ARG A 330 21.39 23.89 8.89
C ARG A 330 22.14 24.79 7.93
N THR A 331 22.05 24.48 6.64
CA THR A 331 22.71 25.31 5.62
C THR A 331 22.12 26.71 5.58
N LEU A 332 20.80 26.83 5.65
CA LEU A 332 20.17 28.15 5.64
C LEU A 332 20.60 28.96 6.85
N GLU A 333 20.60 28.35 8.04
CA GLU A 333 21.02 29.04 9.25
C GLU A 333 22.45 29.53 9.14
N TYR A 334 23.35 28.69 8.63
CA TYR A 334 24.75 29.07 8.48
C TYR A 334 24.92 30.18 7.44
N PHE A 335 24.27 30.01 6.28
CA PHE A 335 24.31 30.99 5.21
C PHE A 335 23.79 32.34 5.67
N ALA A 336 22.68 32.34 6.40
CA ALA A 336 22.12 33.59 6.93
C ALA A 336 23.09 34.26 7.89
N LYS A 337 23.76 33.49 8.75
CA LYS A 337 24.64 34.09 9.75
C LYS A 337 25.84 34.75 9.09
N ILE A 338 26.42 34.13 8.06
CA ILE A 338 27.58 34.70 7.38
C ILE A 338 27.21 35.61 6.21
N ALA A 339 25.92 35.83 5.96
CA ALA A 339 25.49 36.50 4.74
C ALA A 339 26.03 37.92 4.65
N LYS A 340 26.52 38.27 3.46
CA LYS A 340 26.94 39.63 3.14
C LYS A 340 26.11 40.13 1.96
N SER B 2 0.83 1.45 50.56
CA SER B 2 0.70 2.05 51.89
C SER B 2 0.83 3.56 51.78
N VAL B 3 2.09 4.01 51.89
CA VAL B 3 2.42 5.40 51.63
C VAL B 3 2.55 5.66 50.14
N ASP B 4 3.14 4.70 49.40
CA ASP B 4 3.31 4.81 47.94
C ASP B 4 3.12 3.41 47.32
N MET B 5 1.86 3.07 47.06
CA MET B 5 1.55 1.75 46.52
C MET B 5 1.79 1.72 45.02
N VAL B 6 2.51 0.70 44.55
CA VAL B 6 2.70 0.43 43.13
C VAL B 6 2.36 -1.04 42.90
N VAL B 7 1.27 -1.30 42.19
CA VAL B 7 0.82 -2.66 41.94
C VAL B 7 1.64 -3.25 40.80
N LYS B 8 2.09 -4.49 40.97
CA LYS B 8 2.94 -5.16 39.99
C LYS B 8 2.07 -5.88 38.97
N VAL B 9 2.37 -5.64 37.68
CA VAL B 9 1.58 -6.13 36.57
C VAL B 9 2.47 -7.04 35.72
N GLY B 10 1.87 -8.09 35.16
CA GLY B 10 2.52 -8.93 34.17
C GLY B 10 1.80 -8.78 32.85
N ILE B 11 2.54 -8.94 31.75
CA ILE B 11 1.95 -8.92 30.41
C ILE B 11 2.15 -10.28 29.80
N ASN B 12 1.04 -10.93 29.43
CA ASN B 12 1.08 -12.14 28.61
C ASN B 12 0.77 -11.75 27.18
N GLY B 13 1.76 -11.88 26.30
CA GLY B 13 1.59 -11.46 24.92
C GLY B 13 2.10 -10.05 24.74
N PHE B 14 3.39 -9.95 24.46
CA PHE B 14 4.05 -8.66 24.24
C PHE B 14 3.91 -8.24 22.78
N GLY B 15 2.66 -8.21 22.32
CA GLY B 15 2.32 -7.87 20.95
C GLY B 15 2.04 -6.39 20.79
N ARG B 16 1.20 -6.06 19.81
CA ARG B 16 0.87 -4.65 19.61
C ARG B 16 0.26 -4.03 20.87
N ILE B 17 -0.78 -4.67 21.41
CA ILE B 17 -1.42 -4.11 22.60
C ILE B 17 -0.51 -4.24 23.83
N GLY B 18 0.17 -5.38 23.99
CA GLY B 18 1.04 -5.55 25.15
C GLY B 18 2.17 -4.54 25.18
N ARG B 19 2.83 -4.32 24.04
CA ARG B 19 3.95 -3.38 24.00
C ARG B 19 3.50 -1.95 24.18
N LEU B 20 2.38 -1.56 23.56
CA LEU B 20 1.91 -0.20 23.75
C LEU B 20 1.40 0.01 25.17
N ALA B 21 0.80 -1.02 25.77
CA ALA B 21 0.42 -0.91 27.18
C ALA B 21 1.64 -0.69 28.05
N PHE B 22 2.71 -1.45 27.79
CA PHE B 22 3.96 -1.24 28.50
C PHE B 22 4.45 0.19 28.35
N ARG B 23 4.42 0.73 27.12
CA ARG B 23 4.84 2.12 26.90
C ARG B 23 4.02 3.10 27.74
N ARG B 24 2.70 2.93 27.76
CA ARG B 24 1.86 3.86 28.52
C ARG B 24 2.07 3.72 30.03
N ILE B 25 2.30 2.49 30.50
CA ILE B 25 2.51 2.26 31.93
C ILE B 25 3.74 2.98 32.46
N GLN B 26 4.68 3.32 31.58
CA GLN B 26 5.85 4.12 31.98
C GLN B 26 5.44 5.41 32.67
N ASN B 27 4.27 5.95 32.33
CA ASN B 27 3.80 7.23 32.87
C ASN B 27 2.67 7.07 33.88
N VAL B 28 2.43 5.86 34.36
CA VAL B 28 1.40 5.60 35.35
C VAL B 28 2.10 5.28 36.66
N GLU B 29 1.93 6.15 37.66
CA GLU B 29 2.68 5.98 38.90
C GLU B 29 2.26 4.72 39.66
N GLY B 30 0.97 4.37 39.63
CA GLY B 30 0.44 3.34 40.49
C GLY B 30 0.63 1.90 40.06
N VAL B 31 1.21 1.64 38.89
CA VAL B 31 1.45 0.28 38.41
C VAL B 31 2.80 0.23 37.72
N GLU B 32 3.38 -0.97 37.68
CA GLU B 32 4.62 -1.20 36.96
C GLU B 32 4.66 -2.64 36.48
N VAL B 33 5.33 -2.88 35.36
CA VAL B 33 5.40 -4.20 34.77
C VAL B 33 6.68 -4.88 35.23
N THR B 34 6.53 -6.03 35.89
CA THR B 34 7.70 -6.76 36.40
C THR B 34 7.97 -8.06 35.66
N ARG B 35 7.09 -8.47 34.75
CA ARG B 35 7.28 -9.73 34.05
C ARG B 35 6.50 -9.71 32.74
N ILE B 36 7.16 -10.15 31.68
CA ILE B 36 6.54 -10.29 30.36
C ILE B 36 6.70 -11.74 29.94
N ASN B 37 5.62 -12.32 29.43
CA ASN B 37 5.69 -13.67 28.88
C ASN B 37 5.24 -13.61 27.42
N ASP B 38 5.99 -14.29 26.55
CA ASP B 38 5.63 -14.37 25.14
C ASP B 38 6.14 -15.71 24.63
N LEU B 39 6.56 -15.78 23.35
CA LEU B 39 7.02 -17.04 22.77
C LEU B 39 8.42 -16.93 22.20
N THR B 40 9.20 -15.94 22.60
CA THR B 40 10.44 -15.63 21.90
C THR B 40 11.50 -15.19 22.89
N ASP B 41 12.66 -14.82 22.38
CA ASP B 41 13.73 -14.48 23.29
C ASP B 41 13.73 -12.99 23.62
N PRO B 42 14.47 -12.58 24.66
CA PRO B 42 14.44 -11.17 25.06
C PRO B 42 14.92 -10.23 23.97
N ASN B 43 15.85 -10.65 23.13
CA ASN B 43 16.37 -9.75 22.11
C ASN B 43 15.28 -9.33 21.13
N MET B 44 14.43 -10.28 20.73
CA MET B 44 13.31 -9.96 19.85
C MET B 44 12.34 -8.98 20.51
N LEU B 45 11.99 -9.22 21.77
CA LEU B 45 11.03 -8.36 22.44
C LEU B 45 11.59 -6.97 22.67
N ALA B 46 12.86 -6.87 23.08
CA ALA B 46 13.48 -5.58 23.31
C ALA B 46 13.55 -4.77 22.02
N HIS B 47 13.88 -5.44 20.91
CA HIS B 47 13.96 -4.75 19.63
C HIS B 47 12.61 -4.20 19.20
N LEU B 48 11.55 -4.99 19.38
CA LEU B 48 10.20 -4.55 19.04
C LEU B 48 9.66 -3.50 19.98
N LEU B 49 10.12 -3.45 21.22
CA LEU B 49 9.75 -2.32 22.06
C LEU B 49 10.44 -1.04 21.59
N LYS B 50 11.71 -1.15 21.20
CA LYS B 50 12.50 0.04 20.87
C LYS B 50 12.02 0.67 19.56
N TYR B 51 11.74 -0.15 18.56
CA TYR B 51 11.43 0.29 17.20
C TYR B 51 10.02 -0.15 16.85
N ASP B 52 9.20 0.80 16.38
CA ASP B 52 7.78 0.55 16.17
C ASP B 52 7.36 1.27 14.91
N THR B 53 6.90 0.49 13.91
CA THR B 53 6.59 1.02 12.59
C THR B 53 5.56 2.15 12.66
N THR B 54 4.48 1.95 13.41
CA THR B 54 3.40 2.93 13.42
C THR B 54 3.42 3.86 14.62
N GLN B 55 4.03 3.47 15.74
CA GLN B 55 3.95 4.27 16.96
C GLN B 55 5.26 4.94 17.34
N GLY B 56 6.31 4.80 16.52
CA GLY B 56 7.53 5.57 16.72
C GLY B 56 8.51 4.91 17.69
N ARG B 57 9.70 5.52 17.76
CA ARG B 57 10.75 5.03 18.64
C ARG B 57 10.32 5.12 20.10
N PHE B 58 10.73 4.13 20.89
CA PHE B 58 10.43 4.14 22.32
C PHE B 58 11.05 5.36 22.99
N ASP B 59 10.31 5.90 23.97
CA ASP B 59 10.74 7.10 24.69
C ASP B 59 11.62 6.67 25.86
N GLY B 60 12.90 6.42 25.55
CA GLY B 60 13.85 6.04 26.57
C GLY B 60 14.83 5.02 26.03
N THR B 61 15.50 4.31 26.94
CA THR B 61 16.50 3.32 26.58
C THR B 61 15.99 1.90 26.82
N VAL B 62 16.38 0.99 25.96
CA VAL B 62 16.06 -0.42 26.08
C VAL B 62 17.35 -1.20 25.83
N GLU B 63 17.73 -2.06 26.79
CA GLU B 63 18.99 -2.78 26.69
C GLU B 63 18.76 -4.24 27.09
N VAL B 64 19.12 -5.15 26.19
CA VAL B 64 18.91 -6.57 26.44
C VAL B 64 19.84 -7.05 27.54
N LYS B 65 19.32 -7.87 28.43
CA LYS B 65 20.11 -8.53 29.47
C LYS B 65 19.85 -10.02 29.41
N GLU B 66 20.51 -10.77 30.29
CA GLU B 66 20.20 -12.18 30.41
C GLU B 66 18.82 -12.34 31.03
N GLY B 67 17.95 -13.07 30.35
CA GLY B 67 16.63 -13.35 30.87
C GLY B 67 15.63 -12.21 30.82
N GLY B 68 15.93 -11.13 30.11
CA GLY B 68 15.03 -9.99 30.08
C GLY B 68 15.70 -8.79 29.45
N PHE B 69 15.21 -7.61 29.82
CA PHE B 69 15.82 -6.38 29.31
C PHE B 69 15.60 -5.26 30.30
N GLU B 70 16.45 -4.24 30.22
CA GLU B 70 16.36 -3.08 31.09
C GLU B 70 15.74 -1.93 30.32
N VAL B 71 14.75 -1.28 30.92
CA VAL B 71 14.08 -0.13 30.34
C VAL B 71 14.41 1.05 31.24
N ASN B 72 15.11 2.03 30.68
CA ASN B 72 15.59 3.17 31.47
C ASN B 72 16.27 2.70 32.75
N GLY B 73 17.05 1.62 32.63
CA GLY B 73 17.80 1.08 33.74
C GLY B 73 17.09 0.03 34.59
N GLN B 74 15.80 -0.18 34.39
CA GLN B 74 15.01 -1.06 35.26
C GLN B 74 14.77 -2.40 34.56
N PHE B 75 15.19 -3.49 35.21
CA PHE B 75 15.11 -4.81 34.61
C PHE B 75 13.67 -5.33 34.61
N VAL B 76 13.28 -5.92 33.49
CA VAL B 76 12.00 -6.62 33.36
C VAL B 76 12.30 -8.04 32.91
N LYS B 77 11.78 -9.02 33.65
CA LYS B 77 11.99 -10.42 33.34
C LYS B 77 11.14 -10.84 32.15
N VAL B 78 11.72 -11.66 31.26
CA VAL B 78 11.04 -12.19 30.09
C VAL B 78 11.04 -13.70 30.18
N SER B 79 9.88 -14.32 29.98
CA SER B 79 9.80 -15.77 29.86
C SER B 79 9.07 -16.11 28.57
N ALA B 80 9.09 -17.39 28.22
CA ALA B 80 8.50 -17.88 26.97
C ALA B 80 7.70 -19.16 27.22
N GLU B 81 6.67 -19.06 28.05
CA GLU B 81 5.83 -20.21 28.39
C GLU B 81 4.54 -20.17 27.57
N ARG B 82 4.34 -21.21 26.74
CA ARG B 82 3.16 -21.28 25.89
C ARG B 82 1.87 -21.46 26.68
N GLU B 83 1.94 -22.05 27.87
CA GLU B 83 0.74 -22.35 28.65
C GLU B 83 0.64 -21.43 29.85
N PRO B 84 -0.46 -20.68 30.00
CA PRO B 84 -0.57 -19.75 31.14
C PRO B 84 -0.42 -20.41 32.50
N ALA B 85 -0.91 -21.64 32.65
CA ALA B 85 -0.78 -22.33 33.93
C ALA B 85 0.68 -22.54 34.33
N ASN B 86 1.61 -22.46 33.38
CA ASN B 86 3.03 -22.67 33.64
C ASN B 86 3.81 -21.37 33.85
N ILE B 87 3.14 -20.22 33.91
CA ILE B 87 3.82 -18.96 34.16
C ILE B 87 3.81 -18.69 35.66
N ASP B 88 4.99 -18.62 36.27
CA ASP B 88 5.10 -18.41 37.71
C ASP B 88 5.11 -16.90 38.03
N TRP B 89 3.95 -16.28 37.78
CA TRP B 89 3.82 -14.83 37.98
C TRP B 89 4.17 -14.41 39.39
N ALA B 90 3.85 -15.24 40.38
CA ALA B 90 4.06 -14.86 41.77
C ALA B 90 5.54 -14.64 42.08
N THR B 91 6.42 -15.34 41.35
CA THR B 91 7.85 -15.17 41.58
C THR B 91 8.28 -13.72 41.42
N ASP B 92 7.63 -12.98 40.52
CA ASP B 92 7.94 -11.58 40.28
C ASP B 92 6.93 -10.65 40.93
N GLY B 93 6.17 -11.14 41.90
CA GLY B 93 5.22 -10.32 42.63
C GLY B 93 4.03 -9.86 41.85
N VAL B 94 3.79 -10.44 40.66
CA VAL B 94 2.73 -9.94 39.80
C VAL B 94 1.38 -10.25 40.42
N GLU B 95 0.55 -9.21 40.56
CA GLU B 95 -0.81 -9.34 41.05
C GLU B 95 -1.84 -9.36 39.92
N ILE B 96 -1.67 -8.54 38.89
CA ILE B 96 -2.62 -8.42 37.80
C ILE B 96 -1.91 -8.73 36.50
N VAL B 97 -2.50 -9.62 35.69
CA VAL B 97 -1.96 -9.96 34.37
C VAL B 97 -2.79 -9.29 33.29
N LEU B 98 -2.12 -8.62 32.38
CA LEU B 98 -2.74 -8.18 31.12
C LEU B 98 -2.65 -9.34 30.14
N GLU B 99 -3.80 -9.93 29.81
CA GLU B 99 -3.87 -11.09 28.90
C GLU B 99 -4.09 -10.56 27.49
N ALA B 100 -3.00 -10.48 26.73
CA ALA B 100 -2.95 -9.79 25.45
C ALA B 100 -2.42 -10.68 24.32
N THR B 101 -2.56 -12.01 24.46
CA THR B 101 -2.09 -12.92 23.41
C THR B 101 -3.10 -13.12 22.30
N GLY B 102 -4.39 -12.92 22.58
CA GLY B 102 -5.44 -13.27 21.66
C GLY B 102 -5.91 -14.71 21.75
N PHE B 103 -5.30 -15.52 22.62
CA PHE B 103 -5.61 -16.94 22.69
C PHE B 103 -6.34 -17.37 23.96
N PHE B 104 -6.46 -16.49 24.95
CA PHE B 104 -7.03 -16.88 26.24
C PHE B 104 -8.13 -15.91 26.67
N ALA B 105 -8.93 -15.45 25.70
CA ALA B 105 -9.91 -14.39 25.94
C ALA B 105 -11.28 -14.98 26.34
N SER B 106 -11.26 -15.71 27.44
CA SER B 106 -12.47 -16.21 28.07
C SER B 106 -12.24 -16.28 29.57
N LYS B 107 -13.31 -16.35 30.33
CA LYS B 107 -13.17 -16.47 31.78
C LYS B 107 -12.37 -17.72 32.14
N GLU B 108 -12.73 -18.86 31.55
CA GLU B 108 -12.06 -20.11 31.90
C GLU B 108 -10.59 -20.10 31.47
N LYS B 109 -10.30 -19.60 30.27
CA LYS B 109 -8.92 -19.58 29.81
C LYS B 109 -8.09 -18.57 30.59
N ALA B 110 -8.65 -17.40 30.88
CA ALA B 110 -7.90 -16.36 31.58
C ALA B 110 -7.58 -16.78 33.01
N GLU B 111 -8.49 -17.50 33.66
CA GLU B 111 -8.24 -17.88 35.05
C GLU B 111 -7.15 -18.95 35.19
N GLN B 112 -6.63 -19.47 34.09
CA GLN B 112 -5.45 -20.32 34.16
C GLN B 112 -4.25 -19.55 34.71
N HIS B 113 -4.28 -18.21 34.64
CA HIS B 113 -3.21 -17.41 35.23
C HIS B 113 -3.31 -17.34 36.75
N ILE B 114 -4.46 -17.70 37.32
CA ILE B 114 -4.76 -17.45 38.72
C ILE B 114 -4.59 -18.77 39.47
N HIS B 115 -3.51 -18.87 40.23
CA HIS B 115 -3.19 -20.07 41.01
C HIS B 115 -2.16 -19.66 42.05
N GLU B 116 -1.76 -20.63 42.87
CA GLU B 116 -0.90 -20.34 44.03
C GLU B 116 0.40 -19.68 43.60
N ASN B 117 1.01 -20.15 42.51
CA ASN B 117 2.24 -19.57 41.99
C ASN B 117 2.00 -18.57 40.87
N GLY B 118 0.76 -18.20 40.62
CA GLY B 118 0.44 -17.28 39.55
C GLY B 118 -0.03 -15.92 40.04
N ALA B 119 -0.96 -15.33 39.31
CA ALA B 119 -1.46 -13.99 39.61
C ALA B 119 -2.76 -14.07 40.40
N LYS B 120 -3.26 -12.89 40.79
CA LYS B 120 -4.52 -12.78 41.50
C LYS B 120 -5.69 -12.36 40.61
N LYS B 121 -5.44 -11.55 39.57
CA LYS B 121 -6.47 -10.99 38.72
C LYS B 121 -5.94 -10.90 37.30
N VAL B 122 -6.87 -10.90 36.33
CA VAL B 122 -6.54 -10.83 34.90
C VAL B 122 -7.43 -9.79 34.24
N VAL B 123 -6.82 -8.93 33.42
CA VAL B 123 -7.56 -8.05 32.51
C VAL B 123 -7.33 -8.58 31.10
N ILE B 124 -8.41 -9.05 30.46
CA ILE B 124 -8.34 -9.51 29.08
C ILE B 124 -8.40 -8.29 28.16
N THR B 125 -7.43 -8.19 27.25
CA THR B 125 -7.35 -7.08 26.29
C THR B 125 -8.23 -7.28 25.06
N ALA B 126 -9.44 -7.78 25.25
CA ALA B 126 -10.34 -8.16 24.16
C ALA B 126 -11.68 -8.51 24.79
N PRO B 127 -12.75 -8.65 24.00
CA PRO B 127 -13.99 -9.20 24.54
C PRO B 127 -13.70 -10.55 25.20
N GLY B 128 -14.35 -10.79 26.33
CA GLY B 128 -14.05 -11.97 27.10
C GLY B 128 -15.25 -12.85 27.40
N GLY B 129 -16.34 -12.64 26.69
CA GLY B 129 -17.56 -13.38 26.89
C GLY B 129 -18.57 -12.60 27.71
N ASN B 130 -19.81 -13.14 27.74
CA ASN B 130 -20.91 -12.45 28.41
C ASN B 130 -20.85 -12.53 29.92
N ASP B 131 -19.96 -13.34 30.49
CA ASP B 131 -19.95 -13.59 31.93
C ASP B 131 -18.75 -12.97 32.64
N VAL B 132 -18.04 -12.04 31.99
CA VAL B 132 -17.03 -11.24 32.66
C VAL B 132 -17.41 -9.78 32.49
N LYS B 133 -17.21 -9.00 33.54
CA LYS B 133 -17.47 -7.57 33.46
C LYS B 133 -16.61 -6.97 32.36
N THR B 134 -17.24 -6.16 31.52
CA THR B 134 -16.61 -5.62 30.33
C THR B 134 -16.67 -4.11 30.46
N VAL B 135 -15.51 -3.46 30.42
CA VAL B 135 -15.38 -2.08 30.86
C VAL B 135 -14.80 -1.22 29.73
N VAL B 136 -15.50 -0.13 29.43
CA VAL B 136 -15.01 0.98 28.63
C VAL B 136 -14.77 2.13 29.58
N PHE B 137 -13.52 2.51 29.77
CA PHE B 137 -13.23 3.53 30.77
C PHE B 137 -13.96 4.82 30.42
N ASN B 138 -14.53 5.46 31.44
CA ASN B 138 -15.33 6.68 31.35
C ASN B 138 -16.69 6.48 30.71
N THR B 139 -17.08 5.25 30.39
CA THR B 139 -18.46 4.92 30.08
C THR B 139 -19.09 4.06 31.16
N ASN B 140 -18.37 3.04 31.66
CA ASN B 140 -18.99 2.19 32.68
C ASN B 140 -17.97 1.60 33.66
N HIS B 141 -16.83 2.26 33.90
CA HIS B 141 -15.89 1.66 34.84
C HIS B 141 -16.40 1.66 36.28
N ASP B 142 -17.49 2.37 36.56
CA ASP B 142 -18.06 2.32 37.90
C ASP B 142 -18.69 0.96 38.24
N ILE B 143 -18.81 0.05 37.27
CA ILE B 143 -19.33 -1.28 37.60
C ILE B 143 -18.31 -2.11 38.35
N LEU B 144 -17.04 -1.71 38.38
CA LEU B 144 -16.02 -2.45 39.08
C LEU B 144 -16.07 -2.14 40.56
N ASP B 145 -15.84 -3.17 41.39
CA ASP B 145 -15.69 -2.97 42.83
C ASP B 145 -14.35 -3.45 43.36
N GLY B 146 -13.52 -4.05 42.51
CA GLY B 146 -12.20 -4.51 42.92
C GLY B 146 -12.13 -5.97 43.34
N THR B 147 -13.26 -6.63 43.56
CA THR B 147 -13.27 -8.04 43.94
C THR B 147 -13.23 -9.00 42.76
N GLU B 148 -13.41 -8.49 41.54
CA GLU B 148 -13.43 -9.34 40.36
C GLU B 148 -12.08 -10.02 40.16
N THR B 149 -12.11 -11.23 39.62
CA THR B 149 -10.89 -11.95 39.28
C THR B 149 -10.50 -11.81 37.82
N VAL B 150 -11.48 -11.77 36.91
CA VAL B 150 -11.23 -11.60 35.49
C VAL B 150 -12.20 -10.55 34.98
N ILE B 151 -11.65 -9.51 34.34
CA ILE B 151 -12.47 -8.50 33.67
C ILE B 151 -11.94 -8.36 32.24
N SER B 152 -12.75 -7.68 31.42
CA SER B 152 -12.44 -7.43 30.02
C SER B 152 -12.39 -5.94 29.76
N GLY B 153 -11.41 -5.52 28.97
CA GLY B 153 -11.36 -4.16 28.49
C GLY B 153 -12.11 -3.94 27.20
N ALA B 154 -12.92 -4.91 26.77
CA ALA B 154 -13.68 -4.85 25.53
C ALA B 154 -12.74 -4.82 24.31
N SER B 155 -13.27 -4.45 23.16
CA SER B 155 -12.46 -4.33 21.96
C SER B 155 -12.18 -2.86 21.66
N CYS B 156 -11.29 -2.64 20.69
CA CYS B 156 -11.06 -1.29 20.17
C CYS B 156 -12.36 -0.67 19.67
N THR B 157 -13.13 -1.40 18.87
CA THR B 157 -14.35 -0.85 18.31
C THR B 157 -15.36 -0.53 19.40
N THR B 158 -15.45 -1.37 20.44
CA THR B 158 -16.37 -1.08 21.53
C THR B 158 -15.99 0.22 22.23
N ASN B 159 -14.70 0.46 22.43
CA ASN B 159 -14.28 1.70 23.09
C ASN B 159 -14.54 2.91 22.22
N CYS B 160 -14.54 2.75 20.90
CA CYS B 160 -14.91 3.85 20.02
C CYS B 160 -16.42 4.09 20.04
N LEU B 161 -17.19 3.00 19.88
CA LEU B 161 -18.63 3.11 19.70
C LEU B 161 -19.33 3.52 20.98
N ALA B 162 -18.85 3.04 22.12
CA ALA B 162 -19.62 3.18 23.36
C ALA B 162 -19.91 4.63 23.76
N PRO B 163 -18.94 5.53 23.88
CA PRO B 163 -19.30 6.90 24.30
C PRO B 163 -20.19 7.60 23.29
N MET B 164 -20.06 7.25 22.02
CA MET B 164 -20.88 7.88 20.99
C MET B 164 -22.32 7.39 21.09
N ALA B 165 -22.50 6.07 21.23
CA ALA B 165 -23.85 5.54 21.38
C ALA B 165 -24.47 5.97 22.69
N LYS B 166 -23.68 6.02 23.76
CA LYS B 166 -24.22 6.46 25.06
C LYS B 166 -24.70 7.91 24.99
N ALA B 167 -23.97 8.78 24.29
CA ALA B 167 -24.40 10.17 24.18
C ALA B 167 -25.71 10.28 23.40
N LEU B 168 -25.88 9.47 22.35
CA LEU B 168 -27.17 9.45 21.67
C LEU B 168 -28.27 8.95 22.59
N GLN B 169 -28.00 7.90 23.36
CA GLN B 169 -29.02 7.34 24.24
C GLN B 169 -29.43 8.33 25.32
N ASP B 170 -28.44 8.97 25.95
CA ASP B 170 -28.73 9.89 27.06
C ASP B 170 -29.47 11.14 26.59
N ASN B 171 -29.16 11.64 25.40
CA ASN B 171 -29.75 12.88 24.93
C ASN B 171 -31.06 12.69 24.17
N PHE B 172 -31.16 11.63 23.37
CA PHE B 172 -32.25 11.48 22.42
C PHE B 172 -32.99 10.16 22.51
N GLY B 173 -32.37 9.11 23.06
CA GLY B 173 -32.95 7.79 23.08
C GLY B 173 -32.73 7.07 21.76
N VAL B 174 -32.17 5.86 21.80
CA VAL B 174 -31.87 5.10 20.60
C VAL B 174 -32.94 4.03 20.44
N LYS B 175 -33.51 3.94 19.23
CA LYS B 175 -34.40 2.83 18.91
C LYS B 175 -33.61 1.62 18.43
N GLN B 176 -32.86 1.78 17.33
CA GLN B 176 -32.00 0.72 16.82
C GLN B 176 -30.91 1.37 15.98
N GLY B 177 -29.88 0.59 15.62
CA GLY B 177 -28.86 1.13 14.76
C GLY B 177 -27.96 0.06 14.19
N LEU B 178 -27.30 0.40 13.10
CA LEU B 178 -26.33 -0.46 12.44
C LEU B 178 -25.02 0.30 12.29
N MET B 179 -23.92 -0.39 12.55
CA MET B 179 -22.58 0.18 12.57
CA MET B 179 -22.62 0.25 12.49
C MET B 179 -21.71 -0.47 11.50
N THR B 180 -20.87 0.33 10.84
CA THR B 180 -19.78 -0.20 10.02
C THR B 180 -18.50 0.44 10.52
N THR B 181 -17.51 -0.37 10.86
CA THR B 181 -16.18 0.16 11.13
C THR B 181 -15.26 -0.09 9.94
N ILE B 182 -14.65 0.98 9.45
CA ILE B 182 -13.63 0.92 8.41
C ILE B 182 -12.31 0.90 9.18
N HIS B 183 -11.65 -0.26 9.19
CA HIS B 183 -10.69 -0.61 10.22
C HIS B 183 -9.36 -1.01 9.59
N ALA B 184 -8.25 -0.59 10.22
CA ALA B 184 -6.93 -1.00 9.80
C ALA B 184 -6.81 -2.53 9.80
N TYR B 185 -5.91 -3.03 8.96
CA TYR B 185 -5.65 -4.46 9.05
C TYR B 185 -4.93 -4.75 10.37
N THR B 186 -5.04 -5.98 10.86
CA THR B 186 -4.37 -6.37 12.09
C THR B 186 -3.58 -7.66 11.87
N GLY B 187 -2.85 -8.04 12.92
CA GLY B 187 -1.97 -9.20 12.84
C GLY B 187 -2.67 -10.52 12.63
N ASP B 188 -3.99 -10.58 12.77
CA ASP B 188 -4.71 -11.81 12.51
C ASP B 188 -5.04 -12.02 11.04
N GLN B 189 -4.84 -11.01 10.20
CA GLN B 189 -4.98 -11.20 8.77
C GLN B 189 -3.66 -11.68 8.17
N MET B 190 -3.75 -12.40 7.06
CA MET B 190 -2.56 -12.89 6.38
C MET B 190 -1.88 -11.79 5.58
N ILE B 191 -0.53 -11.82 5.58
CA ILE B 191 0.19 -10.81 4.78
C ILE B 191 0.00 -11.06 3.30
N LEU B 192 -0.06 -12.33 2.89
CA LEU B 192 -0.40 -12.71 1.53
C LEU B 192 -1.37 -13.88 1.62
N ASP B 193 -2.12 -14.11 0.54
CA ASP B 193 -3.19 -15.10 0.55
C ASP B 193 -2.67 -16.45 1.04
N GLY B 194 -3.29 -16.98 2.10
CA GLY B 194 -2.88 -18.28 2.61
C GLY B 194 -3.85 -18.76 3.66
N PRO B 195 -3.66 -19.99 4.14
CA PRO B 195 -4.64 -20.58 5.06
C PRO B 195 -4.66 -19.82 6.38
N HIS B 196 -5.81 -19.24 6.68
CA HIS B 196 -5.99 -18.56 7.96
C HIS B 196 -6.26 -19.61 9.02
N ARG B 197 -5.51 -19.53 10.13
CA ARG B 197 -5.59 -20.60 11.13
C ARG B 197 -6.98 -20.74 11.72
N GLY B 198 -7.74 -19.66 11.80
CA GLY B 198 -9.11 -19.71 12.28
C GLY B 198 -10.16 -20.07 11.26
N GLY B 199 -9.77 -20.38 10.02
CA GLY B 199 -10.72 -20.76 8.99
C GLY B 199 -11.49 -19.63 8.34
N ASP B 200 -11.11 -18.37 8.58
CA ASP B 200 -11.82 -17.23 8.02
C ASP B 200 -11.33 -17.01 6.59
N LEU B 201 -12.22 -17.23 5.61
CA LEU B 201 -11.86 -17.14 4.19
C LEU B 201 -11.52 -15.72 3.75
N ARG B 202 -11.90 -14.72 4.52
CA ARG B 202 -11.57 -13.33 4.22
C ARG B 202 -10.31 -12.86 4.93
N ARG B 203 -10.09 -13.29 6.18
CA ARG B 203 -8.81 -13.00 6.81
C ARG B 203 -7.67 -13.79 6.21
N ALA B 204 -7.98 -14.81 5.38
CA ALA B 204 -6.98 -15.53 4.63
C ALA B 204 -6.33 -14.68 3.54
N ARG B 205 -6.95 -13.56 3.18
CA ARG B 205 -6.48 -12.79 2.04
C ARG B 205 -5.46 -11.73 2.45
N ALA B 206 -4.62 -11.33 1.50
CA ALA B 206 -3.60 -10.32 1.71
C ALA B 206 -4.18 -9.05 2.34
N GLY B 207 -3.82 -8.75 3.59
CA GLY B 207 -4.56 -7.73 4.33
C GLY B 207 -4.18 -6.33 3.93
N ALA B 208 -2.98 -6.13 3.39
CA ALA B 208 -2.54 -4.79 3.00
C ALA B 208 -2.80 -4.52 1.53
N ALA B 209 -3.58 -5.36 0.86
CA ALA B 209 -3.84 -5.22 -0.56
C ALA B 209 -5.31 -5.35 -0.93
N ASN B 210 -6.22 -5.31 0.05
CA ASN B 210 -7.64 -5.56 -0.19
C ASN B 210 -8.49 -4.80 0.80
N ILE B 211 -9.70 -4.47 0.36
CA ILE B 211 -10.84 -4.20 1.23
C ILE B 211 -11.43 -5.56 1.60
N VAL B 212 -11.49 -5.85 2.90
CA VAL B 212 -11.82 -7.18 3.40
C VAL B 212 -13.00 -7.09 4.36
N PRO B 213 -14.20 -7.51 3.97
CA PRO B 213 -15.32 -7.51 4.92
C PRO B 213 -15.05 -8.47 6.07
N ASN B 214 -15.59 -8.16 7.25
CA ASN B 214 -15.39 -9.11 8.34
C ASN B 214 -16.43 -8.85 9.43
N SER B 215 -16.73 -9.89 10.20
CA SER B 215 -17.66 -9.73 11.30
C SER B 215 -16.99 -9.02 12.48
N THR B 216 -17.81 -8.35 13.30
CA THR B 216 -17.35 -7.82 14.58
C THR B 216 -18.50 -7.91 15.56
N GLY B 217 -18.18 -8.18 16.82
CA GLY B 217 -19.19 -8.29 17.85
C GLY B 217 -19.45 -7.02 18.61
N ALA B 218 -18.81 -5.91 18.24
CA ALA B 218 -18.82 -4.72 19.09
C ALA B 218 -20.22 -4.18 19.29
N ALA B 219 -21.01 -4.11 18.23
CA ALA B 219 -22.35 -3.57 18.35
C ALA B 219 -23.29 -4.59 19.00
N LYS B 220 -23.16 -5.86 18.63
CA LYS B 220 -24.06 -6.90 19.14
C LYS B 220 -23.93 -7.05 20.64
N ALA B 221 -22.74 -6.80 21.18
CA ALA B 221 -22.46 -7.00 22.60
C ALA B 221 -22.47 -5.68 23.39
N ILE B 222 -22.97 -4.60 22.79
CA ILE B 222 -22.90 -3.29 23.44
C ILE B 222 -23.63 -3.30 24.77
N GLY B 223 -24.58 -4.23 24.96
CA GLY B 223 -25.35 -4.25 26.20
C GLY B 223 -24.53 -4.59 27.43
N LEU B 224 -23.37 -5.21 27.24
CA LEU B 224 -22.47 -5.47 28.37
C LEU B 224 -21.90 -4.18 28.93
N VAL B 225 -21.88 -3.11 28.13
CA VAL B 225 -21.32 -1.84 28.54
C VAL B 225 -22.41 -0.80 28.80
N ILE B 226 -23.44 -0.79 27.96
CA ILE B 226 -24.57 0.13 28.05
C ILE B 226 -25.83 -0.72 28.08
N PRO B 227 -26.30 -1.15 29.26
CA PRO B 227 -27.43 -2.08 29.31
C PRO B 227 -28.69 -1.60 28.60
N GLU B 228 -28.95 -0.30 28.58
CA GLU B 228 -30.16 0.20 27.94
C GLU B 228 -30.14 0.05 26.43
N LEU B 229 -28.98 -0.29 25.86
CA LEU B 229 -28.86 -0.55 24.43
C LEU B 229 -28.75 -2.03 24.10
N ASN B 230 -29.01 -2.90 25.08
CA ASN B 230 -28.93 -4.34 24.82
C ASN B 230 -29.84 -4.72 23.67
N GLY B 231 -29.26 -5.42 22.68
CA GLY B 231 -30.00 -5.91 21.54
C GLY B 231 -30.36 -4.87 20.50
N LYS B 232 -29.97 -3.60 20.68
CA LYS B 232 -30.43 -2.54 19.79
C LYS B 232 -29.49 -2.27 18.63
N LEU B 233 -28.24 -2.71 18.69
CA LEU B 233 -27.24 -2.39 17.68
C LEU B 233 -26.67 -3.66 17.05
N ASP B 234 -26.37 -3.59 15.76
CA ASP B 234 -25.63 -4.64 15.07
C ASP B 234 -24.62 -3.97 14.16
N GLY B 235 -23.70 -4.76 13.61
CA GLY B 235 -22.68 -4.12 12.81
C GLY B 235 -21.76 -5.11 12.13
N ALA B 236 -20.77 -4.55 11.45
CA ALA B 236 -19.80 -5.32 10.68
C ALA B 236 -18.60 -4.41 10.42
N ALA B 237 -17.58 -4.98 9.79
CA ALA B 237 -16.34 -4.25 9.52
C ALA B 237 -15.94 -4.38 8.06
N GLN B 238 -15.17 -3.39 7.60
CA GLN B 238 -14.39 -3.47 6.38
C GLN B 238 -12.95 -3.19 6.76
N ARG B 239 -12.10 -4.21 6.67
CA ARG B 239 -10.67 -4.04 6.94
C ARG B 239 -9.99 -3.51 5.69
N VAL B 240 -9.15 -2.48 5.84
CA VAL B 240 -8.61 -1.80 4.67
C VAL B 240 -7.12 -1.56 4.87
N PRO B 241 -6.37 -1.22 3.76
CA PRO B 241 -4.89 -1.20 3.87
C PRO B 241 -4.26 0.04 4.51
N VAL B 242 -4.53 0.25 5.80
CA VAL B 242 -3.67 1.09 6.63
C VAL B 242 -3.22 0.23 7.81
N PRO B 243 -1.98 0.40 8.29
CA PRO B 243 -1.45 -0.51 9.33
C PRO B 243 -1.94 -0.19 10.72
N THR B 244 -2.50 1.00 10.96
CA THR B 244 -3.27 1.25 12.17
C THR B 244 -4.11 2.50 11.91
N GLY B 245 -5.19 2.62 12.67
CA GLY B 245 -6.12 3.74 12.51
C GLY B 245 -7.43 3.28 11.90
N SER B 246 -8.55 3.66 12.50
CA SER B 246 -9.86 3.12 12.17
C SER B 246 -10.93 4.19 12.40
N VAL B 247 -12.14 3.91 11.90
CA VAL B 247 -13.25 4.85 12.05
C VAL B 247 -14.55 4.04 12.13
N THR B 248 -15.44 4.45 13.04
CA THR B 248 -16.73 3.77 13.25
C THR B 248 -17.86 4.69 12.79
N GLU B 249 -18.71 4.19 11.89
CA GLU B 249 -19.92 4.89 11.47
C GLU B 249 -21.12 4.18 12.08
N LEU B 250 -22.05 4.95 12.67
CA LEU B 250 -23.27 4.41 13.21
C LEU B 250 -24.46 5.12 12.58
N VAL B 251 -25.39 4.33 12.05
CA VAL B 251 -26.65 4.85 11.49
C VAL B 251 -27.76 4.39 12.41
N ALA B 252 -28.52 5.33 12.99
CA ALA B 252 -29.47 4.99 14.02
C ALA B 252 -30.80 5.71 13.83
N THR B 253 -31.85 5.09 14.36
CA THR B 253 -33.12 5.76 14.59
C THR B 253 -33.22 6.12 16.07
N LEU B 254 -33.79 7.30 16.34
CA LEU B 254 -33.83 7.87 17.68
C LEU B 254 -35.27 8.09 18.11
N GLU B 255 -35.46 8.28 19.41
CA GLU B 255 -36.79 8.50 19.96
C GLU B 255 -37.27 9.94 19.84
N LYS B 256 -36.41 10.86 19.41
CA LYS B 256 -36.76 12.27 19.25
C LYS B 256 -36.17 12.80 17.96
N ASP B 257 -36.85 13.77 17.36
CA ASP B 257 -36.31 14.48 16.21
C ASP B 257 -35.10 15.31 16.64
N VAL B 258 -34.09 15.37 15.75
CA VAL B 258 -32.86 16.11 16.03
C VAL B 258 -32.41 16.83 14.76
N THR B 259 -31.51 17.79 14.95
CA THR B 259 -30.78 18.42 13.86
C THR B 259 -29.31 18.04 13.96
N VAL B 260 -28.58 18.25 12.86
CA VAL B 260 -27.14 18.02 12.86
C VAL B 260 -26.49 18.82 13.98
N GLU B 261 -26.87 20.09 14.12
CA GLU B 261 -26.28 20.94 15.14
C GLU B 261 -26.54 20.38 16.54
N GLU B 262 -27.75 19.89 16.78
CA GLU B 262 -28.06 19.32 18.10
C GLU B 262 -27.26 18.06 18.38
N VAL B 263 -27.07 17.22 17.36
CA VAL B 263 -26.29 16.00 17.55
C VAL B 263 -24.84 16.34 17.88
N ASN B 264 -24.24 17.23 17.08
CA ASN B 264 -22.86 17.63 17.32
C ASN B 264 -22.69 18.25 18.68
N ALA B 265 -23.65 19.10 19.09
CA ALA B 265 -23.52 19.76 20.39
C ALA B 265 -23.60 18.75 21.52
N ALA B 266 -24.44 17.72 21.37
CA ALA B 266 -24.54 16.68 22.38
C ALA B 266 -23.23 15.92 22.52
N MET B 267 -22.54 15.66 21.40
CA MET B 267 -21.26 14.98 21.48
C MET B 267 -20.22 15.86 22.16
N LYS B 268 -20.16 17.14 21.79
CA LYS B 268 -19.21 18.05 22.42
C LYS B 268 -19.43 18.12 23.92
N ALA B 269 -20.70 18.15 24.35
CA ALA B 269 -21.00 18.22 25.78
C ALA B 269 -20.58 16.94 26.50
N ALA B 270 -20.45 15.82 25.78
CA ALA B 270 -20.03 14.56 26.38
C ALA B 270 -18.53 14.33 26.34
N ALA B 271 -17.77 15.29 25.82
CA ALA B 271 -16.33 15.10 25.65
C ALA B 271 -15.60 15.06 26.99
N ASN B 272 -14.58 14.22 27.06
CA ASN B 272 -13.76 14.05 28.27
C ASN B 272 -12.42 13.43 27.84
N ASP B 273 -11.67 12.90 28.81
CA ASP B 273 -10.36 12.35 28.49
C ASP B 273 -10.47 11.15 27.56
N SER B 274 -11.59 10.44 27.58
CA SER B 274 -11.78 9.26 26.75
C SER B 274 -12.48 9.54 25.44
N TYR B 275 -13.34 10.55 25.38
CA TYR B 275 -14.15 10.86 24.21
C TYR B 275 -13.81 12.26 23.76
N GLY B 276 -13.10 12.39 22.64
CA GLY B 276 -12.74 13.69 22.10
C GLY B 276 -13.76 14.17 21.07
N TYR B 277 -13.60 15.44 20.69
CA TYR B 277 -14.48 16.11 19.73
C TYR B 277 -13.61 16.91 18.77
N THR B 278 -13.89 16.79 17.48
CA THR B 278 -13.22 17.64 16.50
C THR B 278 -14.19 18.09 15.41
N GLU B 279 -13.93 19.29 14.90
CA GLU B 279 -14.58 19.82 13.71
C GLU B 279 -13.61 20.00 12.55
N ASP B 280 -12.34 19.50 12.68
CA ASP B 280 -11.39 19.59 11.58
C ASP B 280 -11.53 18.37 10.66
N PRO B 281 -11.41 18.56 9.37
CA PRO B 281 -11.55 17.45 8.41
C PRO B 281 -10.29 16.60 8.31
N ILE B 282 -10.04 15.83 9.37
CA ILE B 282 -8.87 14.97 9.47
C ILE B 282 -9.05 13.66 8.73
N VAL B 283 -7.95 12.90 8.63
CA VAL B 283 -7.92 11.58 8.02
C VAL B 283 -7.24 10.63 9.00
N SER B 284 -7.19 9.35 8.65
CA SER B 284 -6.79 8.34 9.64
C SER B 284 -5.39 8.58 10.21
N SER B 285 -4.42 9.03 9.40
CA SER B 285 -3.08 9.21 9.95
CA SER B 285 -3.08 9.20 9.95
C SER B 285 -3.05 10.24 11.06
N ASP B 286 -4.03 11.15 11.09
CA ASP B 286 -4.06 12.18 12.13
C ASP B 286 -4.49 11.64 13.47
N ILE B 287 -5.02 10.42 13.54
CA ILE B 287 -5.41 9.84 14.82
C ILE B 287 -4.47 8.74 15.31
N VAL B 288 -3.40 8.44 14.56
CA VAL B 288 -2.45 7.44 15.03
C VAL B 288 -1.76 7.97 16.28
N GLY B 289 -1.78 7.18 17.34
CA GLY B 289 -1.10 7.54 18.56
C GLY B 289 -1.89 8.38 19.54
N ILE B 290 -3.16 8.69 19.26
CA ILE B 290 -3.94 9.55 20.17
C ILE B 290 -4.31 8.82 21.45
N SER B 291 -4.65 9.60 22.48
CA SER B 291 -4.99 9.09 23.79
C SER B 291 -6.49 8.98 24.04
N TYR B 292 -7.33 9.56 23.19
CA TYR B 292 -8.77 9.34 23.31
C TYR B 292 -9.11 7.90 22.94
N GLY B 293 -10.10 7.32 23.63
CA GLY B 293 -10.65 6.05 23.17
C GLY B 293 -11.48 6.20 21.92
N SER B 294 -11.99 7.40 21.66
CA SER B 294 -12.94 7.65 20.59
C SER B 294 -12.86 9.15 20.32
N LEU B 295 -12.80 9.55 19.05
CA LEU B 295 -12.72 10.96 18.68
C LEU B 295 -13.85 11.28 17.71
N PHE B 296 -14.91 11.91 18.21
CA PHE B 296 -16.08 12.22 17.41
C PHE B 296 -15.73 13.26 16.34
N ASP B 297 -16.17 13.01 15.12
CA ASP B 297 -15.89 13.91 13.99
C ASP B 297 -17.20 14.56 13.54
N ALA B 298 -17.38 15.82 13.96
CA ALA B 298 -18.59 16.55 13.63
C ALA B 298 -18.75 16.80 12.13
N THR B 299 -17.66 16.72 11.35
CA THR B 299 -17.78 16.99 9.93
C THR B 299 -18.51 15.88 9.16
N GLN B 300 -18.69 14.72 9.77
CA GLN B 300 -19.29 13.58 9.09
C GLN B 300 -20.72 13.31 9.51
N THR B 301 -21.31 14.15 10.37
CA THR B 301 -22.65 13.89 10.86
C THR B 301 -23.70 14.13 9.77
N LYS B 302 -24.71 13.27 9.75
CA LYS B 302 -25.89 13.48 8.92
C LYS B 302 -27.15 13.27 9.76
N VAL B 303 -28.17 14.08 9.46
CA VAL B 303 -29.53 13.79 9.89
C VAL B 303 -30.39 13.91 8.65
N GLN B 304 -30.90 12.79 8.18
CA GLN B 304 -31.70 12.73 6.97
C GLN B 304 -33.16 12.60 7.36
N THR B 305 -33.98 13.55 6.92
CA THR B 305 -35.41 13.52 7.18
C THR B 305 -36.15 13.30 5.87
N VAL B 306 -36.92 12.21 5.79
CA VAL B 306 -37.73 11.87 4.63
C VAL B 306 -39.13 11.55 5.15
N ASP B 307 -40.12 12.34 4.72
CA ASP B 307 -41.50 12.15 5.16
C ASP B 307 -41.61 12.14 6.69
N GLY B 308 -40.87 13.02 7.34
CA GLY B 308 -40.91 13.16 8.78
C GLY B 308 -40.18 12.09 9.56
N ASN B 309 -39.53 11.13 8.90
CA ASN B 309 -38.76 10.10 9.58
C ASN B 309 -37.27 10.40 9.41
N GLN B 310 -36.49 10.15 10.47
CA GLN B 310 -35.07 10.51 10.49
C GLN B 310 -34.17 9.29 10.62
N LEU B 311 -33.10 9.28 9.83
CA LEU B 311 -31.92 8.44 10.06
C LEU B 311 -30.78 9.36 10.45
N VAL B 312 -30.04 8.99 11.49
CA VAL B 312 -28.99 9.81 12.03
C VAL B 312 -27.67 9.05 11.89
N LYS B 313 -26.68 9.69 11.31
CA LYS B 313 -25.36 9.10 11.11
C LYS B 313 -24.35 9.86 11.95
N VAL B 314 -23.62 9.14 12.80
CA VAL B 314 -22.57 9.72 13.62
C VAL B 314 -21.30 8.89 13.43
N VAL B 315 -20.16 9.55 13.42
CA VAL B 315 -18.88 8.93 13.05
C VAL B 315 -17.81 9.35 14.05
N SER B 316 -17.04 8.37 14.53
CA SER B 316 -15.94 8.64 15.44
CA SER B 316 -15.94 8.62 15.45
C SER B 316 -14.69 7.87 15.01
N TRP B 317 -13.55 8.53 15.13
CA TRP B 317 -12.25 7.95 14.84
C TRP B 317 -11.69 7.21 16.06
N TYR B 318 -10.79 6.26 15.79
CA TYR B 318 -10.04 5.64 16.88
C TYR B 318 -8.77 5.04 16.33
N ASP B 319 -7.66 5.22 17.04
CA ASP B 319 -6.50 4.40 16.73
C ASP B 319 -6.72 3.05 17.41
N ASN B 320 -7.08 2.03 16.63
CA ASN B 320 -7.35 0.73 17.22
C ASN B 320 -6.21 0.25 18.11
N GLU B 321 -4.98 0.70 17.85
CA GLU B 321 -3.86 0.45 18.75
C GLU B 321 -3.88 1.41 19.94
N MET B 322 -3.52 2.67 19.74
CA MET B 322 -3.27 3.53 20.91
C MET B 322 -4.53 3.98 21.61
N SER B 323 -5.65 4.17 20.90
CA SER B 323 -6.88 4.58 21.57
C SER B 323 -7.33 3.48 22.51
N TYR B 324 -7.32 2.24 22.03
CA TYR B 324 -7.69 1.12 22.87
C TYR B 324 -6.72 0.97 24.05
N THR B 325 -5.43 1.09 23.77
CA THR B 325 -4.42 0.89 24.80
C THR B 325 -4.55 1.95 25.89
N SER B 326 -4.83 3.19 25.49
CA SER B 326 -5.03 4.26 26.47
C SER B 326 -6.19 3.93 27.40
N GLN B 327 -7.31 3.48 26.82
CA GLN B 327 -8.45 3.05 27.60
C GLN B 327 -8.11 1.86 28.50
N LEU B 328 -7.41 0.87 27.95
CA LEU B 328 -7.05 -0.32 28.72
C LEU B 328 -6.21 0.06 29.93
N VAL B 329 -5.26 0.97 29.75
CA VAL B 329 -4.38 1.34 30.84
C VAL B 329 -5.12 2.22 31.87
N ARG B 330 -6.04 3.07 31.43
CA ARG B 330 -6.90 3.77 32.39
C ARG B 330 -7.68 2.77 33.23
N THR B 331 -8.24 1.74 32.60
CA THR B 331 -8.99 0.74 33.33
C THR B 331 -8.11 -0.06 34.27
N LEU B 332 -6.93 -0.46 33.80
CA LEU B 332 -6.00 -1.19 34.66
C LEU B 332 -5.62 -0.37 35.89
N GLU B 333 -5.29 0.91 35.67
CA GLU B 333 -4.89 1.80 36.78
C GLU B 333 -6.01 1.91 37.80
N TYR B 334 -7.24 2.14 37.33
CA TYR B 334 -8.39 2.25 38.22
C TYR B 334 -8.63 0.94 38.96
N PHE B 335 -8.65 -0.18 38.22
CA PHE B 335 -8.85 -1.50 38.81
C PHE B 335 -7.81 -1.80 39.88
N ALA B 336 -6.54 -1.49 39.60
CA ALA B 336 -5.48 -1.75 40.57
C ALA B 336 -5.70 -0.95 41.85
N LYS B 337 -6.14 0.30 41.72
CA LYS B 337 -6.30 1.16 42.88
C LYS B 337 -7.43 0.66 43.79
N ILE B 338 -8.53 0.19 43.19
CA ILE B 338 -9.66 -0.28 43.98
C ILE B 338 -9.59 -1.77 44.29
N ALA B 339 -8.57 -2.48 43.80
CA ALA B 339 -8.52 -3.93 43.89
C ALA B 339 -8.57 -4.41 45.34
N LYS B 340 -9.10 -5.62 45.52
CA LYS B 340 -9.27 -6.22 46.83
C LYS B 340 -9.23 -7.74 46.75
N MET C 5 2.30 -40.18 -22.76
CA MET C 5 2.71 -38.91 -23.32
C MET C 5 2.52 -37.76 -22.33
N VAL C 6 1.32 -37.63 -21.77
CA VAL C 6 1.08 -36.58 -20.77
C VAL C 6 1.92 -36.86 -19.52
N VAL C 7 2.57 -35.82 -19.01
CA VAL C 7 3.28 -35.90 -17.74
C VAL C 7 2.26 -35.64 -16.63
N LYS C 8 2.09 -36.61 -15.72
CA LYS C 8 1.14 -36.49 -14.63
C LYS C 8 1.89 -36.09 -13.36
N VAL C 9 1.52 -34.95 -12.80
CA VAL C 9 2.22 -34.32 -11.69
C VAL C 9 1.39 -34.46 -10.43
N GLY C 10 2.05 -34.73 -9.31
CA GLY C 10 1.45 -34.60 -7.99
C GLY C 10 2.05 -33.41 -7.30
N ILE C 11 1.22 -32.65 -6.58
CA ILE C 11 1.70 -31.48 -5.85
C ILE C 11 1.54 -31.75 -4.36
N ASN C 12 2.66 -31.71 -3.63
CA ASN C 12 2.63 -31.78 -2.18
C ASN C 12 2.86 -30.38 -1.65
N GLY C 13 1.82 -29.82 -1.04
CA GLY C 13 1.87 -28.45 -0.55
C GLY C 13 1.15 -27.49 -1.48
N PHE C 14 0.05 -26.90 -1.00
CA PHE C 14 -0.82 -26.06 -1.81
C PHE C 14 -0.81 -24.63 -1.28
N GLY C 15 0.39 -24.14 -0.96
CA GLY C 15 0.63 -22.73 -0.71
C GLY C 15 0.76 -21.98 -2.01
N ARG C 16 1.42 -20.81 -1.94
CA ARG C 16 1.53 -19.96 -3.13
C ARG C 16 2.10 -20.74 -4.31
N ILE C 17 3.22 -21.44 -4.09
CA ILE C 17 3.90 -22.11 -5.19
C ILE C 17 3.06 -23.26 -5.72
N GLY C 18 2.51 -24.09 -4.82
CA GLY C 18 1.71 -25.21 -5.29
C GLY C 18 0.47 -24.77 -6.06
N ARG C 19 -0.22 -23.74 -5.56
CA ARG C 19 -1.43 -23.28 -6.26
C ARG C 19 -1.10 -22.68 -7.60
N LEU C 20 -0.03 -21.86 -7.67
CA LEU C 20 0.32 -21.24 -8.94
C LEU C 20 0.86 -22.27 -9.92
N ALA C 21 1.55 -23.30 -9.42
CA ALA C 21 1.97 -24.39 -10.31
C ALA C 21 0.77 -25.10 -10.89
N PHE C 22 -0.24 -25.36 -10.06
CA PHE C 22 -1.47 -25.96 -10.57
C PHE C 22 -2.09 -25.08 -11.65
N ARG C 23 -2.20 -23.77 -11.39
CA ARG C 23 -2.78 -22.87 -12.39
C ARG C 23 -1.99 -22.90 -13.69
N ARG C 24 -0.66 -22.79 -13.59
CA ARG C 24 0.18 -22.75 -14.79
C ARG C 24 0.06 -24.05 -15.58
N ILE C 25 0.02 -25.19 -14.89
CA ILE C 25 -0.08 -26.48 -15.55
C ILE C 25 -1.36 -26.60 -16.38
N GLN C 26 -2.43 -25.89 -15.99
CA GLN C 26 -3.65 -25.90 -16.81
C GLN C 26 -3.43 -25.31 -18.20
N ASN C 27 -2.42 -24.47 -18.38
CA ASN C 27 -2.16 -23.83 -19.66
C ASN C 27 -1.02 -24.49 -20.43
N VAL C 28 -0.42 -25.55 -19.89
CA VAL C 28 0.67 -26.25 -20.53
C VAL C 28 0.09 -27.58 -20.99
N GLU C 29 -0.10 -27.73 -22.31
CA GLU C 29 -0.64 -28.97 -22.83
C GLU C 29 0.35 -30.10 -22.58
N GLY C 30 -0.16 -31.28 -22.26
CA GLY C 30 0.73 -32.41 -22.05
C GLY C 30 1.38 -32.46 -20.68
N VAL C 31 1.02 -31.56 -19.77
CA VAL C 31 1.30 -31.70 -18.34
C VAL C 31 -0.03 -31.52 -17.62
N GLU C 32 -0.30 -32.37 -16.63
CA GLU C 32 -1.55 -32.30 -15.87
C GLU C 32 -1.28 -32.67 -14.42
N VAL C 33 -2.06 -32.10 -13.52
CA VAL C 33 -2.00 -32.45 -12.10
C VAL C 33 -3.11 -33.45 -11.81
N THR C 34 -2.74 -34.61 -11.29
CA THR C 34 -3.73 -35.62 -10.98
C THR C 34 -3.82 -35.94 -9.49
N ARG C 35 -3.04 -35.27 -8.65
CA ARG C 35 -3.28 -35.37 -7.22
C ARG C 35 -2.63 -34.18 -6.51
N ILE C 36 -3.35 -33.63 -5.53
CA ILE C 36 -2.83 -32.60 -4.63
C ILE C 36 -2.86 -33.18 -3.23
N ASN C 37 -1.79 -32.98 -2.46
CA ASN C 37 -1.77 -33.37 -1.06
C ASN C 37 -1.42 -32.14 -0.22
N ASP C 38 -2.26 -31.85 0.78
CA ASP C 38 -2.05 -30.71 1.67
C ASP C 38 -2.90 -30.91 2.91
N LEU C 39 -2.39 -30.46 4.07
CA LEU C 39 -3.08 -30.71 5.33
C LEU C 39 -4.26 -29.76 5.58
N THR C 40 -4.37 -28.66 4.84
CA THR C 40 -5.40 -27.68 5.08
C THR C 40 -6.78 -28.16 4.61
N ASP C 41 -7.82 -27.78 5.37
CA ASP C 41 -9.23 -27.94 5.01
C ASP C 41 -9.39 -27.67 3.51
N PRO C 42 -9.91 -28.62 2.73
CA PRO C 42 -10.05 -28.37 1.28
C PRO C 42 -10.99 -27.23 0.93
N ASN C 43 -11.94 -26.87 1.80
CA ASN C 43 -12.77 -25.70 1.52
C ASN C 43 -11.94 -24.42 1.49
N MET C 44 -11.00 -24.29 2.43
CA MET C 44 -10.07 -23.16 2.40
C MET C 44 -9.18 -23.22 1.15
N LEU C 45 -8.67 -24.41 0.82
CA LEU C 45 -7.79 -24.53 -0.35
C LEU C 45 -8.52 -24.19 -1.64
N ALA C 46 -9.76 -24.69 -1.81
CA ALA C 46 -10.51 -24.37 -3.01
C ALA C 46 -10.75 -22.87 -3.15
N HIS C 47 -11.12 -22.21 -2.05
CA HIS C 47 -11.33 -20.77 -2.09
C HIS C 47 -10.07 -20.02 -2.49
N LEU C 48 -8.92 -20.42 -1.93
CA LEU C 48 -7.65 -19.80 -2.27
C LEU C 48 -7.25 -20.06 -3.72
N LEU C 49 -7.62 -21.23 -4.27
CA LEU C 49 -7.35 -21.49 -5.68
C LEU C 49 -8.22 -20.62 -6.58
N LYS C 50 -9.48 -20.40 -6.17
CA LYS C 50 -10.42 -19.64 -6.99
C LYS C 50 -10.05 -18.17 -7.06
N TYR C 51 -9.63 -17.60 -5.93
CA TYR C 51 -9.46 -16.15 -5.79
C TYR C 51 -8.06 -15.86 -5.31
N ASP C 52 -7.34 -15.04 -6.07
CA ASP C 52 -5.94 -14.77 -5.80
C ASP C 52 -5.72 -13.27 -5.91
N THR C 53 -5.25 -12.66 -4.81
CA THR C 53 -5.09 -11.20 -4.79
C THR C 53 -4.20 -10.70 -5.92
N THR C 54 -3.06 -11.35 -6.16
CA THR C 54 -2.12 -10.84 -7.15
C THR C 54 -2.20 -11.54 -8.49
N GLN C 55 -2.65 -12.79 -8.55
CA GLN C 55 -2.63 -13.54 -9.79
C GLN C 55 -4.00 -13.64 -10.44
N GLY C 56 -5.02 -13.02 -9.87
CA GLY C 56 -6.32 -12.92 -10.50
C GLY C 56 -7.21 -14.11 -10.23
N ARG C 57 -8.44 -14.00 -10.72
CA ARG C 57 -9.41 -15.07 -10.57
C ARG C 57 -8.97 -16.31 -11.36
N PHE C 58 -9.26 -17.48 -10.81
CA PHE C 58 -8.93 -18.72 -11.51
C PHE C 58 -9.61 -18.75 -12.87
N ASP C 59 -8.88 -19.22 -13.88
CA ASP C 59 -9.38 -19.32 -15.25
C ASP C 59 -10.20 -20.60 -15.36
N GLY C 60 -11.47 -20.51 -14.96
CA GLY C 60 -12.36 -21.63 -15.01
C GLY C 60 -13.11 -21.78 -13.71
N THR C 61 -13.49 -23.02 -13.39
CA THR C 61 -14.34 -23.29 -12.24
C THR C 61 -13.66 -24.27 -11.28
N VAL C 62 -13.91 -24.06 -9.99
CA VAL C 62 -13.43 -24.93 -8.92
C VAL C 62 -14.57 -25.16 -7.95
N GLU C 63 -14.89 -26.42 -7.68
CA GLU C 63 -15.87 -26.79 -6.68
C GLU C 63 -15.31 -27.88 -5.79
N VAL C 64 -15.61 -27.80 -4.50
CA VAL C 64 -15.23 -28.87 -3.57
C VAL C 64 -16.19 -30.03 -3.77
N LYS C 65 -15.63 -31.23 -3.93
CA LYS C 65 -16.40 -32.45 -3.98
C LYS C 65 -15.83 -33.41 -2.96
N GLU C 66 -16.60 -34.44 -2.63
CA GLU C 66 -16.07 -35.45 -1.73
C GLU C 66 -14.85 -36.10 -2.36
N GLY C 67 -13.72 -36.07 -1.64
CA GLY C 67 -12.48 -36.63 -2.11
C GLY C 67 -11.57 -35.70 -2.88
N GLY C 68 -12.02 -34.48 -3.19
CA GLY C 68 -11.14 -33.57 -3.90
C GLY C 68 -11.83 -32.34 -4.44
N PHE C 69 -11.45 -31.94 -5.64
CA PHE C 69 -12.05 -30.80 -6.31
C PHE C 69 -12.62 -31.26 -7.64
N GLU C 70 -13.63 -30.56 -8.12
CA GLU C 70 -13.98 -30.60 -9.53
C GLU C 70 -13.46 -29.31 -10.16
N VAL C 71 -12.45 -29.43 -11.01
CA VAL C 71 -11.82 -28.28 -11.65
C VAL C 71 -12.14 -28.34 -13.13
N ASN C 72 -12.82 -27.32 -13.64
CA ASN C 72 -13.20 -27.29 -15.05
C ASN C 72 -13.88 -28.57 -15.46
N GLY C 73 -14.78 -29.06 -14.60
CA GLY C 73 -15.59 -30.22 -14.87
C GLY C 73 -14.92 -31.55 -14.67
N GLN C 74 -13.72 -31.60 -14.11
CA GLN C 74 -12.99 -32.86 -13.95
C GLN C 74 -12.52 -33.01 -12.51
N PHE C 75 -12.64 -34.24 -12.00
CA PHE C 75 -12.24 -34.53 -10.63
C PHE C 75 -10.72 -34.48 -10.50
N VAL C 76 -10.24 -33.81 -9.45
CA VAL C 76 -8.83 -33.85 -9.05
C VAL C 76 -8.80 -34.30 -7.60
N LYS C 77 -8.11 -35.40 -7.32
CA LYS C 77 -8.03 -35.92 -5.97
C LYS C 77 -7.22 -34.97 -5.08
N VAL C 78 -7.73 -34.70 -3.88
CA VAL C 78 -7.02 -33.90 -2.88
C VAL C 78 -7.00 -34.73 -1.60
N SER C 79 -5.80 -35.02 -1.11
CA SER C 79 -5.60 -35.76 0.12
C SER C 79 -4.91 -34.88 1.16
N ALA C 80 -4.82 -35.41 2.39
CA ALA C 80 -4.31 -34.63 3.52
C ALA C 80 -3.38 -35.50 4.36
N GLU C 81 -2.40 -36.12 3.73
CA GLU C 81 -1.48 -37.03 4.42
C GLU C 81 -0.26 -36.27 4.93
N ARG C 82 0.05 -36.47 6.23
CA ARG C 82 1.26 -35.89 6.79
C ARG C 82 2.51 -36.59 6.30
N GLU C 83 2.43 -37.87 6.00
CA GLU C 83 3.61 -38.66 5.63
C GLU C 83 3.58 -39.02 4.15
N PRO C 84 4.61 -38.68 3.38
CA PRO C 84 4.64 -39.08 1.97
C PRO C 84 4.50 -40.57 1.72
N ALA C 85 4.99 -41.42 2.63
CA ALA C 85 4.81 -42.85 2.49
C ALA C 85 3.34 -43.23 2.34
N ASN C 86 2.43 -42.42 2.87
CA ASN C 86 1.01 -42.71 2.82
C ASN C 86 0.29 -42.03 1.67
N ILE C 87 1.00 -41.36 0.77
CA ILE C 87 0.40 -40.82 -0.43
C ILE C 87 0.63 -41.81 -1.56
N ASP C 88 -0.43 -42.47 -2.02
CA ASP C 88 -0.30 -43.45 -3.11
C ASP C 88 -0.39 -42.73 -4.46
N TRP C 89 0.65 -41.92 -4.71
CA TRP C 89 0.74 -41.13 -5.94
C TRP C 89 0.49 -41.98 -7.19
N ALA C 90 1.00 -43.22 -7.20
CA ALA C 90 0.92 -44.02 -8.42
C ALA C 90 -0.51 -44.40 -8.79
N THR C 91 -1.43 -44.39 -7.82
CA THR C 91 -2.82 -44.68 -8.12
C THR C 91 -3.36 -43.72 -9.16
N ASP C 92 -2.94 -42.46 -9.08
CA ASP C 92 -3.39 -41.40 -9.96
C ASP C 92 -2.44 -41.20 -11.15
N GLY C 93 -1.53 -42.14 -11.39
CA GLY C 93 -0.60 -42.05 -12.49
C GLY C 93 0.51 -41.04 -12.31
N VAL C 94 0.67 -40.50 -11.12
CA VAL C 94 1.69 -39.47 -10.87
C VAL C 94 3.06 -40.09 -11.01
N GLU C 95 3.86 -39.54 -11.92
CA GLU C 95 5.25 -39.96 -12.08
C GLU C 95 6.23 -39.04 -11.40
N ILE C 96 5.85 -37.79 -11.17
CA ILE C 96 6.77 -36.78 -10.64
C ILE C 96 6.00 -35.90 -9.66
N VAL C 97 6.63 -35.59 -8.53
CA VAL C 97 6.01 -34.80 -7.48
C VAL C 97 6.72 -33.46 -7.36
N LEU C 98 5.92 -32.39 -7.31
CA LEU C 98 6.42 -31.07 -6.93
C LEU C 98 6.30 -30.98 -5.42
N GLU C 99 7.45 -30.98 -4.73
CA GLU C 99 7.51 -30.97 -3.26
C GLU C 99 7.64 -29.53 -2.82
N ALA C 100 6.52 -28.96 -2.40
CA ALA C 100 6.37 -27.53 -2.17
C ALA C 100 5.87 -27.21 -0.78
N THR C 101 6.17 -28.06 0.20
CA THR C 101 5.76 -27.79 1.58
C THR C 101 6.84 -27.11 2.40
N GLY C 102 8.11 -27.21 1.98
CA GLY C 102 9.23 -26.79 2.79
C GLY C 102 9.70 -27.79 3.82
N PHE C 103 8.94 -28.86 4.08
CA PHE C 103 9.23 -29.80 5.14
C PHE C 103 10.01 -31.03 4.68
N PHE C 104 10.27 -31.18 3.40
CA PHE C 104 10.96 -32.34 2.86
C PHE C 104 12.09 -31.92 1.92
N ALA C 105 12.81 -30.86 2.28
CA ALA C 105 13.78 -30.23 1.38
C ALA C 105 15.19 -30.81 1.52
N SER C 106 15.29 -32.13 1.40
CA SER C 106 16.55 -32.85 1.39
C SER C 106 16.36 -34.09 0.54
N LYS C 107 17.47 -34.73 0.16
CA LYS C 107 17.34 -35.94 -0.65
C LYS C 107 16.59 -37.02 0.12
N GLU C 108 17.02 -37.28 1.36
CA GLU C 108 16.40 -38.35 2.14
C GLU C 108 14.94 -38.06 2.43
N LYS C 109 14.60 -36.81 2.75
CA LYS C 109 13.20 -36.49 3.07
C LYS C 109 12.33 -36.55 1.83
N ALA C 110 12.81 -35.98 0.71
CA ALA C 110 12.00 -35.94 -0.50
C ALA C 110 11.84 -37.33 -1.10
N GLU C 111 12.83 -38.21 -0.91
CA GLU C 111 12.70 -39.58 -1.38
C GLU C 111 11.61 -40.36 -0.67
N GLN C 112 11.04 -39.83 0.42
CA GLN C 112 9.88 -40.49 1.01
C GLN C 112 8.70 -40.57 0.06
N HIS C 113 8.66 -39.71 -0.97
CA HIS C 113 7.62 -39.80 -1.99
C HIS C 113 7.85 -40.95 -2.95
N ILE C 114 9.07 -41.50 -2.98
CA ILE C 114 9.46 -42.52 -3.94
C ILE C 114 9.36 -43.85 -3.20
N HIS C 115 8.24 -44.53 -3.37
CA HIS C 115 7.94 -45.74 -2.62
C HIS C 115 7.10 -46.66 -3.49
N GLU C 116 6.70 -47.80 -2.91
CA GLU C 116 6.06 -48.86 -3.67
C GLU C 116 4.78 -48.38 -4.36
N ASN C 117 4.08 -47.39 -3.78
CA ASN C 117 2.88 -46.84 -4.39
C ASN C 117 3.07 -45.38 -4.78
N GLY C 118 4.31 -44.91 -4.87
CA GLY C 118 4.60 -43.50 -4.95
C GLY C 118 5.05 -43.04 -6.32
N ALA C 119 5.76 -41.93 -6.34
CA ALA C 119 6.25 -41.32 -7.57
C ALA C 119 7.61 -41.90 -7.93
N LYS C 120 8.09 -41.56 -9.13
CA LYS C 120 9.43 -41.94 -9.58
C LYS C 120 10.46 -40.86 -9.32
N LYS C 121 10.05 -39.59 -9.35
CA LYS C 121 10.97 -38.45 -9.29
C LYS C 121 10.33 -37.33 -8.48
N VAL C 122 11.16 -36.46 -7.92
CA VAL C 122 10.69 -35.33 -7.11
C VAL C 122 11.48 -34.08 -7.49
N VAL C 123 10.78 -32.95 -7.60
CA VAL C 123 11.40 -31.63 -7.70
C VAL C 123 11.04 -30.86 -6.45
N ILE C 124 12.05 -30.47 -5.66
CA ILE C 124 11.86 -29.64 -4.47
CA ILE C 124 11.77 -29.64 -4.49
C ILE C 124 11.85 -28.17 -4.89
N THR C 125 10.94 -27.39 -4.32
CA THR C 125 10.82 -25.95 -4.60
C THR C 125 11.65 -25.13 -3.63
N ALA C 126 12.91 -25.53 -3.46
CA ALA C 126 13.83 -24.91 -2.50
C ALA C 126 15.20 -25.53 -2.72
N PRO C 127 16.26 -24.88 -2.22
CA PRO C 127 17.56 -25.55 -2.16
C PRO C 127 17.43 -26.90 -1.50
N GLY C 128 18.17 -27.88 -2.01
CA GLY C 128 17.95 -29.25 -1.59
C GLY C 128 19.06 -29.95 -0.86
N GLY C 129 20.24 -29.35 -0.78
CA GLY C 129 21.37 -30.00 -0.14
C GLY C 129 22.34 -30.60 -1.15
N ASN C 130 23.39 -31.21 -0.59
CA ASN C 130 24.62 -31.41 -1.36
C ASN C 130 24.50 -32.51 -2.42
N ASP C 131 23.61 -33.48 -2.20
CA ASP C 131 23.38 -34.59 -3.11
C ASP C 131 22.15 -34.38 -3.98
N VAL C 132 21.73 -33.13 -4.13
CA VAL C 132 20.53 -32.77 -4.89
C VAL C 132 20.96 -31.72 -5.90
N LYS C 133 20.93 -32.08 -7.18
CA LYS C 133 21.26 -31.14 -8.24
C LYS C 133 20.26 -29.98 -8.24
N THR C 134 20.78 -28.79 -8.54
CA THR C 134 19.98 -27.57 -8.57
C THR C 134 19.85 -27.17 -10.04
N VAL C 135 18.62 -27.08 -10.54
CA VAL C 135 18.37 -26.84 -11.96
C VAL C 135 17.56 -25.56 -12.15
N VAL C 136 18.09 -24.66 -12.98
CA VAL C 136 17.35 -23.52 -13.54
C VAL C 136 17.09 -23.87 -14.99
N PHE C 137 15.82 -24.08 -15.34
CA PHE C 137 15.53 -24.48 -16.71
C PHE C 137 16.05 -23.44 -17.70
N ASN C 138 16.67 -23.94 -18.77
CA ASN C 138 17.27 -23.18 -19.85
C ASN C 138 18.60 -22.52 -19.48
N THR C 139 19.07 -22.70 -18.26
CA THR C 139 20.45 -22.35 -17.89
C THR C 139 21.31 -23.57 -17.64
N ASN C 140 20.79 -24.59 -16.95
CA ASN C 140 21.63 -25.78 -16.71
C ASN C 140 20.81 -27.07 -16.65
N HIS C 141 19.64 -27.13 -17.30
CA HIS C 141 18.94 -28.40 -17.25
C HIS C 141 19.65 -29.51 -18.02
N ASP C 142 20.67 -29.16 -18.81
CA ASP C 142 21.49 -30.17 -19.48
C ASP C 142 22.30 -31.02 -18.50
N ILE C 143 22.39 -30.64 -17.22
CA ILE C 143 23.11 -31.49 -16.27
C ILE C 143 22.35 -32.75 -15.92
N LEU C 144 21.07 -32.84 -16.28
CA LEU C 144 20.27 -33.98 -15.88
C LEU C 144 20.50 -35.14 -16.85
N ASP C 145 20.68 -36.35 -16.30
CA ASP C 145 20.74 -37.55 -17.12
C ASP C 145 19.55 -38.47 -16.92
N GLY C 146 18.61 -38.11 -16.05
CA GLY C 146 17.40 -38.89 -15.86
C GLY C 146 17.49 -39.97 -14.81
N THR C 147 18.69 -40.27 -14.32
CA THR C 147 18.87 -41.24 -13.23
C THR C 147 18.73 -40.60 -11.86
N GLU C 148 18.65 -39.28 -11.78
CA GLU C 148 18.43 -38.61 -10.51
C GLU C 148 17.05 -38.97 -9.97
N THR C 149 16.94 -38.97 -8.64
CA THR C 149 15.66 -39.19 -7.99
C THR C 149 15.04 -37.86 -7.54
N VAL C 150 15.82 -37.04 -6.86
CA VAL C 150 15.37 -35.76 -6.32
C VAL C 150 16.26 -34.67 -6.90
N ILE C 151 15.64 -33.62 -7.46
CA ILE C 151 16.35 -32.41 -7.87
C ILE C 151 15.66 -31.20 -7.23
N SER C 152 16.36 -30.07 -7.27
CA SER C 152 15.84 -28.79 -6.79
C SER C 152 15.63 -27.87 -7.98
N GLY C 153 14.53 -27.13 -7.96
CA GLY C 153 14.27 -26.09 -8.93
C GLY C 153 14.86 -24.74 -8.55
N ALA C 154 15.77 -24.74 -7.57
CA ALA C 154 16.40 -23.54 -7.05
C ALA C 154 15.36 -22.61 -6.43
N SER C 155 15.68 -21.33 -6.33
CA SER C 155 14.81 -20.33 -5.72
C SER C 155 14.33 -19.36 -6.80
N CYS C 156 13.35 -18.53 -6.44
CA CYS C 156 12.88 -17.51 -7.37
C CYS C 156 14.01 -16.57 -7.78
N THR C 157 14.79 -16.08 -6.81
CA THR C 157 15.87 -15.15 -7.15
C THR C 157 16.94 -15.83 -8.00
N THR C 158 17.26 -17.10 -7.72
CA THR C 158 18.24 -17.80 -8.54
C THR C 158 17.76 -17.94 -9.99
N ASN C 159 16.46 -18.17 -10.19
CA ASN C 159 15.95 -18.29 -11.55
C ASN C 159 16.01 -16.95 -12.29
N CYS C 160 15.89 -15.83 -11.58
CA CYS C 160 16.09 -14.54 -12.22
C CYS C 160 17.56 -14.28 -12.54
N LEU C 161 18.43 -14.48 -11.54
CA LEU C 161 19.83 -14.12 -11.67
C LEU C 161 20.56 -14.99 -12.68
N ALA C 162 20.23 -16.29 -12.72
CA ALA C 162 21.10 -17.23 -13.44
C ALA C 162 21.26 -16.93 -14.93
N PRO C 163 20.21 -16.73 -15.73
CA PRO C 163 20.46 -16.49 -17.15
C PRO C 163 21.19 -15.19 -17.42
N MET C 164 20.98 -14.19 -16.58
CA MET C 164 21.69 -12.93 -16.74
C MET C 164 23.17 -13.11 -16.44
N ALA C 165 23.49 -13.75 -15.32
CA ALA C 165 24.89 -14.01 -14.98
C ALA C 165 25.55 -14.93 -16.00
N LYS C 166 24.83 -15.94 -16.47
CA LYS C 166 25.37 -16.86 -17.47
C LYS C 166 25.71 -16.14 -18.77
N ALA C 167 24.84 -15.22 -19.20
CA ALA C 167 25.13 -14.46 -20.42
C ALA C 167 26.38 -13.59 -20.26
N LEU C 168 26.54 -12.94 -19.10
CA LEU C 168 27.78 -12.19 -18.85
C LEU C 168 28.99 -13.11 -18.90
N GLN C 169 28.88 -14.28 -18.27
CA GLN C 169 30.01 -15.20 -18.21
C GLN C 169 30.36 -15.72 -19.60
N ASP C 170 29.35 -16.13 -20.37
CA ASP C 170 29.59 -16.73 -21.69
C ASP C 170 30.20 -15.74 -22.66
N ASN C 171 29.81 -14.47 -22.57
CA ASN C 171 30.23 -13.46 -23.53
C ASN C 171 31.49 -12.72 -23.13
N PHE C 172 31.62 -12.40 -21.84
CA PHE C 172 32.66 -11.48 -21.39
C PHE C 172 33.54 -12.02 -20.28
N GLY C 173 33.07 -13.01 -19.52
CA GLY C 173 33.82 -13.50 -18.38
C GLY C 173 33.58 -12.62 -17.16
N VAL C 174 33.14 -13.23 -16.06
CA VAL C 174 32.86 -12.50 -14.83
C VAL C 174 34.03 -12.68 -13.89
N LYS C 175 34.51 -11.58 -13.33
CA LYS C 175 35.51 -11.64 -12.27
C LYS C 175 34.83 -11.76 -10.90
N GLN C 176 34.00 -10.77 -10.55
CA GLN C 176 33.23 -10.85 -9.32
C GLN C 176 32.03 -9.93 -9.46
N GLY C 177 31.10 -10.06 -8.53
CA GLY C 177 29.94 -9.20 -8.57
C GLY C 177 29.10 -9.22 -7.31
N LEU C 178 28.33 -8.16 -7.12
CA LEU C 178 27.39 -8.04 -6.01
C LEU C 178 26.00 -7.77 -6.54
N MET C 179 25.01 -8.45 -5.96
CA MET C 179 23.62 -8.38 -6.37
C MET C 179 22.77 -7.75 -5.26
N THR C 180 21.81 -6.91 -5.65
CA THR C 180 20.74 -6.50 -4.77
C THR C 180 19.42 -6.82 -5.47
N THR C 181 18.56 -7.57 -4.79
CA THR C 181 17.21 -7.76 -5.29
C THR C 181 16.26 -6.86 -4.52
N ILE C 182 15.54 -6.03 -5.26
CA ILE C 182 14.48 -5.20 -4.70
C ILE C 182 13.21 -6.02 -4.88
N HIS C 183 12.71 -6.57 -3.78
CA HIS C 183 11.88 -7.77 -3.81
C HIS C 183 10.56 -7.51 -3.10
N ALA C 184 9.48 -8.05 -3.66
CA ALA C 184 8.17 -7.99 -3.02
C ALA C 184 8.23 -8.57 -1.61
N TYR C 185 7.35 -8.11 -0.74
CA TYR C 185 7.23 -8.79 0.54
C TYR C 185 6.68 -10.21 0.34
N THR C 186 6.96 -11.10 1.31
CA THR C 186 6.52 -12.48 1.19
C THR C 186 5.87 -12.93 2.50
N GLY C 187 5.33 -14.15 2.47
CA GLY C 187 4.58 -14.71 3.58
C GLY C 187 5.37 -14.95 4.83
N ASP C 188 6.70 -14.94 4.74
CA ASP C 188 7.52 -15.08 5.94
C ASP C 188 7.77 -13.77 6.68
N GLN C 189 7.38 -12.63 6.11
CA GLN C 189 7.41 -11.39 6.86
C GLN C 189 6.10 -11.23 7.62
N MET C 190 6.16 -10.48 8.72
CA MET C 190 4.98 -10.26 9.54
C MET C 190 4.13 -9.16 8.93
N ILE C 191 2.80 -9.33 8.99
CA ILE C 191 1.92 -8.29 8.47
C ILE C 191 2.04 -7.00 9.27
N LEU C 192 2.26 -7.12 10.59
CA LEU C 192 2.51 -5.98 11.46
C LEU C 192 3.63 -6.39 12.40
N ASP C 193 4.31 -5.40 12.97
CA ASP C 193 5.47 -5.69 13.84
C ASP C 193 5.11 -6.73 14.89
N GLY C 194 5.86 -7.82 14.93
CA GLY C 194 5.62 -8.81 15.94
C GLY C 194 6.70 -9.87 15.96
N PRO C 195 6.74 -10.71 16.99
CA PRO C 195 7.80 -11.72 17.07
C PRO C 195 7.82 -12.62 15.83
N HIS C 196 8.98 -12.71 15.21
CA HIS C 196 9.20 -13.54 14.04
C HIS C 196 9.71 -14.91 14.49
N ARG C 197 9.02 -15.98 14.08
CA ARG C 197 9.36 -17.30 14.58
C ARG C 197 10.79 -17.70 14.24
N GLY C 198 11.29 -17.25 13.09
CA GLY C 198 12.64 -17.58 12.67
C GLY C 198 13.73 -16.73 13.31
N GLY C 199 13.37 -15.78 14.17
CA GLY C 199 14.32 -14.95 14.87
C GLY C 199 14.87 -13.78 14.09
N ASP C 200 14.28 -13.46 12.94
CA ASP C 200 14.79 -12.39 12.08
C ASP C 200 14.17 -11.07 12.53
N LEU C 201 14.98 -10.17 13.07
CA LEU C 201 14.49 -8.91 13.62
C LEU C 201 13.99 -7.97 12.54
N ARG C 202 14.35 -8.21 11.29
CA ARG C 202 13.83 -7.41 10.19
C ARG C 202 12.56 -8.01 9.58
N ARG C 203 12.48 -9.34 9.45
CA ARG C 203 11.24 -9.98 9.01
C ARG C 203 10.16 -9.84 10.05
N ALA C 204 10.53 -9.49 11.29
CA ALA C 204 9.56 -9.20 12.33
C ALA C 204 8.75 -7.94 12.05
N ARG C 205 9.21 -7.08 11.13
CA ARG C 205 8.58 -5.78 10.94
C ARG C 205 7.47 -5.84 9.88
N ALA C 206 6.52 -4.91 10.01
CA ALA C 206 5.39 -4.80 9.09
C ALA C 206 5.86 -4.79 7.63
N GLY C 207 5.56 -5.86 6.88
CA GLY C 207 6.17 -6.02 5.58
C GLY C 207 5.61 -5.14 4.49
N ALA C 208 4.38 -4.67 4.63
CA ALA C 208 3.77 -3.81 3.63
C ALA C 208 3.88 -2.35 3.98
N ALA C 209 4.69 -2.00 4.98
CA ALA C 209 4.83 -0.63 5.43
C ALA C 209 6.29 -0.22 5.59
N ASN C 210 7.24 -0.99 5.06
CA ASN C 210 8.64 -0.72 5.30
C ASN C 210 9.47 -1.20 4.12
N ILE C 211 10.61 -0.51 3.91
CA ILE C 211 11.74 -1.08 3.20
C ILE C 211 12.54 -1.90 4.22
N VAL C 212 12.70 -3.19 3.94
CA VAL C 212 13.24 -4.14 4.92
C VAL C 212 14.46 -4.84 4.33
N PRO C 213 15.69 -4.54 4.78
CA PRO C 213 16.86 -5.29 4.28
C PRO C 213 16.76 -6.74 4.71
N ASN C 214 17.32 -7.63 3.89
CA ASN C 214 17.32 -9.02 4.29
C ASN C 214 18.39 -9.78 3.52
N SER C 215 18.72 -10.96 4.04
CA SER C 215 19.73 -11.77 3.40
C SER C 215 19.11 -12.61 2.28
N THR C 216 19.97 -13.06 1.37
CA THR C 216 19.55 -13.94 0.29
C THR C 216 20.71 -14.86 -0.01
N GLY C 217 20.41 -16.11 -0.34
CA GLY C 217 21.45 -17.06 -0.67
C GLY C 217 21.69 -17.26 -2.15
N ALA C 218 20.97 -16.55 -3.02
CA ALA C 218 21.02 -16.87 -4.43
C ALA C 218 22.41 -16.62 -5.02
N ALA C 219 23.00 -15.47 -4.73
CA ALA C 219 24.28 -15.14 -5.35
C ALA C 219 25.40 -16.04 -4.81
N LYS C 220 25.44 -16.26 -3.50
CA LYS C 220 26.54 -17.05 -2.93
C LYS C 220 26.49 -18.52 -3.36
N ALA C 221 25.32 -19.01 -3.78
CA ALA C 221 25.16 -20.39 -4.19
C ALA C 221 25.07 -20.55 -5.71
N ILE C 222 25.35 -19.49 -6.47
CA ILE C 222 25.17 -19.50 -7.92
C ILE C 222 26.02 -20.58 -8.56
N GLY C 223 27.11 -20.98 -7.91
CA GLY C 223 27.99 -21.99 -8.45
C GLY C 223 27.33 -23.33 -8.62
N LEU C 224 26.23 -23.59 -7.91
CA LEU C 224 25.53 -24.85 -8.11
C LEU C 224 24.87 -24.90 -9.48
N VAL C 225 24.51 -23.74 -10.04
CA VAL C 225 23.85 -23.66 -11.33
C VAL C 225 24.82 -23.30 -12.45
N ILE C 226 25.78 -22.43 -12.15
CA ILE C 226 26.81 -22.01 -13.09
C ILE C 226 28.15 -22.26 -12.41
N PRO C 227 28.72 -23.46 -12.56
CA PRO C 227 29.93 -23.78 -11.77
C PRO C 227 31.11 -22.84 -12.00
N GLU C 228 31.23 -22.25 -13.19
CA GLU C 228 32.28 -21.27 -13.46
C GLU C 228 32.20 -20.06 -12.52
N LEU C 229 31.03 -19.79 -11.95
CA LEU C 229 30.82 -18.64 -11.09
C LEU C 229 30.89 -18.98 -9.60
N ASN C 230 31.32 -20.18 -9.24
CA ASN C 230 31.45 -20.58 -7.85
C ASN C 230 32.29 -19.55 -7.09
N GLY C 231 31.70 -19.01 -6.02
CA GLY C 231 32.40 -18.09 -5.15
C GLY C 231 32.57 -16.69 -5.67
N LYS C 232 32.02 -16.35 -6.84
CA LYS C 232 32.27 -15.05 -7.46
C LYS C 232 31.21 -14.00 -7.16
N LEU C 233 30.00 -14.41 -6.74
CA LEU C 233 28.89 -13.49 -6.52
C LEU C 233 28.43 -13.50 -5.07
N ASP C 234 28.03 -12.33 -4.59
CA ASP C 234 27.46 -12.17 -3.26
C ASP C 234 26.26 -11.24 -3.40
N GLY C 235 25.39 -11.21 -2.39
CA GLY C 235 24.19 -10.41 -2.59
C GLY C 235 23.39 -10.19 -1.32
N ALA C 236 22.35 -9.37 -1.47
CA ALA C 236 21.41 -9.09 -0.39
C ALA C 236 20.10 -8.64 -1.03
N ALA C 237 19.10 -8.39 -0.19
CA ALA C 237 17.79 -8.00 -0.66
C ALA C 237 17.30 -6.77 0.09
N GLN C 238 16.42 -6.01 -0.57
CA GLN C 238 15.59 -5.00 0.09
C GLN C 238 14.15 -5.39 -0.22
N ARG C 239 13.42 -5.81 0.80
CA ARG C 239 12.01 -6.16 0.66
CA ARG C 239 12.02 -6.15 0.62
C ARG C 239 11.17 -4.89 0.74
N VAL C 240 10.24 -4.71 -0.18
CA VAL C 240 9.51 -3.45 -0.28
C VAL C 240 8.03 -3.72 -0.44
N PRO C 241 7.15 -2.67 -0.25
CA PRO C 241 5.69 -2.93 -0.19
C PRO C 241 5.00 -3.08 -1.55
N VAL C 242 5.36 -4.12 -2.30
CA VAL C 242 4.48 -4.66 -3.35
C VAL C 242 4.23 -6.12 -3.02
N PRO C 243 3.03 -6.66 -3.28
CA PRO C 243 2.72 -8.03 -2.84
C PRO C 243 3.26 -9.13 -3.75
N THR C 244 3.68 -8.80 -4.97
CA THR C 244 4.49 -9.68 -5.80
C THR C 244 5.14 -8.82 -6.88
N GLY C 245 6.22 -9.34 -7.45
CA GLY C 245 6.98 -8.61 -8.44
C GLY C 245 8.28 -8.09 -7.86
N SER C 246 9.40 -8.39 -8.50
CA SER C 246 10.73 -8.13 -7.95
C SER C 246 11.69 -7.79 -9.09
N VAL C 247 12.87 -7.31 -8.70
CA VAL C 247 13.88 -6.91 -9.69
C VAL C 247 15.27 -7.16 -9.11
N THR C 248 16.14 -7.76 -9.90
CA THR C 248 17.51 -8.08 -9.48
C THR C 248 18.50 -7.18 -10.21
N GLU C 249 19.33 -6.46 -9.46
CA GLU C 249 20.43 -5.68 -10.02
C GLU C 249 21.73 -6.41 -9.72
N LEU C 250 22.60 -6.50 -10.72
CA LEU C 250 23.92 -7.10 -10.54
C LEU C 250 24.96 -6.09 -10.98
N VAL C 251 25.91 -5.78 -10.10
CA VAL C 251 27.08 -4.96 -10.43
C VAL C 251 28.28 -5.89 -10.46
N ALA C 252 28.97 -5.92 -11.60
CA ALA C 252 30.04 -6.88 -11.78
C ALA C 252 31.27 -6.25 -12.44
N THR C 253 32.42 -6.86 -12.18
CA THR C 253 33.61 -6.65 -12.99
C THR C 253 33.76 -7.82 -13.95
N LEU C 254 34.21 -7.52 -15.17
CA LEU C 254 34.28 -8.47 -16.26
C LEU C 254 35.71 -8.58 -16.76
N GLU C 255 35.98 -9.64 -17.51
CA GLU C 255 37.32 -9.87 -18.05
C GLU C 255 37.56 -9.12 -19.35
N LYS C 256 36.51 -8.65 -20.02
CA LYS C 256 36.62 -7.90 -21.26
C LYS C 256 35.99 -6.52 -21.06
N ASP C 257 36.57 -5.51 -21.71
CA ASP C 257 35.90 -4.22 -21.83
C ASP C 257 34.65 -4.37 -22.68
N VAL C 258 33.58 -3.66 -22.29
CA VAL C 258 32.29 -3.73 -22.96
C VAL C 258 31.69 -2.34 -23.08
N THR C 259 30.70 -2.22 -23.95
CA THR C 259 29.82 -1.06 -24.04
C THR C 259 28.41 -1.48 -23.64
N VAL C 260 27.59 -0.47 -23.31
CA VAL C 260 26.18 -0.74 -23.00
C VAL C 260 25.52 -1.49 -24.14
N GLU C 261 25.80 -1.08 -25.38
CA GLU C 261 25.17 -1.71 -26.53
C GLU C 261 25.58 -3.16 -26.67
N GLU C 262 26.86 -3.47 -26.40
CA GLU C 262 27.32 -4.85 -26.49
C GLU C 262 26.70 -5.72 -25.40
N VAL C 263 26.55 -5.17 -24.21
CA VAL C 263 25.91 -5.91 -23.13
C VAL C 263 24.45 -6.20 -23.46
N ASN C 264 23.72 -5.17 -23.89
CA ASN C 264 22.32 -5.39 -24.25
C ASN C 264 22.17 -6.39 -25.37
N ALA C 265 23.07 -6.32 -26.37
CA ALA C 265 22.98 -7.25 -27.49
C ALA C 265 23.26 -8.67 -27.05
N ALA C 266 24.19 -8.87 -26.11
CA ALA C 266 24.46 -10.21 -25.61
C ALA C 266 23.23 -10.77 -24.91
N MET C 267 22.52 -9.93 -24.15
CA MET C 267 21.32 -10.40 -23.47
C MET C 267 20.23 -10.76 -24.48
N LYS C 268 20.02 -9.92 -25.49
CA LYS C 268 19.00 -10.22 -26.49
C LYS C 268 19.30 -11.52 -27.23
N ALA C 269 20.58 -11.78 -27.49
CA ALA C 269 20.95 -13.00 -28.19
C ALA C 269 20.74 -14.23 -27.33
N ALA C 270 20.72 -14.05 -26.00
CA ALA C 270 20.49 -15.14 -25.07
C ALA C 270 19.02 -15.35 -24.75
N ALA C 271 18.12 -14.57 -25.34
CA ALA C 271 16.72 -14.65 -24.97
C ALA C 271 16.09 -15.96 -25.43
N ASN C 272 15.17 -16.48 -24.61
CA ASN C 272 14.46 -17.75 -24.90
C ASN C 272 13.17 -17.76 -24.08
N ASP C 273 12.51 -18.91 -23.98
CA ASP C 273 11.25 -18.95 -23.23
C ASP C 273 11.46 -18.64 -21.76
N SER C 274 12.66 -18.86 -21.23
CA SER C 274 12.93 -18.61 -19.82
C SER C 274 13.50 -17.22 -19.56
N TYR C 275 14.21 -16.64 -20.52
CA TYR C 275 14.91 -15.36 -20.34
C TYR C 275 14.37 -14.41 -21.40
N GLY C 276 13.56 -13.44 -20.97
CA GLY C 276 13.03 -12.45 -21.88
C GLY C 276 13.93 -11.22 -21.99
N TYR C 277 13.63 -10.40 -23.00
CA TYR C 277 14.36 -9.16 -23.26
C TYR C 277 13.35 -8.04 -23.51
N THR C 278 13.56 -6.89 -22.86
CA THR C 278 12.72 -5.74 -23.17
C THR C 278 13.54 -4.47 -23.21
N GLU C 279 13.09 -3.54 -24.05
CA GLU C 279 13.59 -2.17 -24.06
C GLU C 279 12.53 -1.16 -23.66
N ASP C 280 11.37 -1.63 -23.19
CA ASP C 280 10.31 -0.72 -22.74
C ASP C 280 10.54 -0.36 -21.27
N PRO C 281 10.27 0.87 -20.91
CA PRO C 281 10.49 1.32 -19.53
C PRO C 281 9.34 0.92 -18.62
N ILE C 282 9.29 -0.37 -18.30
CA ILE C 282 8.21 -0.96 -17.50
C ILE C 282 8.46 -0.78 -16.01
N VAL C 283 7.45 -1.14 -15.22
CA VAL C 283 7.51 -1.12 -13.76
C VAL C 283 7.00 -2.47 -13.24
N SER C 284 7.04 -2.66 -11.92
CA SER C 284 6.86 -4.02 -11.40
C SER C 284 5.50 -4.61 -11.73
N SER C 285 4.42 -3.81 -11.72
CA SER C 285 3.11 -4.38 -12.02
CA SER C 285 3.12 -4.40 -12.01
C SER C 285 3.06 -4.97 -13.42
N ASP C 286 3.92 -4.52 -14.32
CA ASP C 286 3.92 -5.02 -15.69
C ASP C 286 4.45 -6.44 -15.79
N ILE C 287 5.12 -6.95 -14.76
CA ILE C 287 5.66 -8.30 -14.82
C ILE C 287 4.90 -9.28 -13.94
N VAL C 288 3.83 -8.85 -13.27
CA VAL C 288 3.06 -9.80 -12.48
C VAL C 288 2.42 -10.80 -13.42
N GLY C 289 2.63 -12.09 -13.15
CA GLY C 289 2.00 -13.12 -13.94
C GLY C 289 2.76 -13.58 -15.16
N ILE C 290 3.96 -13.05 -15.42
CA ILE C 290 4.71 -13.44 -16.61
C ILE C 290 5.22 -14.86 -16.47
N SER C 291 5.54 -15.47 -17.62
CA SER C 291 6.06 -16.83 -17.63
C SER C 291 7.54 -16.92 -17.94
N TYR C 292 8.23 -15.82 -18.19
CA TYR C 292 9.69 -15.85 -18.19
C TYR C 292 10.18 -16.09 -16.77
N GLY C 293 11.27 -16.86 -16.63
CA GLY C 293 11.92 -16.88 -15.33
C GLY C 293 12.63 -15.60 -14.96
N SER C 294 12.95 -14.78 -15.96
CA SER C 294 13.79 -13.60 -15.83
C SER C 294 13.53 -12.74 -17.06
N LEU C 295 13.38 -11.43 -16.87
CA LEU C 295 13.12 -10.51 -17.98
C LEU C 295 14.15 -9.39 -17.94
N PHE C 296 15.15 -9.47 -18.82
CA PHE C 296 16.22 -8.48 -18.83
C PHE C 296 15.69 -7.14 -19.31
N ASP C 297 16.06 -6.08 -18.61
CA ASP C 297 15.59 -4.72 -18.92
C ASP C 297 16.77 -3.89 -19.43
N ALA C 298 16.85 -3.74 -20.75
CA ALA C 298 17.95 -3.02 -21.36
C ALA C 298 17.96 -1.53 -20.98
N THR C 299 16.83 -0.97 -20.53
CA THR C 299 16.83 0.44 -20.16
C THR C 299 17.62 0.73 -18.90
N GLN C 300 17.98 -0.28 -18.11
CA GLN C 300 18.66 -0.06 -16.85
C GLN C 300 20.15 -0.39 -16.88
N THR C 301 20.68 -0.80 -18.03
CA THR C 301 22.09 -1.20 -18.10
C THR C 301 23.01 -0.01 -17.93
N LYS C 302 24.09 -0.21 -17.20
CA LYS C 302 25.15 0.80 -17.11
C LYS C 302 26.50 0.14 -17.35
N VAL C 303 27.38 0.84 -18.06
CA VAL C 303 28.80 0.51 -18.10
C VAL C 303 29.57 1.77 -17.75
N GLN C 304 30.18 1.78 -16.57
CA GLN C 304 30.90 2.94 -16.07
C GLN C 304 32.39 2.70 -16.25
N THR C 305 33.05 3.60 -16.99
CA THR C 305 34.49 3.53 -17.20
C THR C 305 35.14 4.70 -16.48
N VAL C 306 36.01 4.39 -15.53
CA VAL C 306 36.75 5.41 -14.78
C VAL C 306 38.21 4.99 -14.80
N ASP C 307 39.06 5.83 -15.40
CA ASP C 307 40.50 5.57 -15.46
C ASP C 307 40.79 4.18 -16.04
N GLY C 308 40.05 3.83 -17.09
CA GLY C 308 40.24 2.57 -17.78
C GLY C 308 39.60 1.36 -17.15
N ASN C 309 38.99 1.48 -15.97
CA ASN C 309 38.37 0.36 -15.30
C ASN C 309 36.85 0.46 -15.39
N GLN C 310 36.19 -0.70 -15.50
CA GLN C 310 34.75 -0.72 -15.76
C GLN C 310 34.00 -1.44 -14.65
N LEU C 311 32.86 -0.87 -14.26
CA LEU C 311 31.85 -1.56 -13.49
C LEU C 311 30.63 -1.67 -14.37
N VAL C 312 30.02 -2.85 -14.38
CA VAL C 312 28.90 -3.15 -15.29
C VAL C 312 27.67 -3.45 -14.44
N LYS C 313 26.55 -2.82 -14.77
CA LYS C 313 25.29 -3.03 -14.07
C LYS C 313 24.26 -3.57 -15.03
N VAL C 314 23.70 -4.73 -14.69
CA VAL C 314 22.64 -5.37 -15.47
C VAL C 314 21.48 -5.68 -14.53
N VAL C 315 20.27 -5.55 -15.06
CA VAL C 315 19.07 -5.61 -14.23
C VAL C 315 18.03 -6.46 -14.94
N SER C 316 17.42 -7.39 -14.19
CA SER C 316 16.35 -8.22 -14.72
CA SER C 316 16.35 -8.24 -14.72
C SER C 316 15.17 -8.27 -13.76
N TRP C 317 13.96 -8.24 -14.33
CA TRP C 317 12.71 -8.36 -13.58
C TRP C 317 12.32 -9.82 -13.40
N TYR C 318 11.54 -10.09 -12.36
CA TYR C 318 10.91 -11.39 -12.22
C TYR C 318 9.68 -11.27 -11.35
N ASP C 319 8.63 -12.02 -11.71
CA ASP C 319 7.57 -12.24 -10.75
C ASP C 319 8.03 -13.37 -9.85
N ASN C 320 8.44 -13.02 -8.63
CA ASN C 320 8.95 -14.02 -7.71
C ASN C 320 7.96 -15.16 -7.49
N GLU C 321 6.68 -14.92 -7.77
CA GLU C 321 5.66 -15.97 -7.84
C GLU C 321 5.65 -16.66 -9.20
N MET C 322 5.06 -16.04 -10.24
CA MET C 322 4.75 -16.77 -11.47
C MET C 322 6.00 -17.06 -12.33
N SER C 323 7.03 -16.21 -12.29
CA SER C 323 8.25 -16.53 -13.03
C SER C 323 8.87 -17.82 -12.52
N TYR C 324 8.96 -17.94 -11.19
CA TYR C 324 9.53 -19.12 -10.58
C TYR C 324 8.65 -20.35 -10.83
N THR C 325 7.33 -20.17 -10.68
CA THR C 325 6.39 -21.25 -10.96
C THR C 325 6.54 -21.76 -12.39
N SER C 326 6.64 -20.85 -13.35
CA SER C 326 6.74 -21.25 -14.75
C SER C 326 8.02 -22.05 -14.99
N GLN C 327 9.10 -21.65 -14.33
CA GLN C 327 10.36 -22.40 -14.43
C GLN C 327 10.23 -23.79 -13.82
N LEU C 328 9.57 -23.89 -12.65
CA LEU C 328 9.36 -25.21 -12.04
C LEU C 328 8.58 -26.12 -12.97
N VAL C 329 7.57 -25.60 -13.66
CA VAL C 329 6.75 -26.42 -14.53
C VAL C 329 7.54 -26.89 -15.75
N ARG C 330 8.41 -26.03 -16.30
CA ARG C 330 9.30 -26.48 -17.38
C ARG C 330 10.19 -27.62 -16.91
N THR C 331 10.73 -27.49 -15.70
CA THR C 331 11.64 -28.51 -15.18
C THR C 331 10.90 -29.80 -14.86
N LEU C 332 9.68 -29.69 -14.30
CA LEU C 332 8.88 -30.89 -14.06
C LEU C 332 8.68 -31.69 -15.33
N GLU C 333 8.29 -31.03 -16.41
CA GLU C 333 8.02 -31.74 -17.65
C GLU C 333 9.28 -32.36 -18.22
N TYR C 334 10.38 -31.60 -18.24
CA TYR C 334 11.61 -32.09 -18.84
C TYR C 334 12.17 -33.25 -18.05
N PHE C 335 12.26 -33.11 -16.73
CA PHE C 335 12.81 -34.16 -15.88
C PHE C 335 11.99 -35.44 -16.01
N ALA C 336 10.65 -35.33 -16.03
CA ALA C 336 9.81 -36.51 -16.15
C ALA C 336 10.07 -37.24 -17.46
N LYS C 337 10.35 -36.49 -18.53
CA LYS C 337 10.45 -37.09 -19.85
C LYS C 337 11.81 -37.73 -20.11
N ILE C 338 12.88 -37.26 -19.46
CA ILE C 338 14.18 -37.89 -19.69
C ILE C 338 14.25 -39.30 -19.10
N ALA C 339 13.39 -39.62 -18.14
CA ALA C 339 13.23 -40.99 -17.63
C ALA C 339 14.52 -41.58 -17.07
N GLY D 1 -24.65 5.46 -38.64
CA GLY D 1 -25.16 5.52 -39.99
C GLY D 1 -24.13 5.15 -41.04
N SER D 2 -23.12 4.39 -40.62
CA SER D 2 -22.10 3.95 -41.57
C SER D 2 -22.64 2.84 -42.46
N VAL D 3 -22.23 2.85 -43.72
CA VAL D 3 -22.70 1.84 -44.66
C VAL D 3 -22.36 0.43 -44.18
N ASP D 4 -21.20 0.26 -43.57
CA ASP D 4 -20.76 -1.07 -43.15
C ASP D 4 -21.41 -1.52 -41.85
N MET D 5 -22.30 -0.70 -41.29
CA MET D 5 -23.11 -0.98 -40.09
C MET D 5 -22.31 -1.11 -38.81
N VAL D 6 -21.05 -0.69 -38.81
CA VAL D 6 -20.22 -0.69 -37.63
C VAL D 6 -20.45 0.63 -36.90
N VAL D 7 -20.63 0.57 -35.58
CA VAL D 7 -20.72 1.78 -34.77
C VAL D 7 -19.33 2.35 -34.60
N LYS D 8 -19.11 3.56 -35.08
CA LYS D 8 -17.79 4.18 -35.04
C LYS D 8 -17.74 5.19 -33.92
N VAL D 9 -16.87 4.93 -32.95
CA VAL D 9 -16.79 5.69 -31.70
C VAL D 9 -15.58 6.61 -31.74
N GLY D 10 -15.76 7.84 -31.28
CA GLY D 10 -14.65 8.74 -30.99
C GLY D 10 -14.53 8.89 -29.49
N ILE D 11 -13.29 8.97 -29.01
CA ILE D 11 -13.04 9.16 -27.59
C ILE D 11 -12.33 10.50 -27.40
N ASN D 12 -12.94 11.40 -26.62
CA ASN D 12 -12.28 12.64 -26.24
C ASN D 12 -11.81 12.50 -24.79
N GLY D 13 -10.50 12.44 -24.61
CA GLY D 13 -9.91 12.21 -23.30
C GLY D 13 -9.48 10.77 -23.12
N PHE D 14 -8.18 10.53 -23.13
CA PHE D 14 -7.63 9.18 -23.06
C PHE D 14 -7.02 8.95 -21.67
N GLY D 15 -7.79 9.27 -20.63
CA GLY D 15 -7.45 8.95 -19.26
C GLY D 15 -7.83 7.52 -18.95
N ARG D 16 -8.02 7.24 -17.65
CA ARG D 16 -8.35 5.87 -17.25
C ARG D 16 -9.56 5.35 -18.01
N ILE D 17 -10.66 6.11 -17.98
CA ILE D 17 -11.90 5.62 -18.59
C ILE D 17 -11.77 5.53 -20.10
N GLY D 18 -11.17 6.54 -20.74
CA GLY D 18 -11.00 6.47 -22.19
C GLY D 18 -10.17 5.30 -22.65
N ARG D 19 -9.07 5.03 -21.94
CA ARG D 19 -8.23 3.90 -22.32
C ARG D 19 -8.94 2.57 -22.08
N LEU D 20 -9.63 2.43 -20.95
CA LEU D 20 -10.31 1.16 -20.70
C LEU D 20 -11.48 0.96 -21.65
N ALA D 21 -12.16 2.05 -22.04
CA ALA D 21 -13.24 1.93 -23.02
C ALA D 21 -12.68 1.45 -24.36
N PHE D 22 -11.56 2.00 -24.77
CA PHE D 22 -10.89 1.53 -25.99
C PHE D 22 -10.58 0.05 -25.88
N ARG D 23 -10.02 -0.37 -24.74
CA ARG D 23 -9.69 -1.79 -24.56
C ARG D 23 -10.93 -2.66 -24.68
N ARG D 24 -12.02 -2.27 -24.02
CA ARG D 24 -13.23 -3.08 -24.04
C ARG D 24 -13.79 -3.18 -25.46
N ILE D 25 -13.74 -2.07 -26.21
CA ILE D 25 -14.34 -2.05 -27.54
C ILE D 25 -13.66 -3.03 -28.49
N GLN D 26 -12.39 -3.39 -28.22
CA GLN D 26 -11.71 -4.37 -29.07
C GLN D 26 -12.44 -5.71 -29.11
N ASN D 27 -13.27 -6.01 -28.11
CA ASN D 27 -13.98 -7.29 -28.04
C ASN D 27 -15.48 -7.13 -28.24
N VAL D 28 -15.94 -5.99 -28.72
CA VAL D 28 -17.37 -5.73 -28.93
C VAL D 28 -17.65 -5.89 -30.42
N GLU D 29 -18.48 -6.87 -30.76
CA GLU D 29 -18.85 -7.10 -32.15
C GLU D 29 -19.50 -5.86 -32.75
N GLY D 30 -18.96 -5.39 -33.86
CA GLY D 30 -19.63 -4.33 -34.60
C GLY D 30 -19.45 -2.93 -34.05
N VAL D 31 -18.46 -2.71 -33.19
CA VAL D 31 -18.14 -1.40 -32.64
C VAL D 31 -16.64 -1.23 -32.73
N GLU D 32 -16.20 -0.03 -33.13
CA GLU D 32 -14.78 0.25 -33.27
C GLU D 32 -14.53 1.71 -32.91
N VAL D 33 -13.35 1.98 -32.36
CA VAL D 33 -12.92 3.35 -32.12
C VAL D 33 -12.11 3.79 -33.32
N THR D 34 -12.52 4.89 -33.95
CA THR D 34 -11.81 5.37 -35.14
C THR D 34 -11.13 6.72 -34.94
N ARG D 35 -11.28 7.33 -33.77
CA ARG D 35 -10.56 8.56 -33.49
C ARG D 35 -10.45 8.75 -31.98
N ILE D 36 -9.24 9.09 -31.53
CA ILE D 36 -8.97 9.49 -30.16
C ILE D 36 -8.46 10.93 -30.22
N ASN D 37 -8.99 11.77 -29.34
CA ASN D 37 -8.49 13.13 -29.20
C ASN D 37 -8.05 13.37 -27.77
N ASP D 38 -6.83 13.85 -27.58
CA ASP D 38 -6.27 14.08 -26.25
C ASP D 38 -5.05 14.97 -26.41
N LEU D 39 -4.84 15.89 -25.45
CA LEU D 39 -3.75 16.85 -25.60
C LEU D 39 -2.37 16.26 -25.33
N THR D 40 -2.29 15.08 -24.72
CA THR D 40 -1.01 14.50 -24.33
C THR D 40 -0.26 13.94 -25.54
N ASP D 41 1.08 14.06 -25.50
CA ASP D 41 2.03 13.42 -26.40
C ASP D 41 1.58 11.99 -26.70
N PRO D 42 1.37 11.62 -27.96
CA PRO D 42 0.90 10.25 -28.25
C PRO D 42 1.85 9.16 -27.79
N ASN D 43 3.15 9.44 -27.63
CA ASN D 43 4.06 8.40 -27.15
C ASN D 43 3.75 8.05 -25.70
N MET D 44 3.41 9.05 -24.90
CA MET D 44 2.96 8.80 -23.53
C MET D 44 1.64 8.03 -23.53
N LEU D 45 0.68 8.44 -24.37
CA LEU D 45 -0.60 7.75 -24.40
C LEU D 45 -0.46 6.29 -24.83
N ALA D 46 0.38 6.03 -25.84
CA ALA D 46 0.54 4.65 -26.29
C ALA D 46 1.13 3.79 -25.20
N HIS D 47 2.09 4.33 -24.45
CA HIS D 47 2.70 3.59 -23.35
C HIS D 47 1.67 3.27 -22.27
N LEU D 48 0.84 4.26 -21.93
CA LEU D 48 -0.22 4.06 -20.95
C LEU D 48 -1.27 3.07 -21.44
N LEU D 49 -1.52 3.00 -22.75
CA LEU D 49 -2.43 1.98 -23.26
C LEU D 49 -1.82 0.59 -23.14
N LYS D 50 -0.52 0.48 -23.38
CA LYS D 50 0.14 -0.83 -23.41
CA LYS D 50 0.13 -0.84 -23.41
C LYS D 50 0.26 -1.42 -22.01
N TYR D 51 0.57 -0.59 -21.03
CA TYR D 51 0.91 -1.04 -19.67
C TYR D 51 0.00 -0.37 -18.67
N ASP D 52 -0.66 -1.17 -17.84
CA ASP D 52 -1.68 -0.66 -16.94
C ASP D 52 -1.50 -1.34 -15.59
N THR D 53 -1.23 -0.55 -14.55
CA THR D 53 -0.92 -1.11 -13.23
C THR D 53 -2.03 -2.02 -12.72
N THR D 54 -3.29 -1.58 -12.81
CA THR D 54 -4.37 -2.34 -12.22
C THR D 54 -5.12 -3.20 -13.23
N GLN D 55 -5.11 -2.85 -14.52
CA GLN D 55 -5.89 -3.59 -15.48
C GLN D 55 -5.06 -4.46 -16.41
N GLY D 56 -3.76 -4.55 -16.19
CA GLY D 56 -2.93 -5.51 -16.89
C GLY D 56 -2.45 -5.01 -18.24
N ARG D 57 -1.58 -5.80 -18.84
CA ARG D 57 -1.02 -5.46 -20.15
C ARG D 57 -2.11 -5.49 -21.21
N PHE D 58 -1.96 -4.60 -22.20
CA PHE D 58 -2.91 -4.58 -23.30
C PHE D 58 -2.90 -5.91 -24.04
N ASP D 59 -4.08 -6.32 -24.48
CA ASP D 59 -4.25 -7.59 -25.20
C ASP D 59 -3.95 -7.36 -26.68
N GLY D 60 -2.67 -7.46 -27.03
CA GLY D 60 -2.23 -7.29 -28.40
C GLY D 60 -1.06 -6.32 -28.51
N THR D 61 -0.97 -5.62 -29.64
CA THR D 61 0.17 -4.76 -29.93
C THR D 61 -0.30 -3.32 -30.12
N VAL D 62 0.53 -2.37 -29.69
CA VAL D 62 0.30 -0.94 -29.86
C VAL D 62 1.58 -0.32 -30.39
N GLU D 63 1.48 0.38 -31.53
CA GLU D 63 2.63 1.07 -32.11
C GLU D 63 2.20 2.50 -32.45
N VAL D 64 3.11 3.44 -32.23
CA VAL D 64 2.89 4.82 -32.66
C VAL D 64 3.22 4.92 -34.15
N LYS D 65 2.34 5.60 -34.89
CA LYS D 65 2.53 5.87 -36.30
C LYS D 65 2.27 7.36 -36.52
N GLU D 66 2.59 7.84 -37.72
CA GLU D 66 2.26 9.24 -38.00
C GLU D 66 0.75 9.43 -37.94
N GLY D 67 0.33 10.36 -37.10
CA GLY D 67 -1.06 10.71 -36.98
C GLY D 67 -1.91 9.80 -36.11
N GLY D 68 -1.34 8.76 -35.51
CA GLY D 68 -2.15 7.93 -34.63
C GLY D 68 -1.41 6.73 -34.10
N PHE D 69 -2.18 5.64 -33.88
CA PHE D 69 -1.64 4.38 -33.41
C PHE D 69 -1.99 3.29 -34.41
N GLU D 70 -1.17 2.25 -34.47
CA GLU D 70 -1.58 0.98 -35.05
C GLU D 70 -1.79 0.00 -33.91
N VAL D 71 -3.03 -0.44 -33.73
CA VAL D 71 -3.41 -1.33 -32.64
C VAL D 71 -3.94 -2.62 -33.26
N ASN D 72 -3.25 -3.73 -32.98
CA ASN D 72 -3.62 -5.03 -33.55
C ASN D 72 -3.88 -4.94 -35.05
N GLY D 73 -2.95 -4.26 -35.73
CA GLY D 73 -2.99 -4.14 -37.18
C GLY D 73 -3.97 -3.14 -37.74
N GLN D 74 -4.62 -2.34 -36.89
CA GLN D 74 -5.64 -1.40 -37.33
C GLN D 74 -5.22 0.01 -36.94
N PHE D 75 -5.25 0.94 -37.90
CA PHE D 75 -4.88 2.32 -37.60
C PHE D 75 -6.03 3.04 -36.90
N VAL D 76 -5.69 3.84 -35.90
CA VAL D 76 -6.65 4.74 -35.27
C VAL D 76 -6.03 6.12 -35.19
N LYS D 77 -6.74 7.13 -35.69
CA LYS D 77 -6.21 8.48 -35.67
C LYS D 77 -6.21 9.03 -34.25
N VAL D 78 -5.13 9.71 -33.89
CA VAL D 78 -5.00 10.35 -32.58
C VAL D 78 -4.68 11.82 -32.83
N SER D 79 -5.56 12.70 -32.40
CA SER D 79 -5.37 14.14 -32.57
C SER D 79 -5.29 14.79 -31.20
N ALA D 80 -4.97 16.09 -31.20
CA ALA D 80 -4.72 16.83 -29.96
C ALA D 80 -5.35 18.22 -30.01
N GLU D 81 -6.66 18.26 -30.24
CA GLU D 81 -7.38 19.54 -30.31
C GLU D 81 -7.95 19.93 -28.96
N ARG D 82 -7.71 21.18 -28.56
CA ARG D 82 -8.28 21.67 -27.30
C ARG D 82 -9.79 21.91 -27.41
N GLU D 83 -10.29 22.29 -28.59
CA GLU D 83 -11.68 22.69 -28.76
C GLU D 83 -12.45 21.62 -29.52
N PRO D 84 -13.54 21.10 -28.97
CA PRO D 84 -14.38 20.14 -29.73
C PRO D 84 -14.82 20.64 -31.08
N ALA D 85 -15.11 21.94 -31.22
CA ALA D 85 -15.51 22.48 -32.51
C ALA D 85 -14.45 22.23 -33.59
N ASN D 86 -13.20 22.02 -33.20
CA ASN D 86 -12.12 21.80 -34.14
C ASN D 86 -11.79 20.32 -34.35
N ILE D 87 -12.56 19.41 -33.77
CA ILE D 87 -12.37 17.98 -34.01
C ILE D 87 -13.33 17.57 -35.12
N ASP D 88 -12.78 17.22 -36.28
CA ASP D 88 -13.62 16.81 -37.42
C ASP D 88 -13.97 15.32 -37.33
N TRP D 89 -14.79 15.00 -36.32
CA TRP D 89 -15.13 13.61 -36.05
C TRP D 89 -15.72 12.92 -37.27
N ALA D 90 -16.49 13.66 -38.09
CA ALA D 90 -17.18 13.05 -39.22
C ALA D 90 -16.19 12.48 -40.24
N THR D 91 -15.00 13.07 -40.32
CA THR D 91 -13.98 12.60 -41.26
C THR D 91 -13.61 11.14 -41.00
N ASP D 92 -13.66 10.70 -39.75
CA ASP D 92 -13.35 9.33 -39.40
C ASP D 92 -14.59 8.47 -39.22
N GLY D 93 -15.72 8.91 -39.77
CA GLY D 93 -16.97 8.19 -39.68
C GLY D 93 -17.59 8.17 -38.31
N VAL D 94 -17.10 9.01 -37.39
CA VAL D 94 -17.54 8.91 -36.00
C VAL D 94 -18.96 9.43 -35.88
N GLU D 95 -19.84 8.60 -35.35
CA GLU D 95 -21.21 8.99 -35.06
C GLU D 95 -21.40 9.44 -33.61
N ILE D 96 -20.70 8.80 -32.68
CA ILE D 96 -20.94 8.99 -31.26
C ILE D 96 -19.60 9.20 -30.55
N VAL D 97 -19.54 10.17 -29.65
CA VAL D 97 -18.32 10.54 -28.93
C VAL D 97 -18.49 10.20 -27.46
N LEU D 98 -17.50 9.50 -26.90
CA LEU D 98 -17.38 9.35 -25.46
C LEU D 98 -16.59 10.55 -24.95
N GLU D 99 -17.28 11.43 -24.23
CA GLU D 99 -16.68 12.67 -23.75
C GLU D 99 -16.17 12.40 -22.34
N ALA D 100 -14.87 12.12 -22.23
CA ALA D 100 -14.25 11.61 -21.02
C ALA D 100 -13.13 12.50 -20.49
N THR D 101 -13.16 13.81 -20.79
CA THR D 101 -12.12 14.71 -20.29
C THR D 101 -12.49 15.36 -18.97
N GLY D 102 -13.77 15.40 -18.62
CA GLY D 102 -14.24 16.17 -17.49
C GLY D 102 -14.43 17.65 -17.75
N PHE D 103 -14.00 18.17 -18.91
CA PHE D 103 -14.05 19.59 -19.18
C PHE D 103 -15.30 20.05 -19.94
N PHE D 104 -16.13 19.11 -20.40
CA PHE D 104 -17.29 19.45 -21.22
C PHE D 104 -18.54 18.73 -20.72
N ALA D 105 -18.74 18.72 -19.41
CA ALA D 105 -19.79 17.91 -18.78
C ALA D 105 -21.08 18.70 -18.58
N SER D 106 -21.60 19.23 -19.69
CA SER D 106 -22.89 19.90 -19.71
C SER D 106 -23.44 19.80 -21.13
N LYS D 107 -24.72 20.12 -21.29
CA LYS D 107 -25.32 20.01 -22.61
C LYS D 107 -24.66 20.95 -23.61
N GLU D 108 -24.51 22.23 -23.25
CA GLU D 108 -23.96 23.18 -24.20
C GLU D 108 -22.48 22.96 -24.46
N LYS D 109 -21.72 22.52 -23.46
CA LYS D 109 -20.30 22.23 -23.68
C LYS D 109 -20.12 20.96 -24.53
N ALA D 110 -20.84 19.90 -24.19
CA ALA D 110 -20.68 18.65 -24.93
C ALA D 110 -21.22 18.76 -26.35
N GLU D 111 -22.23 19.62 -26.55
CA GLU D 111 -22.76 19.81 -27.90
C GLU D 111 -21.78 20.47 -28.85
N GLN D 112 -20.66 20.99 -28.35
CA GLN D 112 -19.64 21.52 -29.25
C GLN D 112 -19.03 20.44 -30.12
N HIS D 113 -19.20 19.17 -29.76
CA HIS D 113 -18.75 18.05 -30.59
C HIS D 113 -19.68 17.82 -31.77
N ILE D 114 -20.90 18.34 -31.71
CA ILE D 114 -21.91 18.13 -32.74
C ILE D 114 -21.90 19.38 -33.61
N HIS D 115 -21.23 19.28 -34.76
CA HIS D 115 -21.15 20.38 -35.70
C HIS D 115 -21.10 19.81 -37.11
N GLU D 116 -20.86 20.69 -38.08
CA GLU D 116 -21.02 20.34 -39.49
C GLU D 116 -20.18 19.14 -39.88
N ASN D 117 -18.92 19.08 -39.43
CA ASN D 117 -18.03 17.96 -39.65
CA ASN D 117 -18.10 17.90 -39.67
C ASN D 117 -17.75 17.18 -38.37
N GLY D 118 -18.65 17.26 -37.39
CA GLY D 118 -18.43 16.61 -36.11
C GLY D 118 -19.29 15.37 -35.93
N ALA D 119 -19.60 15.05 -34.68
CA ALA D 119 -20.34 13.85 -34.35
C ALA D 119 -21.84 14.15 -34.33
N LYS D 120 -22.63 13.11 -34.12
CA LYS D 120 -24.08 13.25 -33.98
C LYS D 120 -24.59 13.11 -32.57
N LYS D 121 -23.91 12.33 -31.72
CA LYS D 121 -24.35 12.06 -30.36
C LYS D 121 -23.14 12.05 -29.45
N VAL D 122 -23.36 12.37 -28.17
CA VAL D 122 -22.29 12.41 -27.17
C VAL D 122 -22.77 11.71 -25.91
N VAL D 123 -21.89 10.90 -25.31
CA VAL D 123 -22.08 10.34 -23.98
C VAL D 123 -21.02 10.93 -23.06
N ILE D 124 -21.44 11.66 -22.03
CA ILE D 124 -20.53 12.22 -21.05
C ILE D 124 -20.24 11.18 -19.96
N THR D 125 -18.98 11.03 -19.60
CA THR D 125 -18.55 10.07 -18.57
C THR D 125 -18.61 10.67 -17.18
N ALA D 126 -19.71 11.32 -16.86
CA ALA D 126 -19.87 12.05 -15.61
C ALA D 126 -21.30 12.56 -15.54
N PRO D 127 -21.78 12.91 -14.35
CA PRO D 127 -23.02 13.69 -14.25
C PRO D 127 -22.96 14.87 -15.20
N GLY D 128 -24.08 15.18 -15.84
CA GLY D 128 -23.99 16.12 -16.96
C GLY D 128 -24.92 17.31 -16.93
N GLY D 129 -25.46 17.67 -15.78
CA GLY D 129 -26.50 18.67 -15.73
C GLY D 129 -27.85 18.01 -15.90
N ASN D 130 -28.89 18.82 -16.12
CA ASN D 130 -30.23 18.25 -16.13
C ASN D 130 -31.12 18.59 -17.33
N ASP D 131 -30.58 19.15 -18.41
CA ASP D 131 -31.15 18.91 -19.73
C ASP D 131 -30.46 17.74 -20.41
N VAL D 132 -29.89 16.84 -19.62
CA VAL D 132 -29.08 15.73 -20.10
C VAL D 132 -29.59 14.51 -19.35
N LYS D 133 -30.19 13.57 -20.08
CA LYS D 133 -30.65 12.33 -19.45
C LYS D 133 -29.47 11.55 -18.90
N THR D 134 -29.67 10.94 -17.74
CA THR D 134 -28.65 10.17 -17.05
C THR D 134 -29.03 8.70 -17.12
N VAL D 135 -28.17 7.87 -17.70
CA VAL D 135 -28.49 6.50 -18.03
C VAL D 135 -27.54 5.54 -17.32
N VAL D 136 -28.10 4.63 -16.54
CA VAL D 136 -27.40 3.46 -16.05
C VAL D 136 -27.91 2.28 -16.87
N PHE D 137 -27.05 1.70 -17.70
CA PHE D 137 -27.51 0.65 -18.60
C PHE D 137 -28.08 -0.51 -17.80
N ASN D 138 -29.21 -1.04 -18.28
CA ASN D 138 -29.98 -2.12 -17.68
C ASN D 138 -30.74 -1.71 -16.44
N THR D 139 -30.67 -0.45 -16.05
CA THR D 139 -31.58 0.10 -15.04
C THR D 139 -32.59 1.05 -15.65
N ASN D 140 -32.16 1.97 -16.52
CA ASN D 140 -33.10 2.92 -17.11
C ASN D 140 -32.73 3.34 -18.54
N HIS D 141 -32.04 2.47 -19.29
CA HIS D 141 -31.76 2.88 -20.66
C HIS D 141 -33.00 2.92 -21.53
N ASP D 142 -34.13 2.39 -21.04
CA ASP D 142 -35.40 2.51 -21.76
C ASP D 142 -35.91 3.95 -21.85
N ILE D 143 -35.28 4.91 -21.17
CA ILE D 143 -35.70 6.31 -21.27
C ILE D 143 -35.21 6.98 -22.55
N LEU D 144 -34.28 6.37 -23.26
CA LEU D 144 -33.76 6.96 -24.47
C LEU D 144 -34.70 6.67 -25.63
N ASP D 145 -34.95 7.70 -26.45
CA ASP D 145 -35.75 7.52 -27.66
C ASP D 145 -34.95 7.75 -28.94
N GLY D 146 -33.67 8.07 -28.83
CA GLY D 146 -32.83 8.26 -29.99
C GLY D 146 -32.74 9.69 -30.50
N THR D 147 -33.63 10.57 -30.03
CA THR D 147 -33.59 11.96 -30.45
C THR D 147 -32.67 12.82 -29.59
N GLU D 148 -32.20 12.28 -28.47
CA GLU D 148 -31.28 13.03 -27.62
C GLU D 148 -29.97 13.28 -28.35
N THR D 149 -29.34 14.40 -28.02
CA THR D 149 -28.00 14.71 -28.54
C THR D 149 -26.91 14.33 -27.56
N VAL D 150 -27.04 14.76 -26.31
CA VAL D 150 -26.06 14.53 -25.26
C VAL D 150 -26.74 13.78 -24.13
N ILE D 151 -26.14 12.68 -23.69
CA ILE D 151 -26.59 11.96 -22.50
C ILE D 151 -25.40 11.76 -21.58
N SER D 152 -25.70 11.42 -20.33
CA SER D 152 -24.69 11.12 -19.32
C SER D 152 -24.78 9.64 -18.96
N GLY D 153 -23.62 9.01 -18.78
CA GLY D 153 -23.58 7.65 -18.29
C GLY D 153 -23.50 7.56 -16.78
N ALA D 154 -23.83 8.67 -16.10
CA ALA D 154 -23.77 8.76 -14.64
C ALA D 154 -22.34 8.57 -14.13
N SER D 155 -22.19 8.19 -12.88
CA SER D 155 -20.89 7.99 -12.27
C SER D 155 -20.69 6.52 -11.96
N CYS D 156 -19.44 6.19 -11.59
CA CYS D 156 -19.15 4.81 -11.20
C CYS D 156 -20.01 4.38 -10.01
N THR D 157 -20.12 5.24 -8.99
CA THR D 157 -20.90 4.84 -7.82
C THR D 157 -22.38 4.72 -8.14
N THR D 158 -22.90 5.59 -9.01
CA THR D 158 -24.30 5.49 -9.40
C THR D 158 -24.58 4.18 -10.12
N ASN D 159 -23.64 3.72 -10.96
CA ASN D 159 -23.85 2.47 -11.66
C ASN D 159 -23.82 1.28 -10.71
N CYS D 160 -23.12 1.40 -9.58
CA CYS D 160 -23.17 0.35 -8.57
C CYS D 160 -24.47 0.41 -7.80
N LEU D 161 -24.83 1.60 -7.31
CA LEU D 161 -25.95 1.75 -6.41
C LEU D 161 -27.28 1.49 -7.10
N ALA D 162 -27.41 1.93 -8.36
CA ALA D 162 -28.72 1.97 -9.01
C ALA D 162 -29.43 0.61 -9.08
N PRO D 163 -28.82 -0.46 -9.62
CA PRO D 163 -29.58 -1.71 -9.68
C PRO D 163 -29.93 -2.27 -8.32
N MET D 164 -29.09 -2.00 -7.31
CA MET D 164 -29.36 -2.51 -5.98
C MET D 164 -30.54 -1.76 -5.36
N ALA D 165 -30.52 -0.42 -5.46
CA ALA D 165 -31.63 0.38 -4.96
C ALA D 165 -32.90 0.09 -5.74
N LYS D 166 -32.79 -0.10 -7.05
CA LYS D 166 -33.97 -0.38 -7.87
C LYS D 166 -34.61 -1.71 -7.47
N ALA D 167 -33.81 -2.73 -7.18
CA ALA D 167 -34.37 -4.00 -6.78
C ALA D 167 -35.08 -3.90 -5.42
N LEU D 168 -34.52 -3.14 -4.47
CA LEU D 168 -35.23 -2.92 -3.22
C LEU D 168 -36.56 -2.21 -3.47
N GLN D 169 -36.54 -1.19 -4.32
CA GLN D 169 -37.75 -0.42 -4.57
C GLN D 169 -38.82 -1.27 -5.24
N ASP D 170 -38.43 -2.03 -6.27
CA ASP D 170 -39.39 -2.82 -7.03
C ASP D 170 -40.00 -3.93 -6.19
N ASN D 171 -39.22 -4.53 -5.30
CA ASN D 171 -39.71 -5.67 -4.53
C ASN D 171 -40.38 -5.25 -3.23
N PHE D 172 -39.85 -4.24 -2.53
CA PHE D 172 -40.27 -3.99 -1.16
C PHE D 172 -40.73 -2.55 -0.94
N GLY D 173 -40.24 -1.62 -1.75
CA GLY D 173 -40.48 -0.21 -1.55
C GLY D 173 -39.49 0.40 -0.58
N VAL D 174 -38.86 1.52 -0.93
CA VAL D 174 -37.86 2.17 -0.10
C VAL D 174 -38.48 3.41 0.52
N LYS D 175 -38.35 3.53 1.85
CA LYS D 175 -38.73 4.76 2.54
C LYS D 175 -37.60 5.78 2.48
N GLN D 176 -36.43 5.42 3.03
CA GLN D 176 -35.26 6.29 2.99
C GLN D 176 -34.04 5.41 3.21
N GLY D 177 -32.86 5.97 2.91
CA GLY D 177 -31.64 5.21 3.13
C GLY D 177 -30.39 6.06 3.09
N LEU D 178 -29.34 5.54 3.71
CA LEU D 178 -28.04 6.17 3.71
C LEU D 178 -27.00 5.19 3.17
N MET D 179 -26.09 5.70 2.36
CA MET D 179 -25.10 4.88 1.68
CA MET D 179 -25.10 4.88 1.68
C MET D 179 -23.70 5.31 2.11
N THR D 180 -22.80 4.34 2.29
CA THR D 180 -21.37 4.61 2.39
C THR D 180 -20.67 3.76 1.36
N THR D 181 -19.86 4.39 0.52
CA THR D 181 -18.99 3.64 -0.39
C THR D 181 -17.57 3.64 0.17
N ILE D 182 -17.04 2.45 0.40
CA ILE D 182 -15.65 2.26 0.77
C ILE D 182 -14.92 2.09 -0.56
N HIS D 183 -14.15 3.10 -0.95
CA HIS D 183 -13.82 3.34 -2.34
C HIS D 183 -12.32 3.43 -2.52
N ALA D 184 -11.83 2.87 -3.63
CA ALA D 184 -10.42 3.00 -4.00
C ALA D 184 -10.03 4.46 -4.10
N TYR D 185 -8.76 4.74 -3.86
CA TYR D 185 -8.29 6.08 -4.15
C TYR D 185 -8.34 6.34 -5.66
N THR D 186 -8.43 7.61 -6.04
CA THR D 186 -8.52 7.98 -7.45
C THR D 186 -7.52 9.08 -7.78
N GLY D 187 -7.44 9.41 -9.06
CA GLY D 187 -6.47 10.37 -9.56
C GLY D 187 -6.69 11.80 -9.09
N ASP D 188 -7.84 12.10 -8.50
CA ASP D 188 -8.05 13.44 -7.96
C ASP D 188 -7.54 13.60 -6.53
N GLN D 189 -7.15 12.51 -5.88
CA GLN D 189 -6.46 12.64 -4.60
C GLN D 189 -4.97 12.83 -4.83
N MET D 190 -4.32 13.44 -3.85
CA MET D 190 -2.89 13.69 -3.92
C MET D 190 -2.10 12.45 -3.54
N ILE D 191 -1.00 12.18 -4.26
CA ILE D 191 -0.18 11.02 -3.91
C ILE D 191 0.46 11.20 -2.53
N LEU D 192 0.81 12.43 -2.18
CA LEU D 192 1.34 12.78 -0.87
C LEU D 192 0.67 14.10 -0.47
N ASP D 193 0.66 14.39 0.83
CA ASP D 193 -0.04 15.58 1.31
C ASP D 193 0.43 16.81 0.53
N GLY D 194 -0.52 17.52 -0.08
CA GLY D 194 -0.18 18.76 -0.74
C GLY D 194 -1.41 19.51 -1.17
N PRO D 195 -1.25 20.75 -1.64
CA PRO D 195 -2.43 21.56 -1.96
C PRO D 195 -3.28 20.90 -3.04
N HIS D 196 -4.56 20.76 -2.74
CA HIS D 196 -5.51 20.16 -3.68
C HIS D 196 -6.14 21.28 -4.50
N ARG D 197 -6.05 21.18 -5.82
CA ARG D 197 -6.49 22.29 -6.66
C ARG D 197 -7.98 22.56 -6.53
N GLY D 198 -8.77 21.52 -6.26
CA GLY D 198 -10.20 21.71 -6.05
C GLY D 198 -10.62 22.19 -4.69
N GLY D 199 -9.67 22.44 -3.78
CA GLY D 199 -9.97 23.00 -2.49
C GLY D 199 -10.41 21.99 -1.44
N ASP D 200 -10.27 20.69 -1.69
CA ASP D 200 -10.74 19.66 -0.77
C ASP D 200 -9.62 19.32 0.20
N LEU D 201 -9.82 19.67 1.48
CA LEU D 201 -8.80 19.47 2.49
C LEU D 201 -8.53 17.99 2.78
N ARG D 202 -9.45 17.11 2.38
CA ARG D 202 -9.26 15.68 2.56
C ARG D 202 -8.64 15.03 1.32
N ARG D 203 -9.03 15.44 0.11
CA ARG D 203 -8.34 14.97 -1.08
C ARG D 203 -6.92 15.49 -1.16
N ALA D 204 -6.58 16.50 -0.37
CA ALA D 204 -5.20 16.99 -0.27
C ALA D 204 -4.27 15.97 0.36
N ARG D 205 -4.82 14.96 1.05
CA ARG D 205 -3.98 14.06 1.84
C ARG D 205 -3.50 12.86 1.03
N ALA D 206 -2.36 12.30 1.45
CA ALA D 206 -1.78 11.14 0.79
C ALA D 206 -2.81 10.01 0.62
N GLY D 207 -3.20 9.72 -0.62
CA GLY D 207 -4.36 8.88 -0.84
C GLY D 207 -4.12 7.41 -0.62
N ALA D 208 -2.87 6.96 -0.75
CA ALA D 208 -2.54 5.57 -0.54
C ALA D 208 -2.01 5.30 0.85
N ALA D 209 -2.19 6.24 1.78
CA ALA D 209 -1.69 6.10 3.14
C ALA D 209 -2.71 6.48 4.20
N ASN D 210 -3.98 6.64 3.83
CA ASN D 210 -5.00 7.15 4.74
C ASN D 210 -6.36 6.57 4.39
N ILE D 211 -7.19 6.44 5.41
CA ILE D 211 -8.64 6.43 5.25
C ILE D 211 -9.10 7.89 5.17
N VAL D 212 -9.78 8.23 4.08
CA VAL D 212 -10.07 9.62 3.74
C VAL D 212 -11.58 9.79 3.53
N PRO D 213 -12.31 10.40 4.45
CA PRO D 213 -13.74 10.65 4.22
C PRO D 213 -13.93 11.60 3.04
N ASN D 214 -15.05 11.45 2.34
CA ASN D 214 -15.27 12.39 1.25
C ASN D 214 -16.75 12.39 0.88
N SER D 215 -17.18 13.47 0.24
CA SER D 215 -18.56 13.55 -0.19
C SER D 215 -18.75 12.82 -1.50
N THR D 216 -19.99 12.41 -1.76
CA THR D 216 -20.34 11.76 -3.01
C THR D 216 -21.74 12.19 -3.41
N GLY D 217 -21.96 12.34 -4.70
CA GLY D 217 -23.24 12.79 -5.20
C GLY D 217 -24.21 11.70 -5.62
N ALA D 218 -23.80 10.42 -5.59
CA ALA D 218 -24.58 9.37 -6.23
C ALA D 218 -25.94 9.18 -5.57
N ALA D 219 -25.97 9.12 -4.25
CA ALA D 219 -27.24 8.84 -3.57
C ALA D 219 -28.20 10.02 -3.70
N LYS D 220 -27.71 11.25 -3.53
CA LYS D 220 -28.58 12.42 -3.58
C LYS D 220 -29.15 12.64 -4.97
N ALA D 221 -28.44 12.20 -6.00
CA ALA D 221 -28.86 12.40 -7.38
C ALA D 221 -29.55 11.18 -7.98
N ILE D 222 -29.81 10.15 -7.17
CA ILE D 222 -30.33 8.89 -7.69
C ILE D 222 -31.65 9.09 -8.42
N GLY D 223 -32.37 10.18 -8.12
CA GLY D 223 -33.65 10.44 -8.76
C GLY D 223 -33.55 10.63 -10.26
N LEU D 224 -32.36 11.01 -10.75
CA LEU D 224 -32.19 11.14 -12.20
C LEU D 224 -32.26 9.78 -12.89
N VAL D 225 -31.97 8.71 -12.17
CA VAL D 225 -32.00 7.37 -12.72
C VAL D 225 -33.24 6.60 -12.26
N ILE D 226 -33.61 6.78 -11.00
CA ILE D 226 -34.78 6.12 -10.42
C ILE D 226 -35.65 7.22 -9.83
N PRO D 227 -36.58 7.78 -10.62
CA PRO D 227 -37.30 8.99 -10.15
C PRO D 227 -38.03 8.82 -8.84
N GLU D 228 -38.59 7.63 -8.59
CA GLU D 228 -39.34 7.43 -7.35
C GLU D 228 -38.45 7.44 -6.12
N LEU D 229 -37.13 7.36 -6.28
CA LEU D 229 -36.21 7.48 -5.15
C LEU D 229 -35.64 8.87 -4.99
N ASN D 230 -36.10 9.84 -5.78
CA ASN D 230 -35.63 11.21 -5.64
C ASN D 230 -35.87 11.68 -4.20
N GLY D 231 -34.83 12.24 -3.59
CA GLY D 231 -34.91 12.77 -2.25
C GLY D 231 -34.86 11.74 -1.14
N LYS D 232 -34.74 10.46 -1.47
CA LYS D 232 -34.85 9.42 -0.46
C LYS D 232 -33.51 8.87 0.03
N LEU D 233 -32.44 9.08 -0.72
CA LEU D 233 -31.13 8.53 -0.37
C LEU D 233 -30.10 9.64 -0.18
N ASP D 234 -29.19 9.44 0.76
CA ASP D 234 -28.03 10.31 0.91
C ASP D 234 -26.83 9.43 1.18
N GLY D 235 -25.64 10.01 1.07
CA GLY D 235 -24.50 9.13 1.24
C GLY D 235 -23.20 9.89 1.37
N ALA D 236 -22.13 9.11 1.53
CA ALA D 236 -20.78 9.64 1.67
C ALA D 236 -19.81 8.51 1.31
N ALA D 237 -18.53 8.83 1.32
CA ALA D 237 -17.50 7.87 0.95
C ALA D 237 -16.40 7.84 2.00
N GLN D 238 -15.73 6.70 2.07
CA GLN D 238 -14.42 6.57 2.72
C GLN D 238 -13.46 6.05 1.65
N ARG D 239 -12.53 6.90 1.22
CA ARG D 239 -11.51 6.49 0.28
C ARG D 239 -10.39 5.79 1.04
N VAL D 240 -9.96 4.63 0.54
CA VAL D 240 -8.98 3.82 1.26
C VAL D 240 -7.87 3.34 0.33
N PRO D 241 -6.74 2.82 0.87
CA PRO D 241 -5.57 2.53 0.00
C PRO D 241 -5.61 1.23 -0.79
N VAL D 242 -6.56 1.14 -1.73
CA VAL D 242 -6.44 0.20 -2.86
C VAL D 242 -6.51 1.03 -4.14
N PRO D 243 -5.79 0.67 -5.20
CA PRO D 243 -5.74 1.53 -6.40
C PRO D 243 -6.92 1.37 -7.34
N THR D 244 -7.71 0.31 -7.21
CA THR D 244 -9.03 0.22 -7.84
C THR D 244 -9.81 -0.85 -7.09
N GLY D 245 -11.13 -0.76 -7.19
CA GLY D 245 -12.02 -1.70 -6.54
C GLY D 245 -12.69 -1.04 -5.35
N SER D 246 -14.02 -1.13 -5.28
CA SER D 246 -14.81 -0.38 -4.32
C SER D 246 -16.03 -1.19 -3.92
N VAL D 247 -16.71 -0.72 -2.87
CA VAL D 247 -17.89 -1.44 -2.39
C VAL D 247 -18.87 -0.42 -1.82
N THR D 248 -20.15 -0.60 -2.11
CA THR D 248 -21.21 0.31 -1.66
C THR D 248 -22.11 -0.40 -0.66
N GLU D 249 -22.23 0.16 0.53
CA GLU D 249 -23.18 -0.31 1.53
C GLU D 249 -24.36 0.65 1.58
N LEU D 250 -25.57 0.10 1.62
CA LEU D 250 -26.79 0.90 1.74
C LEU D 250 -27.58 0.39 2.94
N VAL D 251 -27.91 1.29 3.86
CA VAL D 251 -28.78 0.98 5.00
C VAL D 251 -30.10 1.70 4.76
N ALA D 252 -31.21 0.95 4.75
CA ALA D 252 -32.49 1.51 4.31
C ALA D 252 -33.64 1.05 5.19
N THR D 253 -34.69 1.86 5.23
CA THR D 253 -35.98 1.42 5.72
C THR D 253 -36.87 1.15 4.51
N LEU D 254 -37.71 0.13 4.63
CA LEU D 254 -38.54 -0.33 3.53
C LEU D 254 -40.02 -0.22 3.89
N GLU D 255 -40.86 -0.41 2.88
CA GLU D 255 -42.30 -0.30 3.06
C GLU D 255 -42.93 -1.58 3.57
N LYS D 256 -42.18 -2.67 3.66
CA LYS D 256 -42.72 -3.92 4.21
C LYS D 256 -41.61 -4.69 4.90
N ASP D 257 -42.01 -5.59 5.78
CA ASP D 257 -41.07 -6.44 6.49
C ASP D 257 -40.44 -7.44 5.53
N VAL D 258 -39.15 -7.72 5.74
CA VAL D 258 -38.40 -8.67 4.90
C VAL D 258 -37.52 -9.53 5.79
N THR D 259 -37.05 -10.63 5.22
CA THR D 259 -35.98 -11.45 5.81
C THR D 259 -34.74 -11.37 4.94
N VAL D 260 -33.60 -11.75 5.52
CA VAL D 260 -32.35 -11.80 4.77
C VAL D 260 -32.53 -12.68 3.53
N GLU D 261 -33.19 -13.81 3.68
CA GLU D 261 -33.37 -14.72 2.55
C GLU D 261 -34.18 -14.07 1.45
N GLU D 262 -35.24 -13.34 1.81
CA GLU D 262 -36.06 -12.68 0.80
C GLU D 262 -35.30 -11.56 0.09
N VAL D 263 -34.50 -10.80 0.83
CA VAL D 263 -33.70 -9.75 0.22
C VAL D 263 -32.71 -10.33 -0.77
N ASN D 264 -31.98 -11.37 -0.36
CA ASN D 264 -31.00 -11.98 -1.25
C ASN D 264 -31.68 -12.58 -2.48
N ALA D 265 -32.81 -13.25 -2.28
CA ALA D 265 -33.52 -13.84 -3.43
C ALA D 265 -33.99 -12.76 -4.40
N ALA D 266 -34.39 -11.60 -3.89
CA ALA D 266 -34.81 -10.52 -4.77
C ALA D 266 -33.65 -10.02 -5.61
N MET D 267 -32.45 -9.94 -5.01
CA MET D 267 -31.29 -9.50 -5.78
C MET D 267 -30.91 -10.52 -6.83
N LYS D 268 -30.93 -11.81 -6.48
CA LYS D 268 -30.62 -12.84 -7.46
C LYS D 268 -31.60 -12.80 -8.62
N ALA D 269 -32.89 -12.58 -8.33
CA ALA D 269 -33.88 -12.49 -9.40
C ALA D 269 -33.67 -11.28 -10.30
N ALA D 270 -33.01 -10.23 -9.79
CA ALA D 270 -32.74 -9.03 -10.56
C ALA D 270 -31.43 -9.08 -11.32
N ALA D 271 -30.67 -10.18 -11.22
CA ALA D 271 -29.36 -10.24 -11.84
C ALA D 271 -29.47 -10.25 -13.35
N ASN D 272 -28.53 -9.57 -14.02
CA ASN D 272 -28.47 -9.54 -15.48
C ASN D 272 -27.03 -9.23 -15.88
N ASP D 273 -26.83 -8.80 -17.13
CA ASP D 273 -25.46 -8.57 -17.59
C ASP D 273 -24.79 -7.44 -16.83
N SER D 274 -25.58 -6.51 -16.28
CA SER D 274 -25.05 -5.36 -15.56
C SER D 274 -25.00 -5.56 -14.04
N TYR D 275 -25.87 -6.40 -13.48
CA TYR D 275 -26.00 -6.56 -12.03
C TYR D 275 -25.75 -8.04 -11.74
N GLY D 276 -24.63 -8.33 -11.09
CA GLY D 276 -24.30 -9.70 -10.75
C GLY D 276 -24.70 -10.05 -9.33
N TYR D 277 -24.59 -11.34 -9.01
CA TYR D 277 -24.97 -11.88 -7.72
C TYR D 277 -23.91 -12.89 -7.30
N THR D 278 -23.42 -12.78 -6.06
CA THR D 278 -22.49 -13.78 -5.53
C THR D 278 -22.80 -14.10 -4.08
N GLU D 279 -22.53 -15.34 -3.71
CA GLU D 279 -22.52 -15.77 -2.32
C GLU D 279 -21.13 -16.16 -1.84
N ASP D 280 -20.09 -15.90 -2.65
CA ASP D 280 -18.72 -16.22 -2.24
C ASP D 280 -18.16 -15.08 -1.40
N PRO D 281 -17.42 -15.39 -0.35
CA PRO D 281 -16.86 -14.32 0.51
C PRO D 281 -15.59 -13.71 -0.07
N ILE D 282 -15.78 -12.91 -1.11
CA ILE D 282 -14.69 -12.29 -1.87
C ILE D 282 -14.20 -11.01 -1.19
N VAL D 283 -13.09 -10.49 -1.70
CA VAL D 283 -12.52 -9.22 -1.25
C VAL D 283 -12.28 -8.36 -2.49
N SER D 284 -11.81 -7.12 -2.29
CA SER D 284 -11.85 -6.17 -3.40
C SER D 284 -11.02 -6.61 -4.60
N SER D 285 -9.86 -7.26 -4.39
CA SER D 285 -9.04 -7.64 -5.54
CA SER D 285 -9.04 -7.63 -5.55
C SER D 285 -9.78 -8.59 -6.48
N ASP D 286 -10.75 -9.34 -5.96
CA ASP D 286 -11.50 -10.31 -6.75
C ASP D 286 -12.43 -9.65 -7.75
N ILE D 287 -12.73 -8.36 -7.62
CA ILE D 287 -13.63 -7.69 -8.56
C ILE D 287 -12.90 -6.78 -9.52
N VAL D 288 -11.57 -6.71 -9.45
CA VAL D 288 -10.84 -5.89 -10.41
C VAL D 288 -11.03 -6.46 -11.82
N GLY D 289 -11.44 -5.59 -12.73
CA GLY D 289 -11.58 -5.99 -14.12
C GLY D 289 -12.91 -6.62 -14.51
N ILE D 290 -13.88 -6.68 -13.59
CA ILE D 290 -15.16 -7.33 -13.91
C ILE D 290 -15.99 -6.47 -14.86
N SER D 291 -16.93 -7.12 -15.55
CA SER D 291 -17.81 -6.50 -16.53
CA SER D 291 -17.77 -6.42 -16.50
C SER D 291 -19.16 -6.11 -15.97
N TYR D 292 -19.53 -6.59 -14.78
CA TYR D 292 -20.77 -6.13 -14.16
C TYR D 292 -20.62 -4.67 -13.75
N GLY D 293 -21.70 -3.89 -13.89
CA GLY D 293 -21.69 -2.57 -13.27
C GLY D 293 -21.76 -2.60 -11.76
N SER D 294 -22.24 -3.70 -11.20
CA SER D 294 -22.51 -3.81 -9.77
C SER D 294 -22.62 -5.31 -9.48
N LEU D 295 -22.02 -5.75 -8.38
CA LEU D 295 -22.00 -7.17 -8.01
C LEU D 295 -22.52 -7.33 -6.58
N PHE D 296 -23.77 -7.73 -6.44
CA PHE D 296 -24.38 -7.88 -5.13
C PHE D 296 -23.72 -9.01 -4.36
N ASP D 297 -23.43 -8.76 -3.09
CA ASP D 297 -22.76 -9.73 -2.22
C ASP D 297 -23.72 -10.17 -1.11
N ALA D 298 -24.31 -11.36 -1.30
CA ALA D 298 -25.30 -11.87 -0.35
C ALA D 298 -24.71 -12.16 1.02
N THR D 299 -23.38 -12.32 1.13
CA THR D 299 -22.80 -12.62 2.43
C THR D 299 -22.84 -11.43 3.38
N GLN D 300 -23.08 -10.22 2.88
CA GLN D 300 -23.04 -9.02 3.70
C GLN D 300 -24.42 -8.48 4.06
N THR D 301 -25.49 -9.13 3.63
CA THR D 301 -26.84 -8.64 3.91
C THR D 301 -27.17 -8.75 5.39
N LYS D 302 -27.86 -7.73 5.92
CA LYS D 302 -28.44 -7.77 7.25
C LYS D 302 -29.88 -7.30 7.18
N VAL D 303 -30.74 -7.92 7.98
CA VAL D 303 -32.06 -7.37 8.29
C VAL D 303 -32.17 -7.38 9.81
N GLN D 304 -32.16 -6.20 10.41
CA GLN D 304 -32.19 -6.06 11.87
C GLN D 304 -33.58 -5.66 12.29
N THR D 305 -34.21 -6.49 13.14
CA THR D 305 -35.54 -6.21 13.67
C THR D 305 -35.41 -5.92 15.16
N VAL D 306 -35.82 -4.72 15.56
CA VAL D 306 -35.81 -4.30 16.96
C VAL D 306 -37.17 -3.68 17.27
N ASP D 307 -37.88 -4.27 18.21
CA ASP D 307 -39.23 -3.78 18.58
C ASP D 307 -40.12 -3.65 17.36
N GLY D 308 -40.04 -4.62 16.46
CA GLY D 308 -40.87 -4.66 15.28
C GLY D 308 -40.41 -3.81 14.12
N ASN D 309 -39.38 -2.99 14.27
CA ASN D 309 -38.93 -2.10 13.22
C ASN D 309 -37.66 -2.67 12.60
N GLN D 310 -37.51 -2.46 11.29
CA GLN D 310 -36.41 -3.08 10.55
C GLN D 310 -35.49 -2.05 9.91
N LEU D 311 -34.19 -2.30 10.03
CA LEU D 311 -33.19 -1.66 9.18
C LEU D 311 -32.56 -2.75 8.32
N VAL D 312 -32.43 -2.45 7.02
CA VAL D 312 -31.95 -3.42 6.03
C VAL D 312 -30.63 -2.92 5.46
N LYS D 313 -29.62 -3.78 5.43
CA LYS D 313 -28.33 -3.45 4.87
C LYS D 313 -28.05 -4.35 3.68
N VAL D 314 -27.75 -3.73 2.53
CA VAL D 314 -27.38 -4.43 1.30
C VAL D 314 -26.08 -3.85 0.77
N VAL D 315 -25.25 -4.71 0.18
CA VAL D 315 -23.88 -4.35 -0.18
C VAL D 315 -23.55 -4.88 -1.56
N SER D 316 -22.96 -4.04 -2.41
CA SER D 316 -22.56 -4.45 -3.75
CA SER D 316 -22.56 -4.44 -3.75
C SER D 316 -21.16 -3.96 -4.06
N TRP D 317 -20.38 -4.81 -4.72
CA TRP D 317 -19.04 -4.50 -5.17
C TRP D 317 -19.06 -3.86 -6.55
N TYR D 318 -18.01 -3.10 -6.85
CA TYR D 318 -17.80 -2.62 -8.20
C TYR D 318 -16.34 -2.28 -8.41
N ASP D 319 -15.83 -2.58 -9.60
CA ASP D 319 -14.56 -1.99 -10.00
C ASP D 319 -14.87 -0.60 -10.52
N ASN D 320 -14.58 0.40 -9.71
CA ASN D 320 -14.90 1.78 -10.10
C ASN D 320 -14.29 2.15 -11.44
N GLU D 321 -13.25 1.44 -11.90
CA GLU D 321 -12.76 1.55 -13.27
C GLU D 321 -13.56 0.67 -14.23
N MET D 322 -13.34 -0.65 -14.20
CA MET D 322 -13.86 -1.49 -15.29
C MET D 322 -15.37 -1.68 -15.24
N SER D 323 -15.99 -1.69 -14.06
CA SER D 323 -17.44 -1.83 -13.99
C SER D 323 -18.11 -0.65 -14.66
N TYR D 324 -17.63 0.55 -14.36
CA TYR D 324 -18.19 1.76 -14.94
C TYR D 324 -17.91 1.81 -16.44
N THR D 325 -16.68 1.45 -16.84
CA THR D 325 -16.34 1.42 -18.26
C THR D 325 -17.25 0.46 -19.02
N SER D 326 -17.52 -0.70 -18.43
CA SER D 326 -18.36 -1.69 -19.11
C SER D 326 -19.76 -1.13 -19.34
N GLN D 327 -20.30 -0.42 -18.35
CA GLN D 327 -21.61 0.18 -18.48
C GLN D 327 -21.60 1.28 -19.54
N LEU D 328 -20.54 2.10 -19.58
CA LEU D 328 -20.46 3.16 -20.58
C LEU D 328 -20.44 2.59 -21.99
N VAL D 329 -19.72 1.48 -22.18
CA VAL D 329 -19.60 0.88 -23.50
C VAL D 329 -20.93 0.25 -23.94
N ARG D 330 -21.66 -0.35 -23.00
CA ARG D 330 -23.02 -0.81 -23.30
C ARG D 330 -23.90 0.35 -23.75
N THR D 331 -23.85 1.46 -23.01
CA THR D 331 -24.68 2.61 -23.33
C THR D 331 -24.28 3.25 -24.66
N LEU D 332 -22.98 3.35 -24.95
CA LEU D 332 -22.52 3.89 -26.24
C LEU D 332 -23.11 3.10 -27.41
N GLU D 333 -22.99 1.77 -27.35
CA GLU D 333 -23.48 0.95 -28.45
C GLU D 333 -24.98 1.08 -28.60
N TYR D 334 -25.71 1.02 -27.48
CA TYR D 334 -27.16 1.09 -27.54
C TYR D 334 -27.65 2.43 -28.06
N PHE D 335 -27.08 3.52 -27.53
CA PHE D 335 -27.47 4.86 -27.95
C PHE D 335 -27.20 5.07 -29.44
N ALA D 336 -26.04 4.62 -29.91
CA ALA D 336 -25.71 4.77 -31.32
C ALA D 336 -26.72 4.04 -32.20
N LYS D 337 -27.19 2.88 -31.76
CA LYS D 337 -28.04 2.05 -32.61
C LYS D 337 -29.49 2.53 -32.64
N ILE D 338 -29.99 3.10 -31.55
CA ILE D 338 -31.32 3.68 -31.59
C ILE D 338 -31.32 5.08 -32.18
N ALA D 339 -30.18 5.76 -32.16
CA ALA D 339 -30.09 7.08 -32.76
C ALA D 339 -30.28 7.01 -34.28
N LYS D 340 -29.78 5.95 -34.91
CA LYS D 340 -29.93 5.75 -36.34
C LYS D 340 -31.40 5.62 -36.73
PA NAD E . 5.62 19.35 -3.40
O1A NAD E . 4.79 19.05 -4.62
O2A NAD E . 5.16 18.75 -2.12
O5B NAD E . 5.65 20.95 -3.11
C5B NAD E . 5.72 21.88 -4.18
C4B NAD E . 4.94 23.12 -3.73
O4B NAD E . 5.14 24.10 -4.62
C3B NAD E . 3.43 22.79 -3.72
O3B NAD E . 2.83 23.16 -2.52
C2B NAD E . 2.92 23.57 -4.97
O2B NAD E . 1.50 23.92 -4.81
C1B NAD E . 3.72 24.63 -5.01
N9A NAD E . 3.92 25.26 -6.29
C8A NAD E . 3.99 24.63 -7.49
N7A NAD E . 4.23 25.58 -8.45
C5A NAD E . 4.32 26.76 -7.82
C6A NAD E . 4.55 28.04 -8.29
N6A NAD E . 4.75 28.49 -9.63
N1A NAD E . 4.60 29.07 -7.41
C2A NAD E . 4.41 28.86 -6.08
N3A NAD E . 4.18 27.60 -5.61
C4A NAD E . 4.14 26.56 -6.48
O3 NAD E . 7.11 18.92 -3.71
PN NAD E . 8.31 18.60 -2.70
O1N NAD E . 8.40 17.11 -2.57
O2N NAD E . 8.19 19.41 -1.43
O5D NAD E . 9.61 19.03 -3.56
C5D NAD E . 9.91 20.42 -3.69
C4D NAD E . 11.37 20.60 -4.09
O4D NAD E . 12.14 20.00 -3.18
C3D NAD E . 11.68 19.92 -5.44
O3D NAD E . 12.63 20.62 -6.11
C2D NAD E . 12.25 18.54 -4.94
O2D NAD E . 13.09 17.90 -6.00
C1D NAD E . 12.98 18.86 -3.90
N1N NAD E . 13.19 17.84 -2.90
C2N NAD E . 12.18 16.98 -2.55
C3N NAD E . 12.44 15.99 -1.58
C7N NAD E . 11.35 15.02 -1.18
O7N NAD E . 10.14 15.23 -1.25
N7N NAD E . 11.83 13.78 -0.77
C4N NAD E . 13.69 15.88 -0.99
C5N NAD E . 14.68 16.75 -1.35
C6N NAD E . 14.42 17.76 -2.31
S SO4 F . 11.27 14.69 -6.57
O1 SO4 F . 11.66 13.39 -7.12
O2 SO4 F . 9.82 14.72 -6.48
O3 SO4 F . 11.82 14.81 -5.21
O4 SO4 F . 11.80 15.75 -7.41
PA NAD G . -0.28 -9.58 18.32
O1A NAD G . 0.52 -8.35 17.92
O2A NAD G . -0.19 -10.74 17.38
O5B NAD G . 0.28 -9.97 19.79
C5B NAD G . 0.04 -11.28 20.31
C4B NAD G . 1.27 -11.65 21.15
O4B NAD G . 1.00 -12.74 21.83
C3B NAD G . 2.47 -11.98 20.21
O3B NAD G . 3.61 -11.27 20.57
C2B NAD G . 2.59 -13.52 20.37
O2B NAD G . 3.98 -13.95 20.15
C1B NAD G . 2.19 -13.74 21.59
N9A NAD G . 1.62 -15.03 21.87
C8A NAD G . 0.85 -15.79 21.06
N7A NAD G . 0.51 -16.93 21.72
C5A NAD G . 1.07 -16.87 22.94
C6A NAD G . 1.06 -17.74 24.02
N6A NAD G . 0.42 -19.02 24.15
N1A NAD G . 1.71 -17.41 25.15
C2A NAD G . 2.40 -16.22 25.24
N3A NAD G . 2.42 -15.35 24.17
C4A NAD G . 1.75 -15.69 23.04
O3 NAD G . -1.81 -9.22 18.54
PN NAD G . -2.48 -7.85 19.06
O1N NAD G . -2.92 -7.04 17.85
O2N NAD G . -1.59 -7.13 20.06
O5D NAD G . -3.83 -8.38 19.77
C5D NAD G . -3.72 -9.06 21.02
C4D NAD G . -5.07 -9.02 21.73
O4D NAD G . -5.48 -7.76 21.81
C3D NAD G . -6.15 -9.76 20.93
O3D NAD G . -7.02 -10.33 21.79
C2D NAD G . -6.80 -8.61 20.11
O2D NAD G . -8.16 -9.01 19.63
C1D NAD G . -6.85 -7.63 20.98
N1N NAD G . -6.92 -6.27 20.46
C2N NAD G . -6.18 -5.87 19.36
C3N NAD G . -6.33 -4.54 18.91
C7N NAD G . -5.55 -4.05 17.70
O7N NAD G . -6.01 -3.15 17.04
N7N NAD G . -4.33 -4.66 17.36
C4N NAD G . -7.17 -3.66 19.55
C5N NAD G . -7.87 -4.07 20.65
C6N NAD G . -7.73 -5.39 21.10
S SO4 H . -7.90 -8.70 15.99
O1 SO4 H . -6.62 -9.10 15.41
O2 SO4 H . -8.89 -8.70 14.90
O3 SO4 H . -8.31 -9.62 17.04
O4 SO4 H . -7.77 -7.36 16.54
S SO4 I . 3.50 -18.90 -22.47
O1 SO4 I . 2.98 -19.22 -23.80
O2 SO4 I . 4.34 -20.00 -22.01
O3 SO4 I . 4.30 -17.68 -22.54
O4 SO4 I . 2.38 -18.70 -21.55
S SO4 J . 10.58 -16.56 1.82
O1 SO4 J . 10.82 -17.18 0.52
O2 SO4 J . 9.15 -16.46 2.06
O3 SO4 J . 11.20 -17.35 2.88
O4 SO4 J . 11.16 -15.21 1.82
S SO4 K . 16.79 -16.58 -2.18
O1 SO4 K . 17.64 -17.54 -2.89
O2 SO4 K . 15.43 -16.62 -2.72
O3 SO4 K . 16.78 -16.86 -0.75
O4 SO4 K . 17.29 -15.23 -2.40
S SO4 L . 25.85 -12.97 3.57
O1 SO4 L . 25.30 -12.38 2.36
O2 SO4 L . 26.24 -14.37 3.36
O3 SO4 L . 27.02 -12.20 3.96
O4 SO4 L . 24.82 -12.89 4.59
S SO4 M . 2.95 -20.30 1.63
O1 SO4 M . 3.22 -20.19 0.19
O2 SO4 M . 1.51 -20.54 1.85
O3 SO4 M . 3.36 -19.05 2.28
O4 SO4 M . 3.70 -21.40 2.22
S SO4 N . -12.93 11.46 -8.96
O1 SO4 N . -13.29 12.86 -9.15
O2 SO4 N . -13.66 10.62 -9.90
O3 SO4 N . -13.28 11.07 -7.60
O4 SO4 N . -11.49 11.30 -9.16
S SO4 O . -19.51 10.48 -7.08
O1 SO4 O . -18.72 10.66 -8.30
O2 SO4 O . -20.76 9.81 -7.41
O3 SO4 O . -18.76 9.66 -6.13
O4 SO4 O . -19.79 11.79 -6.51
S SO4 P . -7.67 10.57 -15.60
O1 SO4 P . -8.46 9.35 -15.72
O2 SO4 P . -8.40 11.72 -16.14
O3 SO4 P . -7.38 10.82 -14.18
O4 SO4 P . -6.40 10.43 -16.32
S SO4 Q . -21.86 -9.23 -21.39
O1 SO4 Q . -21.28 -9.81 -22.60
O2 SO4 Q . -23.29 -9.01 -21.62
O3 SO4 Q . -21.67 -10.15 -20.28
O4 SO4 Q . -21.21 -7.96 -21.09
#